data_3QPS
# 
_entry.id   3QPS 
# 
_audit_conform.dict_name       mmcif_pdbx.dic 
_audit_conform.dict_version    5.379 
_audit_conform.dict_location   http://mmcif.pdb.org/dictionaries/ascii/mmcif_pdbx.dic 
# 
loop_
_database_2.database_id 
_database_2.database_code 
_database_2.pdbx_database_accession 
_database_2.pdbx_DOI 
PDB   3QPS         pdb_00003qps 10.2210/pdb3qps/pdb 
RCSB  RCSB063949   ?            ?                   
WWPDB D_1000063949 ?            ?                   
# 
loop_
_pdbx_database_related.db_name 
_pdbx_database_related.db_id 
_pdbx_database_related.details 
_pdbx_database_related.content_type 
PDB 3QQA . unspecified 
PDB 3OQU . unspecified 
# 
_pdbx_database_status.entry_id                        3QPS 
_pdbx_database_status.deposit_site                    RCSB 
_pdbx_database_status.process_site                    RCSB 
_pdbx_database_status.recvd_initial_deposition_date   2011-02-14 
_pdbx_database_status.status_code                     REL 
_pdbx_database_status.status_code_sf                  REL 
_pdbx_database_status.status_code_mr                  ? 
_pdbx_database_status.SG_entry                        ? 
_pdbx_database_status.status_code_cs                  ? 
_pdbx_database_status.methods_development_category    ? 
_pdbx_database_status.pdb_format_compatible           Y 
_pdbx_database_status.status_code_nmr_data            ? 
# 
loop_
_audit_author.name 
_audit_author.pdbx_ordinal 
'Lei, H.T.'   1 
'Routh, M.D.' 2 
'Shen, Z.'    3 
'Su, C.C.'    4 
'Zhang, Q.'   5 
'Yu, E.W.'    6 
# 
_citation.id                        primary 
_citation.title                     'Crystal structures of CmeR-bile acid complexes from Campylobacter jejuni.' 
_citation.journal_abbrev            'Protein Sci.' 
_citation.journal_volume            20 
_citation.page_first                712 
_citation.page_last                 723 
_citation.year                      2011 
_citation.journal_id_ASTM           PRCIEI 
_citation.country                   US 
_citation.journal_id_ISSN           0961-8368 
_citation.journal_id_CSD            0795 
_citation.book_publisher            ? 
_citation.pdbx_database_id_PubMed   21328631 
_citation.pdbx_database_id_DOI      10.1002/pro.602 
# 
loop_
_citation_author.citation_id 
_citation_author.name 
_citation_author.ordinal 
_citation_author.identifier_ORCID 
primary 'Lei, H.T.'   1 ? 
primary 'Shen, Z.'    2 ? 
primary 'Surana, P.'  3 ? 
primary 'Routh, M.D.' 4 ? 
primary 'Su, C.C.'    5 ? 
primary 'Zhang, Q.'   6 ? 
primary 'Yu, E.W.'    7 ? 
# 
_cell.length_a           93.955 
_cell.length_b           37.370 
_cell.length_c           57.792 
_cell.angle_alpha        90.000 
_cell.angle_beta         90.000 
_cell.angle_gamma        90.000 
_cell.entry_id           3QPS 
_cell.pdbx_unique_axis   ? 
_cell.Z_PDB              4 
_cell.length_a_esd       ? 
_cell.length_b_esd       ? 
_cell.length_c_esd       ? 
_cell.angle_alpha_esd    ? 
_cell.angle_beta_esd     ? 
_cell.angle_gamma_esd    ? 
# 
_symmetry.space_group_name_H-M             'P 21 21 2' 
_symmetry.entry_id                         3QPS 
_symmetry.Int_Tables_number                18 
_symmetry.pdbx_full_space_group_name_H-M   ? 
_symmetry.cell_setting                     ? 
_symmetry.space_group_name_Hall            ? 
# 
loop_
_entity.id 
_entity.type 
_entity.src_method 
_entity.pdbx_description 
_entity.formula_weight 
_entity.pdbx_number_of_molecules 
_entity.pdbx_ec 
_entity.pdbx_mutation 
_entity.pdbx_fragment 
_entity.details 
1 polymer     man CmeR          25091.781 1  ? ? ? ? 
2 non-polymer syn 'CHOLIC ACID' 408.571   1  ? ? ? ? 
3 water       nat water         18.015    50 ? ? ? ? 
# 
_entity_name_com.entity_id   1 
_entity_name_com.name        'Transcriptional repressor' 
# 
_entity_poly.entity_id                      1 
_entity_poly.type                           'polypeptide(L)' 
_entity_poly.nstd_linkage                   no 
_entity_poly.nstd_monomer                   no 
_entity_poly.pdbx_seq_one_letter_code       
;HHHHHHMNSNRTPSQKVLARQEKIKAVALELFLTKGYQETSLSDIIKLSGGSYSNIYDGFKSKEGLFFEILDDICKKHFH
LIYSKTQEIKNGTLKEILTSFGLAFIEIFNQPEAVAFGKIIYSQVYDKDRHLANWIENNQQNFSYNILMGFFKQQNNSYM
KKNAEKLAVLFCTMLKEPYHHLNVLINAPLKNKKEQKEHVEFVVNVFLNGINSSKA
;
_entity_poly.pdbx_seq_one_letter_code_can   
;HHHHHHMNSNRTPSQKVLARQEKIKAVALELFLTKGYQETSLSDIIKLSGGSYSNIYDGFKSKEGLFFEILDDICKKHFH
LIYSKTQEIKNGTLKEILTSFGLAFIEIFNQPEAVAFGKIIYSQVYDKDRHLANWIENNQQNFSYNILMGFFKQQNNSYM
KKNAEKLAVLFCTMLKEPYHHLNVLINAPLKNKKEQKEHVEFVVNVFLNGINSSKA
;
_entity_poly.pdbx_strand_id                 A 
_entity_poly.pdbx_target_identifier         ? 
# 
loop_
_entity_poly_seq.entity_id 
_entity_poly_seq.num 
_entity_poly_seq.mon_id 
_entity_poly_seq.hetero 
1 1   HIS n 
1 2   HIS n 
1 3   HIS n 
1 4   HIS n 
1 5   HIS n 
1 6   HIS n 
1 7   MET n 
1 8   ASN n 
1 9   SER n 
1 10  ASN n 
1 11  ARG n 
1 12  THR n 
1 13  PRO n 
1 14  SER n 
1 15  GLN n 
1 16  LYS n 
1 17  VAL n 
1 18  LEU n 
1 19  ALA n 
1 20  ARG n 
1 21  GLN n 
1 22  GLU n 
1 23  LYS n 
1 24  ILE n 
1 25  LYS n 
1 26  ALA n 
1 27  VAL n 
1 28  ALA n 
1 29  LEU n 
1 30  GLU n 
1 31  LEU n 
1 32  PHE n 
1 33  LEU n 
1 34  THR n 
1 35  LYS n 
1 36  GLY n 
1 37  TYR n 
1 38  GLN n 
1 39  GLU n 
1 40  THR n 
1 41  SER n 
1 42  LEU n 
1 43  SER n 
1 44  ASP n 
1 45  ILE n 
1 46  ILE n 
1 47  LYS n 
1 48  LEU n 
1 49  SER n 
1 50  GLY n 
1 51  GLY n 
1 52  SER n 
1 53  TYR n 
1 54  SER n 
1 55  ASN n 
1 56  ILE n 
1 57  TYR n 
1 58  ASP n 
1 59  GLY n 
1 60  PHE n 
1 61  LYS n 
1 62  SER n 
1 63  LYS n 
1 64  GLU n 
1 65  GLY n 
1 66  LEU n 
1 67  PHE n 
1 68  PHE n 
1 69  GLU n 
1 70  ILE n 
1 71  LEU n 
1 72  ASP n 
1 73  ASP n 
1 74  ILE n 
1 75  CYS n 
1 76  LYS n 
1 77  LYS n 
1 78  HIS n 
1 79  PHE n 
1 80  HIS n 
1 81  LEU n 
1 82  ILE n 
1 83  TYR n 
1 84  SER n 
1 85  LYS n 
1 86  THR n 
1 87  GLN n 
1 88  GLU n 
1 89  ILE n 
1 90  LYS n 
1 91  ASN n 
1 92  GLY n 
1 93  THR n 
1 94  LEU n 
1 95  LYS n 
1 96  GLU n 
1 97  ILE n 
1 98  LEU n 
1 99  THR n 
1 100 SER n 
1 101 PHE n 
1 102 GLY n 
1 103 LEU n 
1 104 ALA n 
1 105 PHE n 
1 106 ILE n 
1 107 GLU n 
1 108 ILE n 
1 109 PHE n 
1 110 ASN n 
1 111 GLN n 
1 112 PRO n 
1 113 GLU n 
1 114 ALA n 
1 115 VAL n 
1 116 ALA n 
1 117 PHE n 
1 118 GLY n 
1 119 LYS n 
1 120 ILE n 
1 121 ILE n 
1 122 TYR n 
1 123 SER n 
1 124 GLN n 
1 125 VAL n 
1 126 TYR n 
1 127 ASP n 
1 128 LYS n 
1 129 ASP n 
1 130 ARG n 
1 131 HIS n 
1 132 LEU n 
1 133 ALA n 
1 134 ASN n 
1 135 TRP n 
1 136 ILE n 
1 137 GLU n 
1 138 ASN n 
1 139 ASN n 
1 140 GLN n 
1 141 GLN n 
1 142 ASN n 
1 143 PHE n 
1 144 SER n 
1 145 TYR n 
1 146 ASN n 
1 147 ILE n 
1 148 LEU n 
1 149 MET n 
1 150 GLY n 
1 151 PHE n 
1 152 PHE n 
1 153 LYS n 
1 154 GLN n 
1 155 GLN n 
1 156 ASN n 
1 157 ASN n 
1 158 SER n 
1 159 TYR n 
1 160 MET n 
1 161 LYS n 
1 162 LYS n 
1 163 ASN n 
1 164 ALA n 
1 165 GLU n 
1 166 LYS n 
1 167 LEU n 
1 168 ALA n 
1 169 VAL n 
1 170 LEU n 
1 171 PHE n 
1 172 CYS n 
1 173 THR n 
1 174 MET n 
1 175 LEU n 
1 176 LYS n 
1 177 GLU n 
1 178 PRO n 
1 179 TYR n 
1 180 HIS n 
1 181 HIS n 
1 182 LEU n 
1 183 ASN n 
1 184 VAL n 
1 185 LEU n 
1 186 ILE n 
1 187 ASN n 
1 188 ALA n 
1 189 PRO n 
1 190 LEU n 
1 191 LYS n 
1 192 ASN n 
1 193 LYS n 
1 194 LYS n 
1 195 GLU n 
1 196 GLN n 
1 197 LYS n 
1 198 GLU n 
1 199 HIS n 
1 200 VAL n 
1 201 GLU n 
1 202 PHE n 
1 203 VAL n 
1 204 VAL n 
1 205 ASN n 
1 206 VAL n 
1 207 PHE n 
1 208 LEU n 
1 209 ASN n 
1 210 GLY n 
1 211 ILE n 
1 212 ASN n 
1 213 SER n 
1 214 SER n 
1 215 LYS n 
1 216 ALA n 
# 
_entity_src_gen.entity_id                          1 
_entity_src_gen.pdbx_src_id                        1 
_entity_src_gen.pdbx_alt_source_flag               sample 
_entity_src_gen.pdbx_seq_type                      ? 
_entity_src_gen.pdbx_beg_seq_num                   ? 
_entity_src_gen.pdbx_end_seq_num                   ? 
_entity_src_gen.gene_src_common_name               ? 
_entity_src_gen.gene_src_genus                     ? 
_entity_src_gen.pdbx_gene_src_gene                 'cmeR, CmeR' 
_entity_src_gen.gene_src_species                   ? 
_entity_src_gen.gene_src_strain                    ? 
_entity_src_gen.gene_src_tissue                    ? 
_entity_src_gen.gene_src_tissue_fraction           ? 
_entity_src_gen.gene_src_details                   ? 
_entity_src_gen.pdbx_gene_src_fragment             ? 
_entity_src_gen.pdbx_gene_src_scientific_name      'Campylobacter jejuni' 
_entity_src_gen.pdbx_gene_src_ncbi_taxonomy_id     197 
_entity_src_gen.pdbx_gene_src_variant              ? 
_entity_src_gen.pdbx_gene_src_cell_line            ? 
_entity_src_gen.pdbx_gene_src_atcc                 ? 
_entity_src_gen.pdbx_gene_src_organ                ? 
_entity_src_gen.pdbx_gene_src_organelle            ? 
_entity_src_gen.pdbx_gene_src_cell                 ? 
_entity_src_gen.pdbx_gene_src_cellular_location    ? 
_entity_src_gen.host_org_common_name               ? 
_entity_src_gen.pdbx_host_org_scientific_name      'Escherichia coli' 
_entity_src_gen.pdbx_host_org_ncbi_taxonomy_id     562 
_entity_src_gen.host_org_genus                     ? 
_entity_src_gen.pdbx_host_org_gene                 ? 
_entity_src_gen.pdbx_host_org_organ                ? 
_entity_src_gen.host_org_species                   ? 
_entity_src_gen.pdbx_host_org_tissue               ? 
_entity_src_gen.pdbx_host_org_tissue_fraction      ? 
_entity_src_gen.pdbx_host_org_strain               ? 
_entity_src_gen.pdbx_host_org_variant              ? 
_entity_src_gen.pdbx_host_org_cell_line            ? 
_entity_src_gen.pdbx_host_org_atcc                 ? 
_entity_src_gen.pdbx_host_org_culture_collection   ? 
_entity_src_gen.pdbx_host_org_cell                 ? 
_entity_src_gen.pdbx_host_org_organelle            ? 
_entity_src_gen.pdbx_host_org_cellular_location    ? 
_entity_src_gen.pdbx_host_org_vector_type          ? 
_entity_src_gen.pdbx_host_org_vector               ? 
_entity_src_gen.host_org_details                   ? 
_entity_src_gen.expression_system_id               ? 
_entity_src_gen.plasmid_name                       ? 
_entity_src_gen.plasmid_details                    ? 
_entity_src_gen.pdbx_description                   ? 
# 
_struct_ref.id                         1 
_struct_ref.db_name                    UNP 
_struct_ref.db_code                    Q7B8P6_CAMJE 
_struct_ref.pdbx_db_accession          Q7B8P6 
_struct_ref.entity_id                  1 
_struct_ref.pdbx_seq_one_letter_code   
;MNSNRTPSQKVLARQEKIKAVALELFLTKGYQETSLSDIIKLSGGSYSNIYDGFKSKEGLFFEILDDICKKHFHLIYSKT
QEIKNGTLKEILTSFGLAFIEIFNQPEAVAFGKIIYSQVYDKDRHLANWIENNQQNFSYNILMGFFKQQNNSYMKKNAEK
LAVLFCTMLKEPYHHLNVLINAPLKNKKEQKEHVEFVVNVFLNGINSSKA
;
_struct_ref.pdbx_align_begin           1 
_struct_ref.pdbx_db_isoform            ? 
# 
_struct_ref_seq.align_id                      1 
_struct_ref_seq.ref_id                        1 
_struct_ref_seq.pdbx_PDB_id_code              3QPS 
_struct_ref_seq.pdbx_strand_id                A 
_struct_ref_seq.seq_align_beg                 7 
_struct_ref_seq.pdbx_seq_align_beg_ins_code   ? 
_struct_ref_seq.seq_align_end                 216 
_struct_ref_seq.pdbx_seq_align_end_ins_code   ? 
_struct_ref_seq.pdbx_db_accession             Q7B8P6 
_struct_ref_seq.db_align_beg                  1 
_struct_ref_seq.pdbx_db_align_beg_ins_code    ? 
_struct_ref_seq.db_align_end                  210 
_struct_ref_seq.pdbx_db_align_end_ins_code    ? 
_struct_ref_seq.pdbx_auth_seq_align_beg       1 
_struct_ref_seq.pdbx_auth_seq_align_end       210 
# 
loop_
_struct_ref_seq_dif.align_id 
_struct_ref_seq_dif.pdbx_pdb_id_code 
_struct_ref_seq_dif.mon_id 
_struct_ref_seq_dif.pdbx_pdb_strand_id 
_struct_ref_seq_dif.seq_num 
_struct_ref_seq_dif.pdbx_pdb_ins_code 
_struct_ref_seq_dif.pdbx_seq_db_name 
_struct_ref_seq_dif.pdbx_seq_db_accession_code 
_struct_ref_seq_dif.db_mon_id 
_struct_ref_seq_dif.pdbx_seq_db_seq_num 
_struct_ref_seq_dif.details 
_struct_ref_seq_dif.pdbx_auth_seq_num 
_struct_ref_seq_dif.pdbx_ordinal 
1 3QPS HIS A 1 ? UNP Q7B8P6 ? ? 'expression tag' -5 1 
1 3QPS HIS A 2 ? UNP Q7B8P6 ? ? 'expression tag' -4 2 
1 3QPS HIS A 3 ? UNP Q7B8P6 ? ? 'expression tag' -3 3 
1 3QPS HIS A 4 ? UNP Q7B8P6 ? ? 'expression tag' -2 4 
1 3QPS HIS A 5 ? UNP Q7B8P6 ? ? 'expression tag' -1 5 
1 3QPS HIS A 6 ? UNP Q7B8P6 ? ? 'expression tag' 0  6 
# 
loop_
_chem_comp.id 
_chem_comp.type 
_chem_comp.mon_nstd_flag 
_chem_comp.name 
_chem_comp.pdbx_synonyms 
_chem_comp.formula 
_chem_comp.formula_weight 
ALA 'L-peptide linking' y ALANINE         ? 'C3 H7 N O2'     89.093  
ARG 'L-peptide linking' y ARGININE        ? 'C6 H15 N4 O2 1' 175.209 
ASN 'L-peptide linking' y ASPARAGINE      ? 'C4 H8 N2 O3'    132.118 
ASP 'L-peptide linking' y 'ASPARTIC ACID' ? 'C4 H7 N O4'     133.103 
CHD non-polymer         . 'CHOLIC ACID'   ? 'C24 H40 O5'     408.571 
CYS 'L-peptide linking' y CYSTEINE        ? 'C3 H7 N O2 S'   121.158 
GLN 'L-peptide linking' y GLUTAMINE       ? 'C5 H10 N2 O3'   146.144 
GLU 'L-peptide linking' y 'GLUTAMIC ACID' ? 'C5 H9 N O4'     147.129 
GLY 'peptide linking'   y GLYCINE         ? 'C2 H5 N O2'     75.067  
HIS 'L-peptide linking' y HISTIDINE       ? 'C6 H10 N3 O2 1' 156.162 
HOH non-polymer         . WATER           ? 'H2 O'           18.015  
ILE 'L-peptide linking' y ISOLEUCINE      ? 'C6 H13 N O2'    131.173 
LEU 'L-peptide linking' y LEUCINE         ? 'C6 H13 N O2'    131.173 
LYS 'L-peptide linking' y LYSINE          ? 'C6 H15 N2 O2 1' 147.195 
MET 'L-peptide linking' y METHIONINE      ? 'C5 H11 N O2 S'  149.211 
PHE 'L-peptide linking' y PHENYLALANINE   ? 'C9 H11 N O2'    165.189 
PRO 'L-peptide linking' y PROLINE         ? 'C5 H9 N O2'     115.130 
SER 'L-peptide linking' y SERINE          ? 'C3 H7 N O3'     105.093 
THR 'L-peptide linking' y THREONINE       ? 'C4 H9 N O3'     119.119 
TRP 'L-peptide linking' y TRYPTOPHAN      ? 'C11 H12 N2 O2'  204.225 
TYR 'L-peptide linking' y TYROSINE        ? 'C9 H11 N O3'    181.189 
VAL 'L-peptide linking' y VALINE          ? 'C5 H11 N O2'    117.146 
# 
_exptl.crystals_number   1 
_exptl.entry_id          3QPS 
_exptl.method            'X-RAY DIFFRACTION' 
# 
_exptl_crystal.id                    1 
_exptl_crystal.density_Matthews      2.02 
_exptl_crystal.density_meas          ? 
_exptl_crystal.density_percent_sol   39.16 
_exptl_crystal.description           ? 
_exptl_crystal.F_000                 ? 
_exptl_crystal.preparation           ? 
# 
_exptl_crystal_grow.crystal_id      1 
_exptl_crystal_grow.method          'VAPOR DIFFUSION' 
_exptl_crystal_grow.pH              8.0 
_exptl_crystal_grow.temp            298 
_exptl_crystal_grow.temp_details    ? 
_exptl_crystal_grow.pdbx_details    '30 % PEG 3350, 0.1 M Tris, pH 8.0, 0.16M MgCl2, VAPOR DIFFUSION, temperature 298K' 
_exptl_crystal_grow.pdbx_pH_range   ? 
# 
_diffrn.id                     1 
_diffrn.ambient_temp           100 
_diffrn.ambient_temp_details   ? 
_diffrn.crystal_id             1 
# 
_diffrn_detector.diffrn_id              1 
_diffrn_detector.detector               CCD 
_diffrn_detector.type                   'ADSC QUANTUM 315' 
_diffrn_detector.pdbx_collection_date   2010-11-02 
_diffrn_detector.details                ? 
# 
_diffrn_radiation.diffrn_id                        1 
_diffrn_radiation.wavelength_id                    1 
_diffrn_radiation.pdbx_diffrn_protocol             'SINGLE WAVELENGTH' 
_diffrn_radiation.monochromator                    'double crystal Si(111)' 
_diffrn_radiation.pdbx_monochromatic_or_laue_m_l   M 
_diffrn_radiation.pdbx_scattering_type             x-ray 
# 
_diffrn_radiation_wavelength.id           1 
_diffrn_radiation_wavelength.wavelength   0.9792 
_diffrn_radiation_wavelength.wt           1.0 
# 
_diffrn_source.diffrn_id                   1 
_diffrn_source.source                      SYNCHROTRON 
_diffrn_source.type                        'APS BEAMLINE 24-ID-E' 
_diffrn_source.pdbx_wavelength             ? 
_diffrn_source.pdbx_wavelength_list        0.9792 
_diffrn_source.pdbx_synchrotron_site       APS 
_diffrn_source.pdbx_synchrotron_beamline   24-ID-E 
# 
_reflns.entry_id                     3QPS 
_reflns.d_resolution_high            2.350 
_reflns.d_resolution_low             40.000 
_reflns.number_obs                   16126 
_reflns.pdbx_Rmerge_I_obs            0.063 
_reflns.pdbx_netI_over_sigmaI        11.000 
_reflns.pdbx_chi_squared             1.130 
_reflns.pdbx_redundancy              3.200 
_reflns.percent_possible_obs         98.400 
_reflns.observed_criterion_sigma_F   2 
_reflns.observed_criterion_sigma_I   2 
_reflns.number_all                   ? 
_reflns.pdbx_Rsym_value              ? 
_reflns.B_iso_Wilson_estimate        ? 
_reflns.R_free_details               ? 
_reflns.limit_h_max                  ? 
_reflns.limit_h_min                  ? 
_reflns.limit_k_max                  ? 
_reflns.limit_k_min                  ? 
_reflns.limit_l_max                  ? 
_reflns.limit_l_min                  ? 
_reflns.observed_criterion_F_max     ? 
_reflns.observed_criterion_F_min     ? 
_reflns.pdbx_scaling_rejects         ? 
_reflns.pdbx_ordinal                 1 
_reflns.pdbx_diffrn_id               1 
# 
loop_
_reflns_shell.d_res_high 
_reflns_shell.d_res_low 
_reflns_shell.number_measured_obs 
_reflns_shell.number_measured_all 
_reflns_shell.number_unique_obs 
_reflns_shell.Rmerge_I_obs 
_reflns_shell.meanI_over_sigI_obs 
_reflns_shell.pdbx_Rsym_value 
_reflns_shell.pdbx_chi_squared 
_reflns_shell.pdbx_redundancy 
_reflns_shell.percent_possible_obs 
_reflns_shell.number_unique_all 
_reflns_shell.percent_possible_all 
_reflns_shell.pdbx_ordinal 
_reflns_shell.pdbx_diffrn_id 
2.350 2.430  ? ? ? 0.421 ? ? 0.709 3.200 ? 1618 99.200 1  1 
2.430 2.530  ? ? ? 0.292 ? ? 0.690 3.200 ? 1628 98.800 2  1 
2.530 2.650  ? ? ? 0.234 ? ? 0.762 3.200 ? 1624 99.200 3  1 
2.650 2.790  ? ? ? 0.177 ? ? 0.766 3.200 ? 1595 98.700 4  1 
2.790 2.960  ? ? ? 0.126 ? ? 0.931 3.200 ? 1630 99.100 5  1 
2.960 3.190  ? ? ? 0.089 ? ? 1.179 3.100 ? 1622 99.300 6  1 
3.190 3.510  ? ? ? 0.071 ? ? 1.518 3.100 ? 1632 99.200 7  1 
3.510 4.020  ? ? ? 0.052 ? ? 1.839 3.100 ? 1616 98.400 8  1 
4.020 5.060  ? ? ? 0.036 ? ? 1.642 3.100 ? 1583 96.600 9  1 
5.060 40.000 ? ? ? 0.027 ? ? 1.321 3.300 ? 1578 95.500 10 1 
# 
_refine.entry_id                                 3QPS 
_refine.ls_d_res_high                            2.3510 
_refine.ls_d_res_low                             31.3810 
_refine.pdbx_ls_sigma_F                          0.170 
_refine.pdbx_data_cutoff_high_absF               ? 
_refine.pdbx_data_cutoff_low_absF                ? 
_refine.ls_percent_reflns_obs                    92.6200 
_refine.ls_number_reflns_obs                     8288 
_refine.ls_number_reflns_all                     ? 
_refine.pdbx_ls_cross_valid_method               ? 
_refine.pdbx_R_Free_selection_details            ? 
_refine.details                                  ? 
_refine.ls_R_factor_all                          ? 
_refine.ls_R_factor_obs                          0.2038 
_refine.ls_R_factor_R_work                       0.2007 
_refine.ls_wR_factor_R_work                      ? 
_refine.ls_R_factor_R_free                       0.2633 
_refine.ls_wR_factor_R_free                      ? 
_refine.ls_percent_reflns_R_free                 4.7900 
_refine.ls_number_reflns_R_free                  397 
_refine.ls_R_factor_R_free_error                 ? 
_refine.B_iso_mean                               43.2424 
_refine.solvent_model_param_bsol                 51.4910 
_refine.solvent_model_param_ksol                 0.3630 
_refine.pdbx_isotropic_thermal_model             ? 
_refine.aniso_B[1][1]                            -2.4438 
_refine.aniso_B[2][2]                            1.7024 
_refine.aniso_B[3][3]                            0.7414 
_refine.aniso_B[1][2]                            0.0000 
_refine.aniso_B[1][3]                            0.0000 
_refine.aniso_B[2][3]                            -0.0000 
_refine.correlation_coeff_Fo_to_Fc               ? 
_refine.correlation_coeff_Fo_to_Fc_free          ? 
_refine.overall_SU_R_Cruickshank_DPI             ? 
_refine.overall_SU_R_free                        ? 
_refine.pdbx_overall_ESU_R_Free                  ? 
_refine.overall_SU_ML                            0.3400 
_refine.overall_SU_B                             ? 
_refine.solvent_model_details                    'FLAT BULK SOLVENT MODEL' 
_refine.pdbx_solvent_vdw_probe_radii             1.1100 
_refine.pdbx_solvent_ion_probe_radii             ? 
_refine.pdbx_solvent_shrinkage_radii             0.9000 
_refine.ls_number_parameters                     ? 
_refine.ls_number_restraints                     ? 
_refine.pdbx_starting_model                      'pdb entry 2QCO' 
_refine.pdbx_method_to_determine_struct          'MOLECULAR REPLACEMENT' 
_refine.pdbx_stereochemistry_target_values       ML 
_refine.pdbx_stereochem_target_val_spec_case     ? 
_refine.overall_FOM_work_R_set                   0.8014 
_refine.B_iso_max                                93.480 
_refine.B_iso_min                                15.540 
_refine.occupancy_max                            1.000 
_refine.occupancy_min                            1.000 
_refine.pdbx_ls_sigma_I                          ? 
_refine.ls_redundancy_reflns_obs                 ? 
_refine.ls_R_factor_R_free_error_details         ? 
_refine.pdbx_data_cutoff_high_rms_absF           ? 
_refine.overall_FOM_free_R_set                   ? 
_refine.pdbx_overall_phase_error                 25.90 
_refine.pdbx_refine_id                           'X-RAY DIFFRACTION' 
_refine.pdbx_overall_ESU_R                       ? 
_refine.pdbx_diffrn_id                           1 
_refine.pdbx_TLS_residual_ADP_flag               ? 
_refine.pdbx_overall_SU_R_free_Cruickshank_DPI   ? 
_refine.pdbx_overall_SU_R_Blow_DPI               ? 
_refine.pdbx_overall_SU_R_free_Blow_DPI          ? 
# 
_refine_hist.pdbx_refine_id                   'X-RAY DIFFRACTION' 
_refine_hist.cycle_id                         LAST 
_refine_hist.pdbx_number_atoms_protein        1649 
_refine_hist.pdbx_number_atoms_nucleic_acid   0 
_refine_hist.pdbx_number_atoms_ligand         29 
_refine_hist.number_atoms_solvent             50 
_refine_hist.number_atoms_total               1728 
_refine_hist.d_res_high                       2.3510 
_refine_hist.d_res_low                        31.3810 
# 
loop_
_refine_ls_restr.type 
_refine_ls_restr.number 
_refine_ls_restr.dev_ideal 
_refine_ls_restr.dev_ideal_target 
_refine_ls_restr.weight 
_refine_ls_restr.pdbx_refine_id 
_refine_ls_restr.pdbx_restraint_function 
f_bond_d           1748 0.009  ? ? 'X-RAY DIFFRACTION' ? 
f_angle_d          2366 1.377  ? ? 'X-RAY DIFFRACTION' ? 
f_chiral_restr     269  0.086  ? ? 'X-RAY DIFFRACTION' ? 
f_plane_restr      287  0.004  ? ? 'X-RAY DIFFRACTION' ? 
f_dihedral_angle_d 666  22.357 ? ? 'X-RAY DIFFRACTION' ? 
# 
_struct.entry_id                  3QPS 
_struct.title                     'Crystal structures of CmeR-bile acid complexes from Campylobacter jejuni' 
_struct.pdbx_model_details        ? 
_struct.pdbx_CASP_flag            ? 
_struct.pdbx_model_type_details   ? 
# 
_struct_keywords.entry_id        3QPS 
_struct_keywords.pdbx_keywords   TRANSCRIPTION 
_struct_keywords.text            
'Alpha-helical, Helix-Turn-Helix, DNA-binding, Transcription regulation, Transcription repressor, drug binding, TRANSCRIPTION' 
# 
loop_
_struct_asym.id 
_struct_asym.pdbx_blank_PDB_chainid_flag 
_struct_asym.pdbx_modified 
_struct_asym.entity_id 
_struct_asym.details 
A N N 1 ? 
B N N 2 ? 
C N N 3 ? 
# 
_struct_biol.id        1 
_struct_biol.details   ? 
# 
loop_
_struct_conf.conf_type_id 
_struct_conf.id 
_struct_conf.pdbx_PDB_helix_id 
_struct_conf.beg_label_comp_id 
_struct_conf.beg_label_asym_id 
_struct_conf.beg_label_seq_id 
_struct_conf.pdbx_beg_PDB_ins_code 
_struct_conf.end_label_comp_id 
_struct_conf.end_label_asym_id 
_struct_conf.end_label_seq_id 
_struct_conf.pdbx_end_PDB_ins_code 
_struct_conf.beg_auth_comp_id 
_struct_conf.beg_auth_asym_id 
_struct_conf.beg_auth_seq_id 
_struct_conf.end_auth_comp_id 
_struct_conf.end_auth_asym_id 
_struct_conf.end_auth_seq_id 
_struct_conf.pdbx_PDB_helix_class 
_struct_conf.details 
_struct_conf.pdbx_PDB_helix_length 
HELX_P HELX_P1  1  THR A 12  ? LYS A 35  ? THR A 6   LYS A 29  1 ? 24 
HELX_P HELX_P2  2  SER A 41  ? GLY A 50  ? SER A 35  GLY A 44  1 ? 10 
HELX_P HELX_P3  3  GLY A 51  ? TYR A 53  ? GLY A 45  TYR A 47  5 ? 3  
HELX_P HELX_P4  4  SER A 62  ? GLU A 88  ? SER A 56  GLU A 82  1 ? 27 
HELX_P HELX_P5  5  THR A 93  ? ASN A 110 ? THR A 87  ASN A 104 1 ? 18 
HELX_P HELX_P6  6  GLN A 111 ? GLN A 124 ? GLN A 105 GLN A 118 1 ? 14 
HELX_P HELX_P7  7  ARG A 130 ? ASN A 138 ? ARG A 124 ASN A 132 1 ? 9  
HELX_P HELX_P8  8  ASN A 139 ? PHE A 143 ? ASN A 133 PHE A 137 5 ? 5  
HELX_P HELX_P9  9  SER A 144 ? GLN A 154 ? SER A 138 GLN A 148 1 ? 11 
HELX_P HELX_P10 10 ASN A 157 ? ASN A 163 ? ASN A 151 ASN A 157 1 ? 7  
HELX_P HELX_P11 11 ASN A 163 ? GLU A 177 ? ASN A 157 GLU A 171 1 ? 15 
HELX_P HELX_P12 12 PRO A 178 ? ASN A 187 ? PRO A 172 ASN A 181 1 ? 10 
HELX_P HELX_P13 13 ASN A 192 ? GLY A 210 ? ASN A 186 GLY A 204 1 ? 19 
# 
_struct_conf_type.id          HELX_P 
_struct_conf_type.criteria    ? 
_struct_conf_type.reference   ? 
# 
_struct_mon_prot_cis.pdbx_id                1 
_struct_mon_prot_cis.label_comp_id          GLU 
_struct_mon_prot_cis.label_seq_id           177 
_struct_mon_prot_cis.label_asym_id          A 
_struct_mon_prot_cis.label_alt_id           . 
_struct_mon_prot_cis.pdbx_PDB_ins_code      ? 
_struct_mon_prot_cis.auth_comp_id           GLU 
_struct_mon_prot_cis.auth_seq_id            171 
_struct_mon_prot_cis.auth_asym_id           A 
_struct_mon_prot_cis.pdbx_label_comp_id_2   PRO 
_struct_mon_prot_cis.pdbx_label_seq_id_2    178 
_struct_mon_prot_cis.pdbx_label_asym_id_2   A 
_struct_mon_prot_cis.pdbx_PDB_ins_code_2    ? 
_struct_mon_prot_cis.pdbx_auth_comp_id_2    PRO 
_struct_mon_prot_cis.pdbx_auth_seq_id_2     172 
_struct_mon_prot_cis.pdbx_auth_asym_id_2    A 
_struct_mon_prot_cis.pdbx_PDB_model_num     1 
_struct_mon_prot_cis.pdbx_omega_angle       7.15 
# 
_struct_site.id                   AC1 
_struct_site.pdbx_evidence_code   Software 
_struct_site.pdbx_auth_asym_id    A 
_struct_site.pdbx_auth_comp_id    CHD 
_struct_site.pdbx_auth_seq_id     211 
_struct_site.pdbx_auth_ins_code   ? 
_struct_site.pdbx_num_residues    10 
_struct_site.details              'BINDING SITE FOR RESIDUE CHD A 211' 
# 
loop_
_struct_site_gen.id 
_struct_site_gen.site_id 
_struct_site_gen.pdbx_num_res 
_struct_site_gen.label_comp_id 
_struct_site_gen.label_asym_id 
_struct_site_gen.label_seq_id 
_struct_site_gen.pdbx_auth_ins_code 
_struct_site_gen.auth_comp_id 
_struct_site_gen.auth_asym_id 
_struct_site_gen.auth_seq_id 
_struct_site_gen.label_atom_id 
_struct_site_gen.label_alt_id 
_struct_site_gen.symmetry 
_struct_site_gen.details 
1  AC1 10 LEU A 71  ? LEU A 65  . ? 1_555 ? 
2  AC1 10 ALA A 114 ? ALA A 108 . ? 1_555 ? 
3  AC1 10 GLY A 118 ? GLY A 112 . ? 1_555 ? 
4  AC1 10 TRP A 135 ? TRP A 129 . ? 1_555 ? 
5  AC1 10 PHE A 143 ? PHE A 137 . ? 1_555 ? 
6  AC1 10 CYS A 172 ? CYS A 166 . ? 1_555 ? 
7  AC1 10 HIS A 181 ? HIS A 175 . ? 2_555 ? 
8  AC1 10 HOH C .   ? HOH A 249 . ? 1_555 ? 
9  AC1 10 HOH C .   ? HOH A 253 . ? 1_555 ? 
10 AC1 10 HOH C .   ? HOH A 261 . ? 1_555 ? 
# 
_atom_sites.entry_id                    3QPS 
_atom_sites.fract_transf_matrix[1][1]   0.00278396 
_atom_sites.fract_transf_matrix[1][2]   -0.00754701 
_atom_sites.fract_transf_matrix[1][3]   -0.00696891 
_atom_sites.fract_transf_matrix[2][1]   0.02395917 
_atom_sites.fract_transf_matrix[2][2]   0.01154914 
_atom_sites.fract_transf_matrix[2][3]   -0.00293592 
_atom_sites.fract_transf_matrix[3][1]   0.00623611 
_atom_sites.fract_transf_matrix[3][2]   -0.00964776 
_atom_sites.fract_transf_matrix[3][3]   0.01293930 
_atom_sites.fract_transf_vector[1]      -0.142709 
_atom_sites.fract_transf_vector[2]      0.017588 
_atom_sites.fract_transf_vector[3]      -0.212767 
# 
loop_
_atom_type.symbol 
C 
N 
O 
S 
# 
loop_
_atom_site.group_PDB 
_atom_site.id 
_atom_site.type_symbol 
_atom_site.label_atom_id 
_atom_site.label_alt_id 
_atom_site.label_comp_id 
_atom_site.label_asym_id 
_atom_site.label_entity_id 
_atom_site.label_seq_id 
_atom_site.pdbx_PDB_ins_code 
_atom_site.Cartn_x 
_atom_site.Cartn_y 
_atom_site.Cartn_z 
_atom_site.occupancy 
_atom_site.B_iso_or_equiv 
_atom_site.pdbx_formal_charge 
_atom_site.auth_seq_id 
_atom_site.auth_comp_id 
_atom_site.auth_asym_id 
_atom_site.auth_atom_id 
_atom_site.pdbx_PDB_model_num 
ATOM   1    N N   . THR A 1 12  ? -5.492  11.312  29.632  1.00 37.46 ? 6   THR A N   1 
ATOM   2    C CA  . THR A 1 12  ? -6.570  10.377  29.291  1.00 39.36 ? 6   THR A CA  1 
ATOM   3    C C   . THR A 1 12  ? -6.085  8.926   29.255  1.00 43.13 ? 6   THR A C   1 
ATOM   4    O O   . THR A 1 12  ? -5.066  8.607   28.629  1.00 41.86 ? 6   THR A O   1 
ATOM   5    C CB  . THR A 1 12  ? -7.286  10.752  27.953  1.00 40.76 ? 6   THR A CB  1 
ATOM   6    O OG1 . THR A 1 12  ? -8.488  11.481  28.233  1.00 56.24 ? 6   THR A OG1 1 
ATOM   7    C CG2 . THR A 1 12  ? -7.667  9.534   27.159  1.00 32.89 ? 6   THR A CG2 1 
ATOM   8    N N   . PRO A 1 13  ? -6.825  8.032   29.930  1.00 40.17 ? 7   PRO A N   1 
ATOM   9    C CA  . PRO A 1 13  ? -6.501  6.597   29.849  1.00 39.83 ? 7   PRO A CA  1 
ATOM   10   C C   . PRO A 1 13  ? -6.474  6.071   28.398  1.00 31.98 ? 7   PRO A C   1 
ATOM   11   O O   . PRO A 1 13  ? -5.647  5.231   28.085  1.00 34.68 ? 7   PRO A O   1 
ATOM   12   C CB  . PRO A 1 13  ? -7.619  5.932   30.666  1.00 33.14 ? 7   PRO A CB  1 
ATOM   13   C CG  . PRO A 1 13  ? -8.217  7.056   31.507  1.00 31.40 ? 7   PRO A CG  1 
ATOM   14   C CD  . PRO A 1 13  ? -8.035  8.304   30.724  1.00 29.28 ? 7   PRO A CD  1 
ATOM   15   N N   . SER A 1 14  ? -7.366  6.574   27.546  1.00 32.16 ? 8   SER A N   1 
ATOM   16   C CA  . SER A 1 14  ? -7.450  6.201   26.131  1.00 32.88 ? 8   SER A CA  1 
ATOM   17   C C   . SER A 1 14  ? -6.237  6.643   25.311  1.00 35.20 ? 8   SER A C   1 
ATOM   18   O O   . SER A 1 14  ? -5.836  5.961   24.377  1.00 31.93 ? 8   SER A O   1 
ATOM   19   C CB  . SER A 1 14  ? -8.702  6.814   25.512  1.00 26.19 ? 8   SER A CB  1 
ATOM   20   O OG  . SER A 1 14  ? -9.835  6.031   25.804  1.00 27.15 ? 8   SER A OG  1 
ATOM   21   N N   . GLN A 1 15  ? -5.681  7.803   25.637  1.00 33.55 ? 9   GLN A N   1 
ATOM   22   C CA  . GLN A 1 15  ? -4.450  8.244   25.010  1.00 37.00 ? 9   GLN A CA  1 
ATOM   23   C C   . GLN A 1 15  ? -3.326  7.299   25.380  1.00 33.96 ? 9   GLN A C   1 
ATOM   24   O O   . GLN A 1 15  ? -2.520  6.939   24.533  1.00 37.57 ? 9   GLN A O   1 
ATOM   25   C CB  . GLN A 1 15  ? -4.090  9.659   25.454  1.00 33.42 ? 9   GLN A CB  1 
ATOM   26   C CG  . GLN A 1 15  ? -4.936  10.725  24.802  1.00 37.62 ? 9   GLN A CG  1 
ATOM   27   C CD  . GLN A 1 15  ? -5.123  11.959  25.682  1.00 49.53 ? 9   GLN A CD  1 
ATOM   28   O OE1 . GLN A 1 15  ? -4.511  12.087  26.748  1.00 51.91 ? 9   GLN A OE1 1 
ATOM   29   N NE2 . GLN A 1 15  ? -5.985  12.868  25.240  1.00 55.92 ? 9   GLN A NE2 1 
ATOM   30   N N   . LYS A 1 16  ? -3.268  6.912   26.650  1.00 34.14 ? 10  LYS A N   1 
ATOM   31   C CA  . LYS A 1 16  ? -2.239  5.999   27.124  1.00 28.12 ? 10  LYS A CA  1 
ATOM   32   C C   . LYS A 1 16  ? -2.322  4.644   26.421  1.00 30.95 ? 10  LYS A C   1 
ATOM   33   O O   . LYS A 1 16  ? -1.312  4.099   26.006  1.00 33.78 ? 10  LYS A O   1 
ATOM   34   C CB  . LYS A 1 16  ? -2.313  5.844   28.641  1.00 31.56 ? 10  LYS A CB  1 
ATOM   35   C CG  . LYS A 1 16  ? -1.780  7.050   29.384  1.00 36.52 ? 10  LYS A CG  1 
ATOM   36   C CD  . LYS A 1 16  ? -1.032  6.646   30.635  1.00 41.99 ? 10  LYS A CD  1 
ATOM   37   C CE  . LYS A 1 16  ? -1.832  6.945   31.877  1.00 44.80 ? 10  LYS A CE  1 
ATOM   38   N NZ  . LYS A 1 16  ? -1.896  8.414   32.106  1.00 51.36 ? 10  LYS A NZ  1 
ATOM   39   N N   . VAL A 1 17  ? -3.530  4.111   26.283  1.00 26.76 ? 11  VAL A N   1 
ATOM   40   C CA  . VAL A 1 17  ? -3.740  2.879   25.529  1.00 34.00 ? 11  VAL A CA  1 
ATOM   41   C C   . VAL A 1 17  ? -3.150  2.948   24.113  1.00 31.04 ? 11  VAL A C   1 
ATOM   42   O O   . VAL A 1 17  ? -2.399  2.064   23.699  1.00 29.20 ? 11  VAL A O   1 
ATOM   43   C CB  . VAL A 1 17  ? -5.240  2.535   25.425  1.00 33.56 ? 11  VAL A CB  1 
ATOM   44   C CG1 . VAL A 1 17  ? -5.478  1.496   24.343  1.00 28.49 ? 11  VAL A CG1 1 
ATOM   45   C CG2 . VAL A 1 17  ? -5.786  2.075   26.778  1.00 32.10 ? 11  VAL A CG2 1 
ATOM   46   N N   . LEU A 1 18  ? -3.495  4.007   23.389  1.00 26.18 ? 12  LEU A N   1 
ATOM   47   C CA  . LEU A 1 18  ? -3.031  4.197   22.023  1.00 28.78 ? 12  LEU A CA  1 
ATOM   48   C C   . LEU A 1 18  ? -1.521  4.422   21.959  1.00 29.42 ? 12  LEU A C   1 
ATOM   49   O O   . LEU A 1 18  ? -0.869  3.960   21.031  1.00 32.44 ? 12  LEU A O   1 
ATOM   50   C CB  . LEU A 1 18  ? -3.785  5.348   21.333  1.00 28.95 ? 12  LEU A CB  1 
ATOM   51   C CG  . LEU A 1 18  ? -5.309  5.244   21.178  1.00 28.13 ? 12  LEU A CG  1 
ATOM   52   C CD1 . LEU A 1 18  ? -5.945  6.641   21.002  1.00 28.69 ? 12  LEU A CD1 1 
ATOM   53   C CD2 . LEU A 1 18  ? -5.695  4.333   20.037  1.00 26.77 ? 12  LEU A CD2 1 
ATOM   54   N N   . ALA A 1 19  ? -0.967  5.141   22.931  1.00 30.57 ? 13  ALA A N   1 
ATOM   55   C CA  . ALA A 1 19  ? 0.481   5.299   23.020  1.00 30.03 ? 13  ALA A CA  1 
ATOM   56   C C   . ALA A 1 19  ? 1.170   3.936   23.175  1.00 32.02 ? 13  ALA A C   1 
ATOM   57   O O   . ALA A 1 19  ? 2.177   3.651   22.531  1.00 29.68 ? 13  ALA A O   1 
ATOM   58   C CB  . ALA A 1 19  ? 0.839   6.187   24.189  1.00 29.17 ? 13  ALA A CB  1 
ATOM   59   N N   . ARG A 1 20  ? 0.614   3.104   24.044  1.00 29.16 ? 14  ARG A N   1 
ATOM   60   C CA  . ARG A 1 20  ? 1.175   1.797   24.332  1.00 34.69 ? 14  ARG A CA  1 
ATOM   61   C C   . ARG A 1 20  ? 1.119   0.879   23.089  1.00 36.17 ? 14  ARG A C   1 
ATOM   62   O O   . ARG A 1 20  ? 2.064   0.142   22.791  1.00 34.23 ? 14  ARG A O   1 
ATOM   63   C CB  . ARG A 1 20  ? 0.449   1.213   25.551  1.00 37.92 ? 14  ARG A CB  1 
ATOM   64   C CG  . ARG A 1 20  ? 0.541   -0.297  25.725  1.00 48.14 ? 14  ARG A CG  1 
ATOM   65   C CD  . ARG A 1 20  ? -0.310  -0.775  26.920  1.00 57.73 ? 14  ARG A CD  1 
ATOM   66   N NE  . ARG A 1 20  ? 0.044   -0.063  28.154  1.00 56.76 ? 14  ARG A NE  1 
ATOM   67   C CZ  . ARG A 1 20  ? -0.258  -0.472  29.386  1.00 52.48 ? 14  ARG A CZ  1 
ATOM   68   N NH1 . ARG A 1 20  ? -0.930  -1.604  29.579  1.00 50.41 ? 14  ARG A NH1 1 
ATOM   69   N NH2 . ARG A 1 20  ? 0.116   0.257   30.432  1.00 54.63 ? 14  ARG A NH2 1 
ATOM   70   N N   . GLN A 1 21  ? 0.025   0.955   22.344  1.00 31.08 ? 15  GLN A N   1 
ATOM   71   C CA  . GLN A 1 21  ? -0.088  0.208   21.107  1.00 33.60 ? 15  GLN A CA  1 
ATOM   72   C C   . GLN A 1 21  ? 0.933   0.691   20.104  1.00 35.19 ? 15  GLN A C   1 
ATOM   73   O O   . GLN A 1 21  ? 1.511   -0.108  19.360  1.00 32.98 ? 15  GLN A O   1 
ATOM   74   C CB  . GLN A 1 21  ? -1.474  0.374   20.511  1.00 36.50 ? 15  GLN A CB  1 
ATOM   75   C CG  . GLN A 1 21  ? -2.560  -0.368  21.247  1.00 39.24 ? 15  GLN A CG  1 
ATOM   76   C CD  . GLN A 1 21  ? -3.900  -0.088  20.639  1.00 48.30 ? 15  GLN A CD  1 
ATOM   77   O OE1 . GLN A 1 21  ? -3.990  0.653   19.653  1.00 53.73 ? 15  GLN A OE1 1 
ATOM   78   N NE2 . GLN A 1 21  ? -4.956  -0.668  21.208  1.00 46.06 ? 15  GLN A NE2 1 
ATOM   79   N N   . GLU A 1 22  ? 1.149   2.001   20.068  1.00 26.93 ? 16  GLU A N   1 
ATOM   80   C CA  . GLU A 1 22  ? 2.125   2.558   19.144  1.00 34.77 ? 16  GLU A CA  1 
ATOM   81   C C   . GLU A 1 22  ? 3.559   2.091   19.462  1.00 32.07 ? 16  GLU A C   1 
ATOM   82   O O   . GLU A 1 22  ? 4.380   1.887   18.561  1.00 27.25 ? 16  GLU A O   1 
ATOM   83   C CB  . GLU A 1 22  ? 2.020   4.084   19.100  1.00 26.57 ? 16  GLU A CB  1 
ATOM   84   C CG  . GLU A 1 22  ? 0.735   4.581   18.446  1.00 40.65 ? 16  GLU A CG  1 
ATOM   85   C CD  . GLU A 1 22  ? 0.522   3.989   17.047  1.00 50.07 ? 16  GLU A CD  1 
ATOM   86   O OE1 . GLU A 1 22  ? 1.470   4.037   16.232  1.00 59.65 ? 16  GLU A OE1 1 
ATOM   87   O OE2 . GLU A 1 22  ? -0.584  3.474   16.758  1.00 48.51 ? 16  GLU A OE2 1 
ATOM   88   N N   . LYS A 1 23  ? 3.840   1.926   20.748  1.00 28.83 ? 17  LYS A N   1 
ATOM   89   C CA  . LYS A 1 23  ? 5.099   1.364   21.214  1.00 32.71 ? 17  LYS A CA  1 
ATOM   90   C C   . LYS A 1 23  ? 5.266   -0.088  20.743  1.00 29.46 ? 17  LYS A C   1 
ATOM   91   O O   . LYS A 1 23  ? 6.339   -0.475  20.266  1.00 24.94 ? 17  LYS A O   1 
ATOM   92   C CB  . LYS A 1 23  ? 5.169   1.452   22.744  1.00 32.25 ? 17  LYS A CB  1 
ATOM   93   C CG  . LYS A 1 23  ? 6.328   0.718   23.376  1.00 35.46 ? 17  LYS A CG  1 
ATOM   94   C CD  . LYS A 1 23  ? 7.664   1.186   22.812  1.00 38.32 ? 17  LYS A CD  1 
ATOM   95   C CE  . LYS A 1 23  ? 8.828   0.674   23.668  1.00 39.77 ? 17  LYS A CE  1 
ATOM   96   N NZ  . LYS A 1 23  ? 10.141  1.297   23.268  1.00 42.83 ? 17  LYS A NZ  1 
ATOM   97   N N   . ILE A 1 24  ? 4.217   -0.895  20.874  1.00 28.37 ? 18  ILE A N   1 
ATOM   98   C CA  . ILE A 1 24  ? 4.312   -2.302  20.450  1.00 31.63 ? 18  ILE A CA  1 
ATOM   99   C C   . ILE A 1 24  ? 4.650   -2.412  18.951  1.00 29.97 ? 18  ILE A C   1 
ATOM   100  O O   . ILE A 1 24  ? 5.528   -3.185  18.549  1.00 28.08 ? 18  ILE A O   1 
ATOM   101  C CB  . ILE A 1 24  ? 3.012   -3.109  20.695  1.00 34.25 ? 18  ILE A CB  1 
ATOM   102  C CG1 . ILE A 1 24  ? 2.297   -2.694  21.989  1.00 42.19 ? 18  ILE A CG1 1 
ATOM   103  C CG2 . ILE A 1 24  ? 3.319   -4.607  20.677  1.00 40.42 ? 18  ILE A CG2 1 
ATOM   104  C CD1 . ILE A 1 24  ? 2.892   -3.258  23.238  1.00 42.13 ? 18  ILE A CD1 1 
ATOM   105  N N   . LYS A 1 25  ? 3.942   -1.639  18.138  1.00 26.25 ? 19  LYS A N   1 
ATOM   106  C CA  . LYS A 1 25  ? 4.073   -1.722  16.697  1.00 24.84 ? 19  LYS A CA  1 
ATOM   107  C C   . LYS A 1 25  ? 5.438   -1.242  16.270  1.00 28.83 ? 19  LYS A C   1 
ATOM   108  O O   . LYS A 1 25  ? 6.068   -1.858  15.383  1.00 23.34 ? 19  LYS A O   1 
ATOM   109  C CB  . LYS A 1 25  ? 2.958   -0.939  16.004  1.00 22.55 ? 19  LYS A CB  1 
ATOM   110  C CG  . LYS A 1 25  ? 1.633   -1.668  16.055  1.00 26.39 ? 19  LYS A CG  1 
ATOM   111  C CD  . LYS A 1 25  ? 0.445   -0.755  16.173  1.00 30.57 ? 19  LYS A CD  1 
ATOM   112  C CE  . LYS A 1 25  ? 0.047   -0.152  14.843  1.00 37.40 ? 19  LYS A CE  1 
ATOM   113  N NZ  . LYS A 1 25  ? -1.130  0.773   15.023  1.00 47.51 ? 19  LYS A NZ  1 
ATOM   114  N N   . ALA A 1 26  ? 5.909   -0.166  16.906  1.00 22.92 ? 20  ALA A N   1 
ATOM   115  C CA  . ALA A 1 26  ? 7.235   0.376   16.581  1.00 28.53 ? 20  ALA A CA  1 
ATOM   116  C C   . ALA A 1 26  ? 8.320   -0.673  16.886  1.00 29.83 ? 20  ALA A C   1 
ATOM   117  O O   . ALA A 1 26  ? 9.272   -0.848  16.124  1.00 28.34 ? 20  ALA A O   1 
ATOM   118  C CB  . ALA A 1 26  ? 7.507   1.694   17.339  1.00 15.54 ? 20  ALA A CB  1 
ATOM   119  N N   . VAL A 1 27  ? 8.152   -1.373  18.003  1.00 26.47 ? 21  VAL A N   1 
ATOM   120  C CA  . VAL A 1 27  ? 9.050   -2.448  18.390  1.00 26.81 ? 21  VAL A CA  1 
ATOM   121  C C   . VAL A 1 27  ? 8.976   -3.565  17.360  1.00 26.49 ? 21  VAL A C   1 
ATOM   122  O O   . VAL A 1 27  ? 10.004  -4.013  16.858  1.00 24.11 ? 21  VAL A O   1 
ATOM   123  C CB  . VAL A 1 27  ? 8.721   -2.987  19.818  1.00 28.55 ? 21  VAL A CB  1 
ATOM   124  C CG1 . VAL A 1 27  ? 9.265   -4.390  20.005  1.00 32.02 ? 21  VAL A CG1 1 
ATOM   125  C CG2 . VAL A 1 27  ? 9.299   -2.058  20.880  1.00 25.52 ? 21  VAL A CG2 1 
ATOM   126  N N   . ALA A 1 28  ? 7.750   -3.983  17.040  1.00 21.91 ? 22  ALA A N   1 
ATOM   127  C CA  . ALA A 1 28  ? 7.518   -5.009  16.034  1.00 26.54 ? 22  ALA A CA  1 
ATOM   128  C C   . ALA A 1 28  ? 8.219   -4.676  14.715  1.00 26.36 ? 22  ALA A C   1 
ATOM   129  O O   . ALA A 1 28  ? 8.898   -5.520  14.153  1.00 24.97 ? 22  ALA A O   1 
ATOM   130  C CB  . ALA A 1 28  ? 6.011   -5.265  15.832  1.00 22.65 ? 22  ALA A CB  1 
ATOM   131  N N   . LEU A 1 29  ? 8.088   -3.433  14.259  1.00 25.96 ? 23  LEU A N   1 
ATOM   132  C CA  . LEU A 1 29  ? 8.667   -2.999  12.995  1.00 24.23 ? 23  LEU A CA  1 
ATOM   133  C C   . LEU A 1 29  ? 10.174  -2.935  13.051  1.00 25.53 ? 23  LEU A C   1 
ATOM   134  O O   . LEU A 1 29  ? 10.844  -3.363  12.116  1.00 24.09 ? 23  LEU A O   1 
ATOM   135  C CB  . LEU A 1 29  ? 8.114   -1.630  12.599  1.00 24.85 ? 23  LEU A CB  1 
ATOM   136  C CG  . LEU A 1 29  ? 8.609   -1.065  11.266  1.00 29.03 ? 23  LEU A CG  1 
ATOM   137  C CD1 . LEU A 1 29  ? 8.379   -2.079  10.169  1.00 28.76 ? 23  LEU A CD1 1 
ATOM   138  C CD2 . LEU A 1 29  ? 7.927   0.255   10.917  1.00 34.78 ? 23  LEU A CD2 1 
ATOM   139  N N   . GLU A 1 30  ? 10.711  -2.393  14.142  1.00 23.87 ? 24  GLU A N   1 
ATOM   140  C CA  . GLU A 1 30  ? 12.158  -2.361  14.333  1.00 28.09 ? 24  GLU A CA  1 
ATOM   141  C C   . GLU A 1 30  ? 12.737  -3.773  14.233  1.00 31.16 ? 24  GLU A C   1 
ATOM   142  O O   . GLU A 1 30  ? 13.707  -3.992  13.519  1.00 32.31 ? 24  GLU A O   1 
ATOM   143  C CB  . GLU A 1 30  ? 12.525  -1.760  15.683  1.00 31.08 ? 24  GLU A CB  1 
ATOM   144  C CG  . GLU A 1 30  ? 13.978  -1.308  15.815  1.00 36.04 ? 24  GLU A CG  1 
ATOM   145  C CD  . GLU A 1 30  ? 14.150  -0.270  16.935  1.00 60.86 ? 24  GLU A CD  1 
ATOM   146  O OE1 . GLU A 1 30  ? 14.520  0.897   16.637  1.00 68.53 ? 24  GLU A OE1 1 
ATOM   147  O OE2 . GLU A 1 30  ? 13.879  -0.608  18.114  1.00 61.59 ? 24  GLU A OE2 1 
ATOM   148  N N   . LEU A 1 31  ? 12.139  -4.716  14.964  1.00 31.21 ? 25  LEU A N   1 
ATOM   149  C CA  . LEU A 1 31  ? 12.522  -6.132  14.901  1.00 30.64 ? 25  LEU A CA  1 
ATOM   150  C C   . LEU A 1 31  ? 12.441  -6.675  13.474  1.00 29.13 ? 25  LEU A C   1 
ATOM   151  O O   . LEU A 1 31  ? 13.431  -7.161  12.944  1.00 30.55 ? 25  LEU A O   1 
ATOM   152  C CB  . LEU A 1 31  ? 11.661  -6.979  15.858  1.00 22.21 ? 25  LEU A CB  1 
ATOM   153  C CG  . LEU A 1 31  ? 12.005  -6.854  17.354  1.00 29.52 ? 25  LEU A CG  1 
ATOM   154  C CD1 . LEU A 1 31  ? 10.893  -7.345  18.273  1.00 27.13 ? 25  LEU A CD1 1 
ATOM   155  C CD2 . LEU A 1 31  ? 13.319  -7.573  17.679  1.00 33.48 ? 25  LEU A CD2 1 
ATOM   156  N N   . PHE A 1 32  ? 11.265  -6.564  12.857  1.00 27.55 ? 26  PHE A N   1 
ATOM   157  C CA  . PHE A 1 32  ? 11.057  -7.030  11.490  1.00 28.61 ? 26  PHE A CA  1 
ATOM   158  C C   . PHE A 1 32  ? 12.148  -6.546  10.538  1.00 31.98 ? 26  PHE A C   1 
ATOM   159  O O   . PHE A 1 32  ? 12.610  -7.308  9.686   1.00 31.02 ? 26  PHE A O   1 
ATOM   160  C CB  . PHE A 1 32  ? 9.705   -6.567  10.945  1.00 24.78 ? 26  PHE A CB  1 
ATOM   161  C CG  . PHE A 1 32  ? 8.501   -7.193  11.626  1.00 22.13 ? 26  PHE A CG  1 
ATOM   162  C CD1 . PHE A 1 32  ? 8.633   -8.306  12.435  1.00 23.29 ? 26  PHE A CD1 1 
ATOM   163  C CD2 . PHE A 1 32  ? 7.226   -6.667  11.411  1.00 18.66 ? 26  PHE A CD2 1 
ATOM   164  C CE1 . PHE A 1 32  ? 7.515   -8.873  13.047  1.00 26.12 ? 26  PHE A CE1 1 
ATOM   165  C CE2 . PHE A 1 32  ? 6.109   -7.213  12.006  1.00 19.96 ? 26  PHE A CE2 1 
ATOM   166  C CZ  . PHE A 1 32  ? 6.244   -8.320  12.832  1.00 24.79 ? 26  PHE A CZ  1 
ATOM   167  N N   . LEU A 1 33  ? 12.540  -5.277  10.676  1.00 28.48 ? 27  LEU A N   1 
ATOM   168  C CA  . LEU A 1 33  ? 13.518  -4.639  9.784   1.00 31.60 ? 27  LEU A CA  1 
ATOM   169  C C   . LEU A 1 33  ? 14.936  -5.030  10.132  1.00 35.73 ? 27  LEU A C   1 
ATOM   170  O O   . LEU A 1 33  ? 15.833  -5.037  9.280   1.00 37.09 ? 27  LEU A O   1 
ATOM   171  C CB  . LEU A 1 33  ? 13.457  -3.120  9.919   1.00 32.32 ? 27  LEU A CB  1 
ATOM   172  C CG  . LEU A 1 33  ? 12.647  -2.266  8.973   1.00 31.52 ? 27  LEU A CG  1 
ATOM   173  C CD1 . LEU A 1 33  ? 11.625  -3.097  8.234   1.00 33.66 ? 27  LEU A CD1 1 
ATOM   174  C CD2 . LEU A 1 33  ? 11.993  -1.167  9.806   1.00 30.63 ? 27  LEU A CD2 1 
ATOM   175  N N   . THR A 1 34  ? 15.140  -5.316  11.404  1.00 30.91 ? 28  THR A N   1 
ATOM   176  C CA  . THR A 1 34  ? 16.482  -5.464  11.924  1.00 35.48 ? 28  THR A CA  1 
ATOM   177  C C   . THR A 1 34  ? 16.848  -6.942  12.031  1.00 38.01 ? 28  THR A C   1 
ATOM   178  O O   . THR A 1 34  ? 17.843  -7.388  11.458  1.00 34.16 ? 28  THR A O   1 
ATOM   179  C CB  . THR A 1 34  ? 16.613  -4.725  13.270  1.00 32.01 ? 28  THR A CB  1 
ATOM   180  O OG1 . THR A 1 34  ? 17.911  -4.131  13.366  1.00 47.96 ? 28  THR A OG1 1 
ATOM   181  C CG2 . THR A 1 34  ? 16.350  -5.646  14.456  1.00 32.97 ? 28  THR A CG2 1 
ATOM   182  N N   . LYS A 1 35  ? 16.005  -7.697  12.729  1.00 36.88 ? 29  LYS A N   1 
ATOM   183  C CA  . LYS A 1 35  ? 16.184  -9.131  12.921  1.00 37.45 ? 29  LYS A CA  1 
ATOM   184  C C   . LYS A 1 35  ? 15.626  -9.956  11.742  1.00 38.25 ? 29  LYS A C   1 
ATOM   185  O O   . LYS A 1 35  ? 16.083  -11.065 11.475  1.00 38.16 ? 29  LYS A O   1 
ATOM   186  C CB  . LYS A 1 35  ? 15.491  -9.546  14.221  1.00 38.54 ? 29  LYS A CB  1 
ATOM   187  C CG  . LYS A 1 35  ? 15.499  -11.030 14.493  1.00 37.33 ? 29  LYS A CG  1 
ATOM   188  C CD  . LYS A 1 35  ? 15.358  -11.320 15.977  1.00 35.54 ? 29  LYS A CD  1 
ATOM   189  C CE  . LYS A 1 35  ? 15.817  -12.744 16.278  1.00 34.97 ? 29  LYS A CE  1 
ATOM   190  N NZ  . LYS A 1 35  ? 15.507  -13.171 17.662  1.00 41.53 ? 29  LYS A NZ  1 
ATOM   191  N N   . GLY A 1 36  ? 14.641  -9.403  11.043  1.00 34.35 ? 30  GLY A N   1 
ATOM   192  C CA  . GLY A 1 36  ? 13.942  -10.115 9.990   1.00 32.74 ? 30  GLY A CA  1 
ATOM   193  C C   . GLY A 1 36  ? 12.576  -10.598 10.449  1.00 30.93 ? 30  GLY A C   1 
ATOM   194  O O   . GLY A 1 36  ? 12.398  -11.045 11.585  1.00 30.07 ? 30  GLY A O   1 
ATOM   195  N N   . TYR A 1 37  ? 11.597  -10.499 9.566   1.00 28.19 ? 31  TYR A N   1 
ATOM   196  C CA  . TYR A 1 37  ? 10.248  -10.925 9.911   1.00 27.48 ? 31  TYR A CA  1 
ATOM   197  C C   . TYR A 1 37  ? 10.252  -12.391 10.297  1.00 31.55 ? 31  TYR A C   1 
ATOM   198  O O   . TYR A 1 37  ? 9.633   -12.787 11.286  1.00 31.89 ? 31  TYR A O   1 
ATOM   199  C CB  . TYR A 1 37  ? 9.277   -10.686 8.752   1.00 21.38 ? 31  TYR A CB  1 
ATOM   200  C CG  . TYR A 1 37  ? 7.874   -11.179 9.010   1.00 25.94 ? 31  TYR A CG  1 
ATOM   201  C CD1 . TYR A 1 37  ? 7.013   -10.463 9.846   1.00 26.21 ? 31  TYR A CD1 1 
ATOM   202  C CD2 . TYR A 1 37  ? 7.387   -12.343 8.395   1.00 27.91 ? 31  TYR A CD2 1 
ATOM   203  C CE1 . TYR A 1 37  ? 5.724   -10.895 10.083  1.00 28.89 ? 31  TYR A CE1 1 
ATOM   204  C CE2 . TYR A 1 37  ? 6.088   -12.782 8.618   1.00 28.42 ? 31  TYR A CE2 1 
ATOM   205  C CZ  . TYR A 1 37  ? 5.264   -12.056 9.475   1.00 34.97 ? 31  TYR A CZ  1 
ATOM   206  O OH  . TYR A 1 37  ? 3.975   -12.460 9.729   1.00 39.17 ? 31  TYR A OH  1 
ATOM   207  N N   . GLN A 1 38  ? 10.949  -13.207 9.517   1.00 32.53 ? 32  GLN A N   1 
ATOM   208  C CA  . GLN A 1 38  ? 10.935  -14.641 9.787   1.00 35.47 ? 32  GLN A CA  1 
ATOM   209  C C   . GLN A 1 38  ? 11.631  -15.012 11.109  1.00 36.19 ? 32  GLN A C   1 
ATOM   210  O O   . GLN A 1 38  ? 11.166  -15.897 11.829  1.00 36.04 ? 32  GLN A O   1 
ATOM   211  C CB  . GLN A 1 38  ? 11.467  -15.432 8.587   1.00 32.38 ? 32  GLN A CB  1 
ATOM   212  C CG  . GLN A 1 38  ? 10.469  -15.477 7.396   1.00 30.19 ? 32  GLN A CG  1 
ATOM   213  C CD  . GLN A 1 38  ? 9.097   -16.086 7.779   1.00 41.84 ? 32  GLN A CD  1 
ATOM   214  O OE1 . GLN A 1 38  ? 8.998   -16.906 8.706   1.00 45.33 ? 32  GLN A OE1 1 
ATOM   215  N NE2 . GLN A 1 38  ? 8.037   -15.677 7.068   1.00 36.96 ? 32  GLN A NE2 1 
ATOM   216  N N   . GLU A 1 39  ? 12.705  -14.300 11.439  1.00 34.08 ? 33  GLU A N   1 
ATOM   217  C CA  . GLU A 1 39  ? 13.500  -14.578 12.638  1.00 39.29 ? 33  GLU A CA  1 
ATOM   218  C C   . GLU A 1 39  ? 12.844  -14.112 13.938  1.00 37.41 ? 33  GLU A C   1 
ATOM   219  O O   . GLU A 1 39  ? 13.092  -14.678 14.997  1.00 41.67 ? 33  GLU A O   1 
ATOM   220  C CB  . GLU A 1 39  ? 14.887  -13.933 12.529  1.00 40.22 ? 33  GLU A CB  1 
ATOM   221  C CG  . GLU A 1 39  ? 15.852  -14.666 11.615  1.00 42.89 ? 33  GLU A CG  1 
ATOM   222  C CD  . GLU A 1 39  ? 15.577  -14.409 10.153  1.00 47.88 ? 33  GLU A CD  1 
ATOM   223  O OE1 . GLU A 1 39  ? 14.743  -13.516 9.844   1.00 48.35 ? 33  GLU A OE1 1 
ATOM   224  O OE2 . GLU A 1 39  ? 16.203  -15.095 9.313   1.00 52.34 ? 33  GLU A OE2 1 
ATOM   225  N N   . THR A 1 40  ? 12.027  -13.069 13.845  1.00 33.85 ? 34  THR A N   1 
ATOM   226  C CA  . THR A 1 40  ? 11.376  -12.455 14.994  1.00 34.30 ? 34  THR A CA  1 
ATOM   227  C C   . THR A 1 40  ? 10.157  -13.263 15.421  1.00 30.97 ? 34  THR A C   1 
ATOM   228  O O   . THR A 1 40  ? 9.353   -13.666 14.600  1.00 33.70 ? 34  THR A O   1 
ATOM   229  C CB  . THR A 1 40  ? 10.919  -11.005 14.643  1.00 33.17 ? 34  THR A CB  1 
ATOM   230  O OG1 . THR A 1 40  ? 12.049  -10.226 14.236  1.00 28.41 ? 34  THR A OG1 1 
ATOM   231  C CG2 . THR A 1 40  ? 10.240  -10.330 15.824  1.00 32.68 ? 34  THR A CG2 1 
ATOM   232  N N   . SER A 1 41  ? 10.010  -13.507 16.711  1.00 31.05 ? 35  SER A N   1 
ATOM   233  C CA  . SER A 1 41  ? 8.775   -14.127 17.187  1.00 33.90 ? 35  SER A CA  1 
ATOM   234  C C   . SER A 1 41  ? 7.957   -13.139 18.030  1.00 32.77 ? 35  SER A C   1 
ATOM   235  O O   . SER A 1 41  ? 8.435   -12.058 18.399  1.00 23.87 ? 35  SER A O   1 
ATOM   236  C CB  . SER A 1 41  ? 9.089   -15.351 18.035  1.00 31.11 ? 35  SER A CB  1 
ATOM   237  O OG  . SER A 1 41  ? 9.768   -14.953 19.217  1.00 32.70 ? 35  SER A OG  1 
ATOM   238  N N   . LEU A 1 42  ? 6.728   -13.526 18.347  1.00 26.56 ? 36  LEU A N   1 
ATOM   239  C CA  . LEU A 1 42  ? 5.904   -12.707 19.213  1.00 33.39 ? 36  LEU A CA  1 
ATOM   240  C C   . LEU A 1 42  ? 6.593   -12.406 20.559  1.00 38.98 ? 36  LEU A C   1 
ATOM   241  O O   . LEU A 1 42  ? 6.518   -11.282 21.065  1.00 34.90 ? 36  LEU A O   1 
ATOM   242  C CB  . LEU A 1 42  ? 4.559   -13.377 19.421  1.00 28.19 ? 36  LEU A CB  1 
ATOM   243  C CG  . LEU A 1 42  ? 3.590   -12.594 20.288  1.00 40.70 ? 36  LEU A CG  1 
ATOM   244  C CD1 . LEU A 1 42  ? 3.115   -11.323 19.581  1.00 40.99 ? 36  LEU A CD1 1 
ATOM   245  C CD2 . LEU A 1 42  ? 2.429   -13.497 20.669  1.00 37.15 ? 36  LEU A CD2 1 
ATOM   246  N N   . SER A 1 43  ? 7.288   -13.397 21.116  1.00 34.67 ? 37  SER A N   1 
ATOM   247  C CA  . SER A 1 43  ? 7.944   -13.225 22.417  1.00 40.33 ? 37  SER A CA  1 
ATOM   248  C C   . SER A 1 43  ? 9.113   -12.235 22.384  1.00 34.19 ? 37  SER A C   1 
ATOM   249  O O   . SER A 1 43  ? 9.330   -11.507 23.351  1.00 38.39 ? 37  SER A O   1 
ATOM   250  C CB  . SER A 1 43  ? 8.365   -14.579 23.032  1.00 41.49 ? 37  SER A CB  1 
ATOM   251  O OG  . SER A 1 43  ? 9.476   -15.165 22.365  1.00 42.32 ? 37  SER A OG  1 
ATOM   252  N N   . ASP A 1 44  ? 9.858   -12.205 21.281  1.00 35.33 ? 38  ASP A N   1 
ATOM   253  C CA  . ASP A 1 44  ? 10.880  -11.168 21.082  1.00 38.98 ? 38  ASP A CA  1 
ATOM   254  C C   . ASP A 1 44  ? 10.220  -9.798  21.156  1.00 34.52 ? 38  ASP A C   1 
ATOM   255  O O   . ASP A 1 44  ? 10.762  -8.860  21.730  1.00 38.94 ? 38  ASP A O   1 
ATOM   256  C CB  . ASP A 1 44  ? 11.562  -11.266 19.706  1.00 38.95 ? 38  ASP A CB  1 
ATOM   257  C CG  . ASP A 1 44  ? 11.930  -12.686 19.311  1.00 43.03 ? 38  ASP A CG  1 
ATOM   258  O OD1 . ASP A 1 44  ? 11.390  -13.628 19.921  1.00 42.74 ? 38  ASP A OD1 1 
ATOM   259  O OD2 . ASP A 1 44  ? 12.750  -12.850 18.369  1.00 40.12 ? 38  ASP A OD2 1 
ATOM   260  N N   . ILE A 1 45  ? 9.048   -9.694  20.546  1.00 33.92 ? 39  ILE A N   1 
ATOM   261  C CA  . ILE A 1 45  ? 8.314   -8.442  20.499  1.00 38.41 ? 39  ILE A CA  1 
ATOM   262  C C   . ILE A 1 45  ? 7.810   -8.048  21.888  1.00 41.20 ? 39  ILE A C   1 
ATOM   263  O O   . ILE A 1 45  ? 8.015   -6.919  22.325  1.00 34.37 ? 39  ILE A O   1 
ATOM   264  C CB  . ILE A 1 45  ? 7.143   -8.517  19.504  1.00 33.03 ? 39  ILE A CB  1 
ATOM   265  C CG1 . ILE A 1 45  ? 7.671   -8.703  18.077  1.00 35.57 ? 39  ILE A CG1 1 
ATOM   266  C CG2 . ILE A 1 45  ? 6.303   -7.260  19.577  1.00 27.02 ? 39  ILE A CG2 1 
ATOM   267  C CD1 . ILE A 1 45  ? 6.586   -8.982  17.052  1.00 29.55 ? 39  ILE A CD1 1 
ATOM   268  N N   . ILE A 1 46  ? 7.157   -8.983  22.576  1.00 42.53 ? 40  ILE A N   1 
ATOM   269  C CA  . ILE A 1 46  ? 6.728   -8.767  23.961  1.00 43.82 ? 40  ILE A CA  1 
ATOM   270  C C   . ILE A 1 46  ? 7.882   -8.406  24.919  1.00 43.02 ? 40  ILE A C   1 
ATOM   271  O O   . ILE A 1 46  ? 7.717   -7.571  25.803  1.00 44.82 ? 40  ILE A O   1 
ATOM   272  C CB  . ILE A 1 46  ? 5.933   -9.974  24.510  1.00 44.99 ? 40  ILE A CB  1 
ATOM   273  C CG1 . ILE A 1 46  ? 4.630   -10.145 23.719  1.00 50.38 ? 40  ILE A CG1 1 
ATOM   274  C CG2 . ILE A 1 46  ? 5.631   -9.790  25.990  1.00 48.43 ? 40  ILE A CG2 1 
ATOM   275  C CD1 . ILE A 1 46  ? 3.863   -11.416 24.026  1.00 50.24 ? 40  ILE A CD1 1 
ATOM   276  N N   . LYS A 1 47  ? 9.051   -9.015  24.734  1.00 43.68 ? 41  LYS A N   1 
ATOM   277  C CA  . LYS A 1 47  ? 10.175  -8.753  25.626  1.00 42.07 ? 41  LYS A CA  1 
ATOM   278  C C   . LYS A 1 47  ? 10.645  -7.309  25.517  1.00 43.53 ? 41  LYS A C   1 
ATOM   279  O O   . LYS A 1 47  ? 10.866  -6.656  26.523  1.00 45.15 ? 41  LYS A O   1 
ATOM   280  C CB  . LYS A 1 47  ? 11.344  -9.692  25.335  1.00 49.90 ? 41  LYS A CB  1 
ATOM   281  C CG  . LYS A 1 47  ? 12.411  -9.665  26.423  1.00 52.36 ? 41  LYS A CG  1 
ATOM   282  C CD  . LYS A 1 47  ? 13.789  -10.004 25.863  1.00 56.53 ? 41  LYS A CD  1 
ATOM   283  C CE  . LYS A 1 47  ? 14.801  -10.209 26.979  1.00 55.96 ? 41  LYS A CE  1 
ATOM   284  N NZ  . LYS A 1 47  ? 14.446  -9.393  28.154  1.00 57.06 ? 41  LYS A NZ  1 
ATOM   285  N N   . LEU A 1 48  ? 10.810  -6.824  24.288  1.00 45.47 ? 42  LEU A N   1 
ATOM   286  C CA  . LEU A 1 48  ? 11.202  -5.431  24.052  1.00 43.61 ? 42  LEU A CA  1 
ATOM   287  C C   . LEU A 1 48  ? 10.068  -4.420  24.258  1.00 42.28 ? 42  LEU A C   1 
ATOM   288  O O   . LEU A 1 48  ? 10.316  -3.235  24.473  1.00 42.87 ? 42  LEU A O   1 
ATOM   289  C CB  . LEU A 1 48  ? 11.796  -5.262  22.656  1.00 44.14 ? 42  LEU A CB  1 
ATOM   290  C CG  . LEU A 1 48  ? 13.228  -5.764  22.523  1.00 51.83 ? 42  LEU A CG  1 
ATOM   291  C CD1 . LEU A 1 48  ? 13.248  -7.295  22.409  1.00 54.76 ? 42  LEU A CD1 1 
ATOM   292  C CD2 . LEU A 1 48  ? 13.906  -5.110  21.330  1.00 44.31 ? 42  LEU A CD2 1 
ATOM   293  N N   . SER A 1 49  ? 8.826   -4.882  24.183  1.00 43.54 ? 43  SER A N   1 
ATOM   294  C CA  . SER A 1 49  ? 7.690   -4.024  24.478  1.00 43.92 ? 43  SER A CA  1 
ATOM   295  C C   . SER A 1 49  ? 7.604   -3.756  25.971  1.00 52.28 ? 43  SER A C   1 
ATOM   296  O O   . SER A 1 49  ? 6.973   -2.782  26.399  1.00 53.15 ? 43  SER A O   1 
ATOM   297  C CB  . SER A 1 49  ? 6.406   -4.666  23.988  1.00 44.83 ? 43  SER A CB  1 
ATOM   298  O OG  . SER A 1 49  ? 6.469   -4.822  22.590  1.00 41.83 ? 43  SER A OG  1 
ATOM   299  N N   . GLY A 1 50  ? 8.247   -4.626  26.751  1.00 48.68 ? 44  GLY A N   1 
ATOM   300  C CA  . GLY A 1 50  ? 8.308   -4.503  28.196  1.00 46.88 ? 44  GLY A CA  1 
ATOM   301  C C   . GLY A 1 50  ? 6.945   -4.363  28.841  1.00 60.63 ? 44  GLY A C   1 
ATOM   302  O O   . GLY A 1 50  ? 6.056   -5.188  28.608  1.00 62.77 ? 44  GLY A O   1 
ATOM   303  N N   . GLY A 1 51  ? 6.782   -3.305  29.640  1.00 62.23 ? 45  GLY A N   1 
ATOM   304  C CA  . GLY A 1 51  ? 5.559   -3.052  30.391  1.00 61.76 ? 45  GLY A CA  1 
ATOM   305  C C   . GLY A 1 51  ? 4.549   -2.184  29.658  1.00 72.53 ? 45  GLY A C   1 
ATOM   306  O O   . GLY A 1 51  ? 3.675   -1.559  30.274  1.00 63.12 ? 45  GLY A O   1 
ATOM   307  N N   . SER A 1 52  ? 4.691   -2.135  28.334  1.00 66.89 ? 46  SER A N   1 
ATOM   308  C CA  . SER A 1 52  ? 3.703   -1.527  27.454  1.00 61.64 ? 46  SER A CA  1 
ATOM   309  C C   . SER A 1 52  ? 2.876   -2.663  26.853  1.00 66.74 ? 46  SER A C   1 
ATOM   310  O O   . SER A 1 52  ? 1.859   -2.451  26.194  1.00 63.16 ? 46  SER A O   1 
ATOM   311  C CB  . SER A 1 52  ? 4.394   -0.720  26.359  1.00 54.82 ? 46  SER A CB  1 
ATOM   312  O OG  . SER A 1 52  ? 5.387   0.121   26.918  1.00 58.69 ? 46  SER A OG  1 
ATOM   313  N N   . TYR A 1 53  ? 3.334   -3.884  27.091  1.00 65.55 ? 47  TYR A N   1 
ATOM   314  C CA  . TYR A 1 53  ? 2.593   -5.066  26.701  1.00 69.92 ? 47  TYR A CA  1 
ATOM   315  C C   . TYR A 1 53  ? 2.500   -5.977  27.921  1.00 78.86 ? 47  TYR A C   1 
ATOM   316  O O   . TYR A 1 53  ? 3.498   -6.570  28.346  1.00 77.11 ? 47  TYR A O   1 
ATOM   317  C CB  . TYR A 1 53  ? 3.306   -5.781  25.546  1.00 69.55 ? 47  TYR A CB  1 
ATOM   318  C CG  . TYR A 1 53  ? 2.539   -6.941  24.947  1.00 72.13 ? 47  TYR A CG  1 
ATOM   319  C CD1 . TYR A 1 53  ? 2.071   -6.888  23.640  1.00 75.18 ? 47  TYR A CD1 1 
ATOM   320  C CD2 . TYR A 1 53  ? 2.289   -8.092  25.685  1.00 76.94 ? 47  TYR A CD2 1 
ATOM   321  C CE1 . TYR A 1 53  ? 1.362   -7.948  23.090  1.00 74.93 ? 47  TYR A CE1 1 
ATOM   322  C CE2 . TYR A 1 53  ? 1.584   -9.154  25.144  1.00 76.22 ? 47  TYR A CE2 1 
ATOM   323  C CZ  . TYR A 1 53  ? 1.123   -9.077  23.845  1.00 76.68 ? 47  TYR A CZ  1 
ATOM   324  O OH  . TYR A 1 53  ? 0.422   -10.135 23.299  1.00 80.78 ? 47  TYR A OH  1 
ATOM   325  N N   . SER A 1 54  ? 1.312   -6.053  28.509  1.00 85.06 ? 48  SER A N   1 
ATOM   326  C CA  . SER A 1 54  ? 1.028   -7.063  29.526  1.00 93.33 ? 48  SER A CA  1 
ATOM   327  C C   . SER A 1 54  ? 0.377   -8.221  28.778  1.00 93.48 ? 48  SER A C   1 
ATOM   328  O O   . SER A 1 54  ? 1.041   -9.184  28.368  1.00 92.70 ? 48  SER A O   1 
ATOM   329  C CB  . SER A 1 54  ? 0.083   -6.502  30.599  1.00 87.13 ? 48  SER A CB  1 
ATOM   330  O OG  . SER A 1 54  ? -0.269  -7.485  31.561  1.00 81.19 ? 48  SER A OG  1 
ATOM   331  N N   . ASN A 1 55  ? -0.934  -8.117  28.611  1.00 90.87 ? 49  ASN A N   1 
ATOM   332  C CA  . ASN A 1 55  ? -1.624  -8.827  27.554  1.00 93.30 ? 49  ASN A CA  1 
ATOM   333  C C   . ASN A 1 55  ? -2.309  -7.746  26.738  1.00 86.84 ? 49  ASN A C   1 
ATOM   334  O O   . ASN A 1 55  ? -2.932  -6.845  27.296  1.00 84.48 ? 49  ASN A O   1 
ATOM   335  C CB  . ASN A 1 55  ? -2.638  -9.835  28.107  1.00 92.40 ? 49  ASN A CB  1 
ATOM   336  C CG  . ASN A 1 55  ? -3.890  -9.170  28.657  1.00 91.24 ? 49  ASN A CG  1 
ATOM   337  O OD1 . ASN A 1 55  ? -4.983  -9.326  28.103  1.00 86.22 ? 49  ASN A OD1 1 
ATOM   338  N ND2 . ASN A 1 55  ? -3.738  -8.423  29.750  1.00 91.66 ? 49  ASN A ND2 1 
ATOM   339  N N   . ILE A 1 56  ? -2.155  -7.797  25.424  1.00 87.71 ? 50  ILE A N   1 
ATOM   340  C CA  . ILE A 1 56  ? -2.792  -6.794  24.582  1.00 86.62 ? 50  ILE A CA  1 
ATOM   341  C C   . ILE A 1 56  ? -3.895  -7.465  23.762  1.00 84.67 ? 50  ILE A C   1 
ATOM   342  O O   . ILE A 1 56  ? -3.638  -8.299  22.880  1.00 78.36 ? 50  ILE A O   1 
ATOM   343  C CB  . ILE A 1 56  ? -1.765  -6.019  23.723  1.00 81.29 ? 50  ILE A CB  1 
ATOM   344  C CG1 . ILE A 1 56  ? -0.598  -5.529  24.596  1.00 81.77 ? 50  ILE A CG1 1 
ATOM   345  C CG2 . ILE A 1 56  ? -2.418  -4.838  23.053  1.00 75.40 ? 50  ILE A CG2 1 
ATOM   346  C CD1 . ILE A 1 56  ? -0.936  -4.387  25.552  1.00 73.55 ? 50  ILE A CD1 1 
ATOM   347  N N   . TYR A 1 57  ? -5.128  -7.093  24.094  1.00 84.95 ? 51  TYR A N   1 
ATOM   348  C CA  . TYR A 1 57  ? -6.327  -7.812  23.677  1.00 86.21 ? 51  TYR A CA  1 
ATOM   349  C C   . TYR A 1 57  ? -6.792  -7.364  22.303  1.00 86.64 ? 51  TYR A C   1 
ATOM   350  O O   . TYR A 1 57  ? -7.466  -8.112  21.588  1.00 84.08 ? 51  TYR A O   1 
ATOM   351  C CB  . TYR A 1 57  ? -7.445  -7.556  24.682  1.00 73.16 ? 51  TYR A CB  1 
ATOM   352  C CG  . TYR A 1 57  ? -7.007  -6.715  25.858  1.00 77.08 ? 51  TYR A CG  1 
ATOM   353  C CD1 . TYR A 1 57  ? -6.037  -7.172  26.741  1.00 77.18 ? 51  TYR A CD1 1 
ATOM   354  C CD2 . TYR A 1 57  ? -7.567  -5.458  26.088  1.00 75.57 ? 51  TYR A CD2 1 
ATOM   355  C CE1 . TYR A 1 57  ? -5.630  -6.404  27.820  1.00 75.34 ? 51  TYR A CE1 1 
ATOM   356  C CE2 . TYR A 1 57  ? -7.175  -4.683  27.171  1.00 67.63 ? 51  TYR A CE2 1 
ATOM   357  C CZ  . TYR A 1 57  ? -6.198  -5.159  28.035  1.00 73.49 ? 51  TYR A CZ  1 
ATOM   358  O OH  . TYR A 1 57  ? -5.786  -4.403  29.122  1.00 63.68 ? 51  TYR A OH  1 
ATOM   359  N N   . ASP A 1 58  ? -6.433  -6.133  21.949  1.00 83.11 ? 52  ASP A N   1 
ATOM   360  C CA  . ASP A 1 58  ? -6.847  -5.534  20.682  1.00 84.01 ? 52  ASP A CA  1 
ATOM   361  C C   . ASP A 1 58  ? -6.076  -6.061  19.454  1.00 85.39 ? 52  ASP A C   1 
ATOM   362  O O   . ASP A 1 58  ? -5.444  -5.290  18.718  1.00 81.64 ? 52  ASP A O   1 
ATOM   363  C CB  . ASP A 1 58  ? -6.826  -3.990  20.767  1.00 78.08 ? 52  ASP A CB  1 
ATOM   364  C CG  . ASP A 1 58  ? -5.978  -3.465  21.936  1.00 85.82 ? 52  ASP A CG  1 
ATOM   365  O OD1 . ASP A 1 58  ? -4.890  -4.027  22.192  1.00 84.56 ? 52  ASP A OD1 1 
ATOM   366  O OD2 . ASP A 1 58  ? -6.397  -2.478  22.594  1.00 74.66 ? 52  ASP A OD2 1 
ATOM   367  N N   . GLY A 1 59  ? -6.145  -7.381  19.248  1.00 84.67 ? 53  GLY A N   1 
ATOM   368  C CA  . GLY A 1 59  ? -5.614  -8.032  18.060  1.00 79.53 ? 53  GLY A CA  1 
ATOM   369  C C   . GLY A 1 59  ? -4.104  -8.159  18.056  1.00 78.14 ? 53  GLY A C   1 
ATOM   370  O O   . GLY A 1 59  ? -3.491  -8.496  17.040  1.00 74.58 ? 53  GLY A O   1 
ATOM   371  N N   . PHE A 1 60  ? -3.500  -7.881  19.204  1.00 77.09 ? 54  PHE A N   1 
ATOM   372  C CA  . PHE A 1 60  ? -2.052  -7.916  19.327  1.00 68.59 ? 54  PHE A CA  1 
ATOM   373  C C   . PHE A 1 60  ? -1.588  -9.314  19.705  1.00 66.53 ? 54  PHE A C   1 
ATOM   374  O O   . PHE A 1 60  ? -0.503  -9.481  20.245  1.00 67.58 ? 54  PHE A O   1 
ATOM   375  C CB  . PHE A 1 60  ? -1.596  -6.899  20.377  1.00 72.46 ? 54  PHE A CB  1 
ATOM   376  C CG  . PHE A 1 60  ? -1.563  -5.477  19.871  1.00 73.20 ? 54  PHE A CG  1 
ATOM   377  C CD1 . PHE A 1 60  ? -2.581  -4.987  19.061  1.00 75.84 ? 54  PHE A CD1 1 
ATOM   378  C CD2 . PHE A 1 60  ? -0.517  -4.629  20.211  1.00 62.90 ? 54  PHE A CD2 1 
ATOM   379  C CE1 . PHE A 1 60  ? -2.550  -3.681  18.588  1.00 68.18 ? 54  PHE A CE1 1 
ATOM   380  C CE2 . PHE A 1 60  ? -0.479  -3.324  19.744  1.00 53.42 ? 54  PHE A CE2 1 
ATOM   381  C CZ  . PHE A 1 60  ? -1.495  -2.850  18.929  1.00 57.40 ? 54  PHE A CZ  1 
ATOM   382  N N   . LYS A 1 61  ? -2.413  -10.312 19.396  1.00 73.34 ? 55  LYS A N   1 
ATOM   383  C CA  . LYS A 1 61  ? -2.196  -11.698 19.824  1.00 69.78 ? 55  LYS A CA  1 
ATOM   384  C C   . LYS A 1 61  ? -1.192  -12.497 18.989  1.00 63.49 ? 55  LYS A C   1 
ATOM   385  O O   . LYS A 1 61  ? -1.052  -13.707 19.193  1.00 57.27 ? 55  LYS A O   1 
ATOM   386  C CB  . LYS A 1 61  ? -3.524  -12.463 19.825  1.00 68.69 ? 55  LYS A CB  1 
ATOM   387  C CG  . LYS A 1 61  ? -4.532  -11.969 20.831  1.00 74.27 ? 55  LYS A CG  1 
ATOM   388  C CD  . LYS A 1 61  ? -5.937  -12.360 20.407  1.00 71.95 ? 55  LYS A CD  1 
ATOM   389  C CE  . LYS A 1 61  ? -6.913  -12.153 21.552  1.00 81.55 ? 55  LYS A CE  1 
ATOM   390  N NZ  . LYS A 1 61  ? -6.744  -10.811 22.191  1.00 76.85 ? 55  LYS A NZ  1 
ATOM   391  N N   . SER A 1 62  ? -0.512  -11.844 18.045  1.00 57.76 ? 56  SER A N   1 
ATOM   392  C CA  . SER A 1 62  ? 0.458   -12.550 17.205  1.00 52.09 ? 56  SER A CA  1 
ATOM   393  C C   . SER A 1 62  ? 1.310   -11.639 16.330  1.00 44.75 ? 56  SER A C   1 
ATOM   394  O O   . SER A 1 62  ? 0.955   -10.490 16.042  1.00 47.47 ? 56  SER A O   1 
ATOM   395  C CB  . SER A 1 62  ? -0.231  -13.602 16.323  1.00 49.92 ? 56  SER A CB  1 
ATOM   396  O OG  . SER A 1 62  ? -0.843  -13.022 15.180  1.00 45.19 ? 56  SER A OG  1 
ATOM   397  N N   . LYS A 1 63  ? 2.441   -12.182 15.906  1.00 36.82 ? 57  LYS A N   1 
ATOM   398  C CA  . LYS A 1 63  ? 3.356   -11.474 15.042  1.00 37.30 ? 57  LYS A CA  1 
ATOM   399  C C   . LYS A 1 63  ? 2.648   -11.038 13.768  1.00 36.65 ? 57  LYS A C   1 
ATOM   400  O O   . LYS A 1 63  ? 2.849   -9.917  13.299  1.00 32.38 ? 57  LYS A O   1 
ATOM   401  C CB  . LYS A 1 63  ? 4.524   -12.387 14.695  1.00 37.19 ? 57  LYS A CB  1 
ATOM   402  C CG  . LYS A 1 63  ? 5.809   -11.660 14.423  1.00 32.72 ? 57  LYS A CG  1 
ATOM   403  C CD  . LYS A 1 63  ? 6.841   -12.634 13.867  1.00 41.66 ? 57  LYS A CD  1 
ATOM   404  C CE  . LYS A 1 63  ? 6.288   -13.474 12.716  1.00 38.24 ? 57  LYS A CE  1 
ATOM   405  N NZ  . LYS A 1 63  ? 7.363   -14.335 12.163  1.00 30.44 ? 57  LYS A NZ  1 
ATOM   406  N N   . GLU A 1 64  ? 1.822   -11.932 13.220  1.00 34.83 ? 58  GLU A N   1 
ATOM   407  C CA  . GLU A 1 64  ? 1.113   -11.689 11.966  1.00 35.85 ? 58  GLU A CA  1 
ATOM   408  C C   . GLU A 1 64  ? 0.151   -10.513 12.086  1.00 32.38 ? 58  GLU A C   1 
ATOM   409  O O   . GLU A 1 64  ? 0.091   -9.645  11.204  1.00 30.77 ? 58  GLU A O   1 
ATOM   410  C CB  . GLU A 1 64  ? 0.353   -12.946 11.503  1.00 44.49 ? 58  GLU A CB  1 
ATOM   411  C CG  . GLU A 1 64  ? 1.226   -14.114 11.001  1.00 36.90 ? 58  GLU A CG  1 
ATOM   412  C CD  . GLU A 1 64  ? 2.165   -14.687 12.082  1.00 47.20 ? 58  GLU A CD  1 
ATOM   413  O OE1 . GLU A 1 64  ? 1.793   -14.689 13.286  1.00 41.87 ? 58  GLU A OE1 1 
ATOM   414  O OE2 . GLU A 1 64  ? 3.288   -15.133 11.726  1.00 42.85 ? 58  GLU A OE2 1 
ATOM   415  N N   . GLY A 1 65  ? -0.600  -10.496 13.180  1.00 32.61 ? 59  GLY A N   1 
ATOM   416  C CA  . GLY A 1 65  ? -1.553  -9.440  13.446  1.00 33.17 ? 59  GLY A CA  1 
ATOM   417  C C   . GLY A 1 65  ? -0.880  -8.107  13.656  1.00 31.53 ? 59  GLY A C   1 
ATOM   418  O O   . GLY A 1 65  ? -1.383  -7.096  13.195  1.00 28.76 ? 59  GLY A O   1 
ATOM   419  N N   . LEU A 1 66  ? 0.259   -8.103  14.345  1.00 30.38 ? 60  LEU A N   1 
ATOM   420  C CA  . LEU A 1 66  ? 1.007   -6.866  14.527  1.00 27.30 ? 60  LEU A CA  1 
ATOM   421  C C   . LEU A 1 66  ? 1.399   -6.343  13.163  1.00 31.79 ? 60  LEU A C   1 
ATOM   422  O O   . LEU A 1 66  ? 1.196   -5.165  12.851  1.00 35.23 ? 60  LEU A O   1 
ATOM   423  C CB  . LEU A 1 66  ? 2.253   -7.071  15.409  1.00 24.90 ? 60  LEU A CB  1 
ATOM   424  C CG  . LEU A 1 66  ? 1.952   -7.125  16.915  1.00 38.35 ? 60  LEU A CG  1 
ATOM   425  C CD1 . LEU A 1 66  ? 3.183   -7.485  17.792  1.00 26.00 ? 60  LEU A CD1 1 
ATOM   426  C CD2 . LEU A 1 66  ? 1.324   -5.795  17.351  1.00 35.04 ? 60  LEU A CD2 1 
ATOM   427  N N   . PHE A 1 67  ? 1.959   -7.219  12.334  1.00 27.02 ? 61  PHE A N   1 
ATOM   428  C CA  . PHE A 1 67  ? 2.310   -6.788  11.003  1.00 26.48 ? 61  PHE A CA  1 
ATOM   429  C C   . PHE A 1 67  ? 1.106   -6.146  10.288  1.00 23.32 ? 61  PHE A C   1 
ATOM   430  O O   . PHE A 1 67  ? 1.230   -5.083  9.680   1.00 25.55 ? 61  PHE A O   1 
ATOM   431  C CB  . PHE A 1 67  ? 2.945   -7.915  10.171  1.00 23.09 ? 61  PHE A CB  1 
ATOM   432  C CG  . PHE A 1 67  ? 3.082   -7.575  8.719   1.00 22.12 ? 61  PHE A CG  1 
ATOM   433  C CD1 . PHE A 1 67  ? 4.081   -6.710  8.287   1.00 23.04 ? 61  PHE A CD1 1 
ATOM   434  C CD2 . PHE A 1 67  ? 2.180   -8.086  7.785   1.00 23.76 ? 61  PHE A CD2 1 
ATOM   435  C CE1 . PHE A 1 67  ? 4.202   -6.364  6.952   1.00 29.78 ? 61  PHE A CE1 1 
ATOM   436  C CE2 . PHE A 1 67  ? 2.294   -7.757  6.443   1.00 29.37 ? 61  PHE A CE2 1 
ATOM   437  C CZ  . PHE A 1 67  ? 3.314   -6.895  6.019   1.00 30.21 ? 61  PHE A CZ  1 
ATOM   438  N N   . PHE A 1 68  ? -0.057  -6.769  10.359  1.00 23.07 ? 62  PHE A N   1 
ATOM   439  C CA  . PHE A 1 68  ? -1.181  -6.254  9.584   1.00 31.68 ? 62  PHE A CA  1 
ATOM   440  C C   . PHE A 1 68  ? -1.801  -4.981  10.190  1.00 31.80 ? 62  PHE A C   1 
ATOM   441  O O   . PHE A 1 68  ? -2.404  -4.177  9.477   1.00 29.32 ? 62  PHE A O   1 
ATOM   442  C CB  . PHE A 1 68  ? -2.203  -7.353  9.254   1.00 28.24 ? 62  PHE A CB  1 
ATOM   443  C CG  . PHE A 1 68  ? -1.753  -8.267  8.133   1.00 29.96 ? 62  PHE A CG  1 
ATOM   444  C CD1 . PHE A 1 68  ? -1.437  -9.602  8.380   1.00 31.79 ? 62  PHE A CD1 1 
ATOM   445  C CD2 . PHE A 1 68  ? -1.613  -7.776  6.832   1.00 30.24 ? 62  PHE A CD2 1 
ATOM   446  C CE1 . PHE A 1 68  ? -1.014  -10.436 7.348   1.00 25.62 ? 62  PHE A CE1 1 
ATOM   447  C CE2 . PHE A 1 68  ? -1.185  -8.597  5.803   1.00 28.48 ? 62  PHE A CE2 1 
ATOM   448  C CZ  . PHE A 1 68  ? -0.888  -9.929  6.062   1.00 30.04 ? 62  PHE A CZ  1 
ATOM   449  N N   . GLU A 1 69  ? -1.588  -4.786  11.487  1.00 29.69 ? 63  GLU A N   1 
ATOM   450  C CA  . GLU A 1 69  ? -1.886  -3.512  12.138  1.00 37.39 ? 63  GLU A CA  1 
ATOM   451  C C   . GLU A 1 69  ? -1.007  -2.409  11.565  1.00 33.47 ? 63  GLU A C   1 
ATOM   452  O O   . GLU A 1 69  ? -1.460  -1.285  11.353  1.00 33.42 ? 63  GLU A O   1 
ATOM   453  C CB  . GLU A 1 69  ? -1.651  -3.594  13.661  1.00 39.24 ? 63  GLU A CB  1 
ATOM   454  C CG  . GLU A 1 69  ? -2.724  -4.336  14.453  1.00 44.79 ? 63  GLU A CG  1 
ATOM   455  C CD  . GLU A 1 69  ? -4.071  -3.631  14.411  1.00 54.66 ? 63  GLU A CD  1 
ATOM   456  O OE1 . GLU A 1 69  ? -4.174  -2.501  14.948  1.00 63.13 ? 63  GLU A OE1 1 
ATOM   457  O OE2 . GLU A 1 69  ? -5.025  -4.210  13.835  1.00 57.69 ? 63  GLU A OE2 1 
ATOM   458  N N   . ILE A 1 70  ? 0.264   -2.723  11.353  1.00 27.73 ? 64  ILE A N   1 
ATOM   459  C CA  . ILE A 1 70  ? 1.202   -1.735  10.846  1.00 27.02 ? 64  ILE A CA  1 
ATOM   460  C C   . ILE A 1 70  ? 0.824   -1.412  9.402   1.00 34.63 ? 64  ILE A C   1 
ATOM   461  O O   . ILE A 1 70  ? 0.817   -0.242  8.987   1.00 31.81 ? 64  ILE A O   1 
ATOM   462  C CB  . ILE A 1 70  ? 2.650   -2.249  10.945  1.00 28.17 ? 64  ILE A CB  1 
ATOM   463  C CG1 . ILE A 1 70  ? 3.070   -2.429  12.416  1.00 28.82 ? 64  ILE A CG1 1 
ATOM   464  C CG2 . ILE A 1 70  ? 3.610   -1.339  10.204  1.00 29.53 ? 64  ILE A CG2 1 
ATOM   465  C CD1 . ILE A 1 70  ? 4.408   -3.191  12.601  1.00 24.46 ? 64  ILE A CD1 1 
ATOM   466  N N   . LEU A 1 71  ? 0.473   -2.458  8.656   1.00 30.80 ? 65  LEU A N   1 
ATOM   467  C CA  . LEU A 1 71  ? 0.072   -2.320  7.258   1.00 35.48 ? 65  LEU A CA  1 
ATOM   468  C C   . LEU A 1 71  ? -1.203  -1.476  7.106   1.00 34.61 ? 65  LEU A C   1 
ATOM   469  O O   . LEU A 1 71  ? -1.321  -0.676  6.176   1.00 31.26 ? 65  LEU A O   1 
ATOM   470  C CB  . LEU A 1 71  ? -0.125  -3.700  6.630   1.00 35.93 ? 65  LEU A CB  1 
ATOM   471  C CG  . LEU A 1 71  ? -0.016  -3.738  5.103   1.00 43.44 ? 65  LEU A CG  1 
ATOM   472  C CD1 . LEU A 1 71  ? 1.401   -3.314  4.661   1.00 40.30 ? 65  LEU A CD1 1 
ATOM   473  C CD2 . LEU A 1 71  ? -0.368  -5.127  4.592   1.00 35.28 ? 65  LEU A CD2 1 
ATOM   474  N N   . ASP A 1 72  ? -2.151  -1.671  8.018   1.00 32.46 ? 66  ASP A N   1 
ATOM   475  C CA  . ASP A 1 72  ? -3.306  -0.776  8.132   1.00 36.69 ? 66  ASP A CA  1 
ATOM   476  C C   . ASP A 1 72  ? -2.914  0.698   8.122   1.00 34.83 ? 66  ASP A C   1 
ATOM   477  O O   . ASP A 1 72  ? -3.394  1.469   7.296   1.00 39.26 ? 66  ASP A O   1 
ATOM   478  C CB  . ASP A 1 72  ? -4.083  -1.078  9.404   1.00 31.53 ? 66  ASP A CB  1 
ATOM   479  C CG  . ASP A 1 72  ? -5.007  -2.238  9.239   1.00 33.68 ? 66  ASP A CG  1 
ATOM   480  O OD1 . ASP A 1 72  ? -5.423  -2.478  8.091   1.00 41.68 ? 66  ASP A OD1 1 
ATOM   481  O OD2 . ASP A 1 72  ? -5.311  -2.919  10.242  1.00 38.97 ? 66  ASP A OD2 1 
ATOM   482  N N   . ASP A 1 73  ? -2.031  1.088   9.035   1.00 29.79 ? 67  ASP A N   1 
ATOM   483  C CA  . ASP A 1 73  ? -1.572  2.475   9.077   1.00 38.69 ? 67  ASP A CA  1 
ATOM   484  C C   . ASP A 1 73  ? -0.966  2.947   7.760   1.00 38.73 ? 67  ASP A C   1 
ATOM   485  O O   . ASP A 1 73  ? -1.309  4.016   7.251   1.00 36.68 ? 67  ASP A O   1 
ATOM   486  C CB  . ASP A 1 73  ? -0.547  2.674   10.179  1.00 38.23 ? 67  ASP A CB  1 
ATOM   487  C CG  . ASP A 1 73  ? -1.100  2.390   11.541  1.00 38.85 ? 67  ASP A CG  1 
ATOM   488  O OD1 . ASP A 1 73  ? -2.339  2.304   11.673  1.00 33.26 ? 67  ASP A OD1 1 
ATOM   489  O OD2 . ASP A 1 73  ? -0.281  2.240   12.478  1.00 47.58 ? 67  ASP A OD2 1 
ATOM   490  N N   . ILE A 1 74  ? -0.051  2.144   7.223   1.00 40.75 ? 68  ILE A N   1 
ATOM   491  C CA  . ILE A 1 74  ? 0.678   2.504   6.013   1.00 37.09 ? 68  ILE A CA  1 
ATOM   492  C C   . ILE A 1 74  ? -0.304  2.670   4.866   1.00 40.63 ? 68  ILE A C   1 
ATOM   493  O O   . ILE A 1 74  ? -0.245  3.650   4.112   1.00 39.67 ? 68  ILE A O   1 
ATOM   494  C CB  . ILE A 1 74  ? 1.735   1.438   5.674   1.00 39.47 ? 68  ILE A CB  1 
ATOM   495  C CG1 . ILE A 1 74  ? 2.958   1.602   6.579   1.00 34.93 ? 68  ILE A CG1 1 
ATOM   496  C CG2 . ILE A 1 74  ? 2.151   1.534   4.218   1.00 39.55 ? 68  ILE A CG2 1 
ATOM   497  C CD1 . ILE A 1 74  ? 3.659   0.319   6.842   1.00 38.64 ? 68  ILE A CD1 1 
ATOM   498  N N   . CYS A 1 75  ? -1.224  1.724   4.732   1.00 36.78 ? 69  CYS A N   1 
ATOM   499  C CA  . CYS A 1 75  ? -2.220  1.826   3.700   1.00 40.63 ? 69  CYS A CA  1 
ATOM   500  C C   . CYS A 1 75  ? -2.997  3.114   3.867   1.00 46.14 ? 69  CYS A C   1 
ATOM   501  O O   . CYS A 1 75  ? -3.198  3.804   2.904   1.00 35.62 ? 69  CYS A O   1 
ATOM   502  C CB  . CYS A 1 75  ? -3.168  0.613   3.630   1.00 41.42 ? 69  CYS A CB  1 
ATOM   503  S SG  . CYS A 1 75  ? -4.011  0.237   1.997   1.00 61.29 ? 69  CYS A SG  1 
ATOM   504  N N   . LYS A 1 76  ? -3.419  3.430   5.088   1.00 41.61 ? 70  LYS A N   1 
ATOM   505  C CA  . LYS A 1 76  ? -4.212  4.630   5.326   1.00 42.83 ? 70  LYS A CA  1 
ATOM   506  C C   . LYS A 1 76  ? -3.479  5.930   4.955   1.00 43.84 ? 70  LYS A C   1 
ATOM   507  O O   . LYS A 1 76  ? -4.080  6.846   4.400   1.00 45.68 ? 70  LYS A O   1 
ATOM   508  C CB  . LYS A 1 76  ? -4.679  4.674   6.776   1.00 46.18 ? 70  LYS A CB  1 
ATOM   509  C CG  . LYS A 1 76  ? -5.832  5.624   7.017   1.00 54.17 ? 70  LYS A CG  1 
ATOM   510  C CD  . LYS A 1 76  ? -5.937  6.063   8.487   1.00 59.55 ? 70  LYS A CD  1 
ATOM   511  C CE  . LYS A 1 76  ? -5.768  4.888   9.463   1.00 62.52 ? 70  LYS A CE  1 
ATOM   512  N NZ  . LYS A 1 76  ? -4.333  4.574   9.777   1.00 55.57 ? 70  LYS A NZ  1 
ATOM   513  N N   . LYS A 1 77  ? -2.183  5.996   5.237   1.00 41.12 ? 71  LYS A N   1 
ATOM   514  C CA  . LYS A 1 77  ? -1.367  7.148   4.857   1.00 38.97 ? 71  LYS A CA  1 
ATOM   515  C C   . LYS A 1 77  ? -1.121  7.233   3.346   1.00 41.90 ? 71  LYS A C   1 
ATOM   516  O O   . LYS A 1 77  ? -1.168  8.320   2.772   1.00 44.63 ? 71  LYS A O   1 
ATOM   517  C CB  . LYS A 1 77  ? -0.019  7.121   5.574   1.00 32.23 ? 71  LYS A CB  1 
ATOM   518  C CG  . LYS A 1 77  ? -0.035  6.600   6.995   1.00 44.99 ? 71  LYS A CG  1 
ATOM   519  C CD  . LYS A 1 77  ? 1.379   6.123   7.402   1.00 59.47 ? 71  LYS A CD  1 
ATOM   520  C CE  . LYS A 1 77  ? 1.430   5.527   8.826   1.00 61.21 ? 71  LYS A CE  1 
ATOM   521  N NZ  . LYS A 1 77  ? 2.624   4.635   9.041   1.00 55.64 ? 71  LYS A NZ  1 
ATOM   522  N N   . HIS A 1 78  ? -0.822  6.115   2.692   1.00 37.54 ? 72  HIS A N   1 
ATOM   523  C CA  . HIS A 1 78  ? -0.685  6.170   1.228   1.00 42.08 ? 72  HIS A CA  1 
ATOM   524  C C   . HIS A 1 78  ? -1.930  6.741   0.563   1.00 43.74 ? 72  HIS A C   1 
ATOM   525  O O   . HIS A 1 78  ? -1.826  7.563   -0.339  1.00 40.34 ? 72  HIS A O   1 
ATOM   526  C CB  . HIS A 1 78  ? -0.422  4.803   0.644   1.00 38.12 ? 72  HIS A CB  1 
ATOM   527  C CG  . HIS A 1 78  ? 0.951   4.299   0.925   1.00 49.82 ? 72  HIS A CG  1 
ATOM   528  N ND1 . HIS A 1 78  ? 1.280   2.962   0.865   1.00 48.26 ? 72  HIS A ND1 1 
ATOM   529  C CD2 . HIS A 1 78  ? 2.085   4.957   1.270   1.00 47.06 ? 72  HIS A CD2 1 
ATOM   530  C CE1 . HIS A 1 78  ? 2.560   2.817   1.157   1.00 54.24 ? 72  HIS A CE1 1 
ATOM   531  N NE2 . HIS A 1 78  ? 3.071   4.007   1.412   1.00 55.23 ? 72  HIS A NE2 1 
ATOM   532  N N   . PHE A 1 79  ? -3.093  6.266   1.010   1.00 33.67 ? 73  PHE A N   1 
ATOM   533  C CA  . PHE A 1 79  ? -4.383  6.719   0.532   1.00 42.38 ? 73  PHE A CA  1 
ATOM   534  C C   . PHE A 1 79  ? -4.527  8.239   0.606   1.00 45.87 ? 73  PHE A C   1 
ATOM   535  O O   . PHE A 1 79  ? -4.921  8.871   -0.375  1.00 46.47 ? 73  PHE A O   1 
ATOM   536  C CB  . PHE A 1 79  ? -5.533  6.051   1.301   1.00 43.19 ? 73  PHE A CB  1 
ATOM   537  C CG  . PHE A 1 79  ? -6.904  6.370   0.733   1.00 52.47 ? 73  PHE A CG  1 
ATOM   538  C CD1 . PHE A 1 79  ? -7.593  5.427   -0.037  1.00 46.77 ? 73  PHE A CD1 1 
ATOM   539  C CD2 . PHE A 1 79  ? -7.499  7.617   0.958   1.00 48.29 ? 73  PHE A CD2 1 
ATOM   540  C CE1 . PHE A 1 79  ? -8.850  5.715   -0.564  1.00 43.80 ? 73  PHE A CE1 1 
ATOM   541  C CE2 . PHE A 1 79  ? -8.754  7.916   0.427   1.00 45.26 ? 73  PHE A CE2 1 
ATOM   542  C CZ  . PHE A 1 79  ? -9.431  6.963   -0.332  1.00 47.84 ? 73  PHE A CZ  1 
ATOM   543  N N   . HIS A 1 80  ? -4.219  8.820   1.761   1.00 48.70 ? 74  HIS A N   1 
ATOM   544  C CA  . HIS A 1 80  ? -4.450  10.249  1.989   1.00 52.22 ? 74  HIS A CA  1 
ATOM   545  C C   . HIS A 1 80  ? -3.427  11.128  1.269   1.00 47.29 ? 74  HIS A C   1 
ATOM   546  O O   . HIS A 1 80  ? -3.763  12.179  0.724   1.00 50.00 ? 74  HIS A O   1 
ATOM   547  C CB  . HIS A 1 80  ? -4.545  10.563  3.493   1.00 53.31 ? 74  HIS A CB  1 
ATOM   548  C CG  . HIS A 1 80  ? -5.892  10.246  4.092   1.00 70.30 ? 74  HIS A CG  1 
ATOM   549  N ND1 . HIS A 1 80  ? -7.081  10.626  3.497   1.00 64.23 ? 74  HIS A ND1 1 
ATOM   550  C CD2 . HIS A 1 80  ? -6.234  9.601   5.233   1.00 72.87 ? 74  HIS A CD2 1 
ATOM   551  C CE1 . HIS A 1 80  ? -8.094  10.223  4.247   1.00 71.22 ? 74  HIS A CE1 1 
ATOM   552  N NE2 . HIS A 1 80  ? -7.610  9.600   5.306   1.00 72.27 ? 74  HIS A NE2 1 
ATOM   553  N N   . LEU A 1 81  ? -2.186  10.669  1.236   1.00 41.99 ? 75  LEU A N   1 
ATOM   554  C CA  . LEU A 1 81  ? -1.187  11.311  0.411   1.00 37.13 ? 75  LEU A CA  1 
ATOM   555  C C   . LEU A 1 81  ? -1.599  11.381  -1.071  1.00 48.03 ? 75  LEU A C   1 
ATOM   556  O O   . LEU A 1 81  ? -1.359  12.388  -1.755  1.00 45.94 ? 75  LEU A O   1 
ATOM   557  C CB  . LEU A 1 81  ? 0.139   10.580  0.536   1.00 34.58 ? 75  LEU A CB  1 
ATOM   558  C CG  . LEU A 1 81  ? 0.993   10.836  -0.700  1.00 40.75 ? 75  LEU A CG  1 
ATOM   559  C CD1 . LEU A 1 81  ? 1.805   12.120  -0.527  1.00 42.50 ? 75  LEU A CD1 1 
ATOM   560  C CD2 . LEU A 1 81  ? 1.885   9.635   -1.013  1.00 40.60 ? 75  LEU A CD2 1 
ATOM   561  N N   . ILE A 1 82  ? -2.210  10.310  -1.571  1.00 40.48 ? 76  ILE A N   1 
ATOM   562  C CA  . ILE A 1 82  ? -2.524  10.239  -2.987  1.00 41.21 ? 76  ILE A CA  1 
ATOM   563  C C   . ILE A 1 82  ? -3.783  11.041  -3.283  1.00 43.42 ? 76  ILE A C   1 
ATOM   564  O O   . ILE A 1 82  ? -3.943  11.613  -4.359  1.00 39.44 ? 76  ILE A O   1 
ATOM   565  C CB  . ILE A 1 82  ? -2.682  8.785   -3.443  1.00 43.73 ? 76  ILE A CB  1 
ATOM   566  C CG1 . ILE A 1 82  ? -1.318  8.095   -3.428  1.00 42.39 ? 76  ILE A CG1 1 
ATOM   567  C CG2 . ILE A 1 82  ? -3.318  8.712   -4.834  1.00 36.07 ? 76  ILE A CG2 1 
ATOM   568  C CD1 . ILE A 1 82  ? -1.370  6.641   -3.837  1.00 40.48 ? 76  ILE A CD1 1 
ATOM   569  N N   . TYR A 1 83  ? -4.671  11.084  -2.304  1.00 49.33 ? 77  TYR A N   1 
ATOM   570  C CA  . TYR A 1 83  ? -5.868  11.897  -2.406  1.00 52.05 ? 77  TYR A CA  1 
ATOM   571  C C   . TYR A 1 83  ? -5.496  13.369  -2.585  1.00 54.48 ? 77  TYR A C   1 
ATOM   572  O O   . TYR A 1 83  ? -6.008  14.036  -3.483  1.00 51.70 ? 77  TYR A O   1 
ATOM   573  C CB  . TYR A 1 83  ? -6.734  11.716  -1.161  1.00 54.45 ? 77  TYR A CB  1 
ATOM   574  C CG  . TYR A 1 83  ? -8.106  12.330  -1.283  1.00 64.14 ? 77  TYR A CG  1 
ATOM   575  C CD1 . TYR A 1 83  ? -8.406  13.538  -0.659  1.00 66.25 ? 77  TYR A CD1 1 
ATOM   576  C CD2 . TYR A 1 83  ? -9.102  11.707  -2.032  1.00 62.76 ? 77  TYR A CD2 1 
ATOM   577  C CE1 . TYR A 1 83  ? -9.660  14.109  -0.773  1.00 67.44 ? 77  TYR A CE1 1 
ATOM   578  C CE2 . TYR A 1 83  ? -10.360 12.268  -2.149  1.00 65.64 ? 77  TYR A CE2 1 
ATOM   579  C CZ  . TYR A 1 83  ? -10.633 13.468  -1.517  1.00 71.59 ? 77  TYR A CZ  1 
ATOM   580  O OH  . TYR A 1 83  ? -11.884 14.031  -1.630  1.00 78.13 ? 77  TYR A OH  1 
ATOM   581  N N   . SER A 1 84  ? -4.598  13.863  -1.733  1.00 54.01 ? 78  SER A N   1 
ATOM   582  C CA  . SER A 1 84  ? -4.189  15.260  -1.771  1.00 52.17 ? 78  SER A CA  1 
ATOM   583  C C   . SER A 1 84  ? -3.684  15.612  -3.155  1.00 55.28 ? 78  SER A C   1 
ATOM   584  O O   . SER A 1 84  ? -4.149  16.574  -3.760  1.00 56.45 ? 78  SER A O   1 
ATOM   585  C CB  . SER A 1 84  ? -3.089  15.540  -0.744  1.00 54.37 ? 78  SER A CB  1 
ATOM   586  O OG  . SER A 1 84  ? -1.848  15.834  -1.382  1.00 56.09 ? 78  SER A OG  1 
ATOM   587  N N   . LYS A 1 85  ? -2.737  14.823  -3.657  1.00 55.65 ? 79  LYS A N   1 
ATOM   588  C CA  . LYS A 1 85  ? -2.123  15.090  -4.956  1.00 55.28 ? 79  LYS A CA  1 
ATOM   589  C C   . LYS A 1 85  ? -3.149  15.322  -6.046  1.00 57.44 ? 79  LYS A C   1 
ATOM   590  O O   . LYS A 1 85  ? -3.009  16.234  -6.867  1.00 59.00 ? 79  LYS A O   1 
ATOM   591  C CB  . LYS A 1 85  ? -1.193  13.955  -5.351  1.00 46.58 ? 79  LYS A CB  1 
ATOM   592  C CG  . LYS A 1 85  ? 0.171   14.138  -4.767  1.00 51.85 ? 79  LYS A CG  1 
ATOM   593  C CD  . LYS A 1 85  ? 0.680   15.513  -5.155  1.00 55.24 ? 79  LYS A CD  1 
ATOM   594  C CE  . LYS A 1 85  ? 1.501   16.130  -4.039  1.00 60.51 ? 79  LYS A CE  1 
ATOM   595  N NZ  . LYS A 1 85  ? 1.586   17.603  -4.204  1.00 60.08 ? 79  LYS A NZ  1 
ATOM   596  N N   . THR A 1 86  ? -4.182  14.487  -6.042  1.00 56.47 ? 80  THR A N   1 
ATOM   597  C CA  . THR A 1 86  ? -5.273  14.607  -6.997  1.00 57.19 ? 80  THR A CA  1 
ATOM   598  C C   . THR A 1 86  ? -6.238  15.736  -6.621  1.00 55.45 ? 80  THR A C   1 
ATOM   599  O O   . THR A 1 86  ? -6.864  16.340  -7.485  1.00 58.68 ? 80  THR A O   1 
ATOM   600  C CB  . THR A 1 86  ? -6.040  13.272  -7.147  1.00 49.83 ? 80  THR A CB  1 
ATOM   601  O OG1 . THR A 1 86  ? -6.697  12.944  -5.915  1.00 48.37 ? 80  THR A OG1 1 
ATOM   602  C CG2 . THR A 1 86  ? -5.089  12.166  -7.532  1.00 41.07 ? 80  THR A CG2 1 
ATOM   603  N N   . GLN A 1 87  ? -6.347  16.013  -5.329  1.00 60.63 ? 81  GLN A N   1 
ATOM   604  C CA  . GLN A 1 87  ? -7.229  17.065  -4.839  1.00 62.26 ? 81  GLN A CA  1 
ATOM   605  C C   . GLN A 1 87  ? -6.788  18.440  -5.340  1.00 66.06 ? 81  GLN A C   1 
ATOM   606  O O   . GLN A 1 87  ? -7.617  19.257  -5.745  1.00 70.42 ? 81  GLN A O   1 
ATOM   607  C CB  . GLN A 1 87  ? -7.275  17.044  -3.312  1.00 65.09 ? 81  GLN A CB  1 
ATOM   608  C CG  . GLN A 1 87  ? -8.640  17.377  -2.741  1.00 77.90 ? 81  GLN A CG  1 
ATOM   609  C CD  . GLN A 1 87  ? -9.753  16.535  -3.358  1.00 78.31 ? 81  GLN A CD  1 
ATOM   610  O OE1 . GLN A 1 87  ? -9.495  15.556  -4.069  1.00 67.46 ? 81  GLN A OE1 1 
ATOM   611  N NE2 . GLN A 1 87  ? -11.001 16.917  -3.090  1.00 77.71 ? 81  GLN A NE2 1 
ATOM   612  N N   . GLU A 1 88  ? -5.481  18.688  -5.317  1.00 66.63 ? 82  GLU A N   1 
ATOM   613  C CA  . GLU A 1 88  ? -4.929  19.898  -5.914  1.00 68.99 ? 82  GLU A CA  1 
ATOM   614  C C   . GLU A 1 88  ? -5.034  19.865  -7.438  1.00 72.90 ? 82  GLU A C   1 
ATOM   615  O O   . GLU A 1 88  ? -4.065  20.146  -8.153  1.00 73.33 ? 82  GLU A O   1 
ATOM   616  C CB  . GLU A 1 88  ? -3.475  20.147  -5.475  1.00 73.57 ? 82  GLU A CB  1 
ATOM   617  C CG  . GLU A 1 88  ? -2.618  18.916  -5.238  1.00 62.35 ? 82  GLU A CG  1 
ATOM   618  C CD  . GLU A 1 88  ? -2.320  18.685  -3.760  1.00 67.97 ? 82  GLU A CD  1 
ATOM   619  O OE1 . GLU A 1 88  ? -1.184  18.260  -3.445  1.00 67.30 ? 82  GLU A OE1 1 
ATOM   620  O OE2 . GLU A 1 88  ? -3.215  18.934  -2.912  1.00 70.44 ? 82  GLU A OE2 1 
ATOM   621  N N   . ILE A 1 89  ? -6.219  19.505  -7.923  1.00 75.40 ? 83  ILE A N   1 
ATOM   622  C CA  . ILE A 1 89  ? -6.516  19.538  -9.352  1.00 77.00 ? 83  ILE A CA  1 
ATOM   623  C C   . ILE A 1 89  ? -7.756  20.383  -9.635  1.00 79.31 ? 83  ILE A C   1 
ATOM   624  O O   . ILE A 1 89  ? -8.844  20.169  -9.078  1.00 77.11 ? 83  ILE A O   1 
ATOM   625  C CB  . ILE A 1 89  ? -6.642  18.128  -9.981  1.00 69.40 ? 83  ILE A CB  1 
ATOM   626  C CG1 . ILE A 1 89  ? -5.356  17.764  -10.739 1.00 64.46 ? 83  ILE A CG1 1 
ATOM   627  C CG2 . ILE A 1 89  ? -7.833  18.067  -10.934 1.00 64.15 ? 83  ILE A CG2 1 
ATOM   628  C CD1 . ILE A 1 89  ? -4.134  17.526  -9.852  1.00 58.48 ? 83  ILE A CD1 1 
ATOM   629  N N   . LYS A 1 90  ? -7.545  21.358  -10.510 1.00 78.10 ? 84  LYS A N   1 
ATOM   630  C CA  . LYS A 1 90  ? -8.529  22.353  -10.909 1.00 78.95 ? 84  LYS A CA  1 
ATOM   631  C C   . LYS A 1 90  ? -9.216  21.966  -12.224 1.00 67.92 ? 84  LYS A C   1 
ATOM   632  O O   . LYS A 1 90  ? -8.676  22.237  -13.305 1.00 63.78 ? 84  LYS A O   1 
ATOM   633  C CB  . LYS A 1 90  ? -7.803  23.688  -11.083 1.00 78.07 ? 84  LYS A CB  1 
ATOM   634  C CG  . LYS A 1 90  ? -6.286  23.527  -11.320 1.00 73.60 ? 84  LYS A CG  1 
ATOM   635  C CD  . LYS A 1 90  ? -5.969  22.425  -12.345 1.00 67.81 ? 84  LYS A CD  1 
ATOM   636  C CE  . LYS A 1 90  ? -4.526  21.941  -12.271 1.00 66.26 ? 84  LYS A CE  1 
ATOM   637  N NZ  . LYS A 1 90  ? -3.581  22.921  -12.894 1.00 54.19 ? 84  LYS A NZ  1 
ATOM   638  N N   . ASN A 1 91  ? -10.400 21.352  -12.125 1.00 60.54 ? 85  ASN A N   1 
ATOM   639  C CA  . ASN A 1 91  ? -11.123 20.852  -13.300 1.00 66.94 ? 85  ASN A CA  1 
ATOM   640  C C   . ASN A 1 91  ? -10.166 20.121  -14.237 1.00 62.76 ? 85  ASN A C   1 
ATOM   641  O O   . ASN A 1 91  ? -10.145 20.390  -15.445 1.00 56.62 ? 85  ASN A O   1 
ATOM   642  C CB  . ASN A 1 91  ? -11.798 21.990  -14.098 1.00 62.62 ? 85  ASN A CB  1 
ATOM   643  C CG  . ASN A 1 91  ? -12.686 22.879  -13.246 1.00 63.74 ? 85  ASN A CG  1 
ATOM   644  O OD1 . ASN A 1 91  ? -12.200 23.734  -12.503 1.00 61.61 ? 85  ASN A OD1 1 
ATOM   645  N ND2 . ASN A 1 91  ? -14.000 22.704  -13.381 1.00 63.41 ? 85  ASN A ND2 1 
ATOM   646  N N   . GLY A 1 92  ? -9.351  19.229  -13.683 1.00 57.70 ? 86  GLY A N   1 
ATOM   647  C CA  . GLY A 1 92  ? -8.306  18.604  -14.467 1.00 47.91 ? 86  GLY A CA  1 
ATOM   648  C C   . GLY A 1 92  ? -8.890  17.725  -15.545 1.00 44.38 ? 86  GLY A C   1 
ATOM   649  O O   . GLY A 1 92  ? -9.954  17.139  -15.367 1.00 41.02 ? 86  GLY A O   1 
ATOM   650  N N   . THR A 1 93  ? -8.206  17.644  -16.677 1.00 42.30 ? 87  THR A N   1 
ATOM   651  C CA  . THR A 1 93  ? -8.555  16.654  -17.681 1.00 44.78 ? 87  THR A CA  1 
ATOM   652  C C   . THR A 1 93  ? -8.314  15.251  -17.116 1.00 48.85 ? 87  THR A C   1 
ATOM   653  O O   . THR A 1 93  ? -7.703  15.086  -16.056 1.00 47.19 ? 87  THR A O   1 
ATOM   654  C CB  . THR A 1 93  ? -7.750  16.846  -18.977 1.00 46.92 ? 87  THR A CB  1 
ATOM   655  O OG1 . THR A 1 93  ? -6.351  16.772  -18.688 1.00 45.79 ? 87  THR A OG1 1 
ATOM   656  C CG2 . THR A 1 93  ? -8.068  18.212  -19.610 1.00 45.66 ? 87  THR A CG2 1 
ATOM   657  N N   . LEU A 1 94  ? -8.809  14.237  -17.810 1.00 50.31 ? 88  LEU A N   1 
ATOM   658  C CA  . LEU A 1 94  ? -8.590  12.875  -17.365 1.00 46.21 ? 88  LEU A CA  1 
ATOM   659  C C   . LEU A 1 94  ? -7.089  12.609  -17.377 1.00 44.43 ? 88  LEU A C   1 
ATOM   660  O O   . LEU A 1 94  ? -6.547  12.008  -16.453 1.00 43.19 ? 88  LEU A O   1 
ATOM   661  C CB  . LEU A 1 94  ? -9.342  11.890  -18.260 1.00 45.26 ? 88  LEU A CB  1 
ATOM   662  C CG  . LEU A 1 94  ? -9.625  10.538  -17.603 1.00 53.80 ? 88  LEU A CG  1 
ATOM   663  C CD1 . LEU A 1 94  ? -9.801  10.701  -16.101 1.00 46.26 ? 88  LEU A CD1 1 
ATOM   664  C CD2 . LEU A 1 94  ? -10.847 9.874   -18.229 1.00 54.81 ? 88  LEU A CD2 1 
ATOM   665  N N   . LYS A 1 95  ? -6.429  13.096  -18.426 1.00 43.21 ? 89  LYS A N   1 
ATOM   666  C CA  . LYS A 1 95  ? -4.974  13.026  -18.566 1.00 42.62 ? 89  LYS A CA  1 
ATOM   667  C C   . LYS A 1 95  ? -4.257  13.547  -17.330 1.00 38.52 ? 89  LYS A C   1 
ATOM   668  O O   . LYS A 1 95  ? -3.318  12.934  -16.827 1.00 41.54 ? 89  LYS A O   1 
ATOM   669  C CB  . LYS A 1 95  ? -4.524  13.844  -19.785 1.00 37.67 ? 89  LYS A CB  1 
ATOM   670  C CG  . LYS A 1 95  ? -3.044  13.686  -20.117 1.00 39.66 ? 89  LYS A CG  1 
ATOM   671  C CD  . LYS A 1 95  ? -2.696  14.256  -21.489 1.00 43.08 ? 89  LYS A CD  1 
ATOM   672  C CE  . LYS A 1 95  ? -1.320  13.788  -21.965 1.00 53.77 ? 89  LYS A CE  1 
ATOM   673  N NZ  . LYS A 1 95  ? -0.239  14.059  -20.973 1.00 51.96 ? 89  LYS A NZ  1 
ATOM   674  N N   . GLU A 1 96  ? -4.723  14.688  -16.846 1.00 45.61 ? 90  GLU A N   1 
ATOM   675  C CA  . GLU A 1 96  ? -4.080  15.392  -15.748 1.00 47.32 ? 90  GLU A CA  1 
ATOM   676  C C   . GLU A 1 96  ? -4.176  14.650  -14.439 1.00 36.69 ? 90  GLU A C   1 
ATOM   677  O O   . GLU A 1 96  ? -3.185  14.497  -13.742 1.00 44.76 ? 90  GLU A O   1 
ATOM   678  C CB  . GLU A 1 96  ? -4.680  16.791  -15.595 1.00 44.96 ? 90  GLU A CB  1 
ATOM   679  C CG  . GLU A 1 96  ? -4.020  17.814  -16.488 1.00 54.24 ? 90  GLU A CG  1 
ATOM   680  C CD  . GLU A 1 96  ? -4.962  18.925  -16.930 1.00 60.77 ? 90  GLU A CD  1 
ATOM   681  O OE1 . GLU A 1 96  ? -6.071  19.035  -16.352 1.00 57.56 ? 90  GLU A OE1 1 
ATOM   682  O OE2 . GLU A 1 96  ? -4.584  19.682  -17.863 1.00 64.25 ? 90  GLU A OE2 1 
ATOM   683  N N   . ILE A 1 97  ? -5.373  14.203  -14.098 1.00 44.19 ? 91  ILE A N   1 
ATOM   684  C CA  . ILE A 1 97  ? -5.589  13.555  -12.810 1.00 44.23 ? 91  ILE A CA  1 
ATOM   685  C C   . ILE A 1 97  ? -5.001  12.124  -12.798 1.00 44.25 ? 91  ILE A C   1 
ATOM   686  O O   . ILE A 1 97  ? -4.556  11.637  -11.758 1.00 42.90 ? 91  ILE A O   1 
ATOM   687  C CB  . ILE A 1 97  ? -7.087  13.594  -12.403 1.00 41.48 ? 91  ILE A CB  1 
ATOM   688  C CG1 . ILE A 1 97  ? -7.757  12.239  -12.602 1.00 50.26 ? 91  ILE A CG1 1 
ATOM   689  C CG2 . ILE A 1 97  ? -7.831  14.701  -13.158 1.00 47.81 ? 91  ILE A CG2 1 
ATOM   690  C CD1 . ILE A 1 97  ? -7.842  11.427  -11.332 1.00 49.67 ? 91  ILE A CD1 1 
ATOM   691  N N   . LEU A 1 98  ? -4.993  11.476  -13.964 1.00 43.18 ? 92  LEU A N   1 
ATOM   692  C CA  . LEU A 1 98  ? -4.341  10.181  -14.159 1.00 41.17 ? 92  LEU A CA  1 
ATOM   693  C C   . LEU A 1 98  ? -2.845  10.306  -13.968 1.00 42.47 ? 92  LEU A C   1 
ATOM   694  O O   . LEU A 1 98  ? -2.202  9.446   -13.363 1.00 35.02 ? 92  LEU A O   1 
ATOM   695  C CB  . LEU A 1 98  ? -4.606  9.663   -15.572 1.00 42.97 ? 92  LEU A CB  1 
ATOM   696  C CG  . LEU A 1 98  ? -5.477  8.419   -15.751 1.00 43.41 ? 92  LEU A CG  1 
ATOM   697  C CD1 . LEU A 1 98  ? -6.670  8.431   -14.817 1.00 46.73 ? 92  LEU A CD1 1 
ATOM   698  C CD2 . LEU A 1 98  ? -5.909  8.275   -17.200 1.00 39.89 ? 92  LEU A CD2 1 
ATOM   699  N N   . THR A 1 99  ? -2.295  11.384  -14.513 1.00 43.27 ? 93  THR A N   1 
ATOM   700  C CA  . THR A 1 99  ? -0.878  11.662  -14.387 1.00 39.60 ? 93  THR A CA  1 
ATOM   701  C C   . THR A 1 99  ? -0.541  12.032  -12.945 1.00 37.23 ? 93  THR A C   1 
ATOM   702  O O   . THR A 1 99  ? 0.459   11.574  -12.397 1.00 38.53 ? 93  THR A O   1 
ATOM   703  C CB  . THR A 1 99  ? -0.451  12.783  -15.346 1.00 36.30 ? 93  THR A CB  1 
ATOM   704  O OG1 . THR A 1 99  ? -0.580  12.319  -16.699 1.00 34.21 ? 93  THR A OG1 1 
ATOM   705  C CG2 . THR A 1 99  ? 0.990   13.183  -15.084 1.00 28.74 ? 93  THR A CG2 1 
ATOM   706  N N   . SER A 1 100 ? -1.387  12.847  -12.325 1.00 40.00 ? 94  SER A N   1 
ATOM   707  C CA  . SER A 1 100 ? -1.187  13.213  -10.923 1.00 37.87 ? 94  SER A CA  1 
ATOM   708  C C   . SER A 1 100 ? -1.158  11.968  -10.037 1.00 39.28 ? 94  SER A C   1 
ATOM   709  O O   . SER A 1 100 ? -0.194  11.742  -9.304  1.00 39.97 ? 94  SER A O   1 
ATOM   710  C CB  . SER A 1 100 ? -2.285  14.161  -10.442 1.00 40.43 ? 94  SER A CB  1 
ATOM   711  O OG  . SER A 1 100 ? -2.202  14.367  -9.037  1.00 40.84 ? 94  SER A OG  1 
ATOM   712  N N   . PHE A 1 101 ? -2.232  11.181  -10.104 1.00 36.80 ? 95  PHE A N   1 
ATOM   713  C CA  . PHE A 1 101 ? -2.333  9.894   -9.415  1.00 35.71 ? 95  PHE A CA  1 
ATOM   714  C C   . PHE A 1 101 ? -1.171  8.940   -9.750  1.00 32.27 ? 95  PHE A C   1 
ATOM   715  O O   . PHE A 1 101 ? -0.545  8.372   -8.849  1.00 29.92 ? 95  PHE A O   1 
ATOM   716  C CB  . PHE A 1 101 ? -3.674  9.245   -9.756  1.00 36.55 ? 95  PHE A CB  1 
ATOM   717  C CG  . PHE A 1 101 ? -3.908  7.942   -9.076  1.00 29.87 ? 95  PHE A CG  1 
ATOM   718  C CD1 . PHE A 1 101 ? -4.596  7.892   -7.879  1.00 30.36 ? 95  PHE A CD1 1 
ATOM   719  C CD2 . PHE A 1 101 ? -3.444  6.752   -9.645  1.00 32.19 ? 95  PHE A CD2 1 
ATOM   720  C CE1 . PHE A 1 101 ? -4.832  6.684   -7.246  1.00 34.23 ? 95  PHE A CE1 1 
ATOM   721  C CE2 . PHE A 1 101 ? -3.660  5.539   -9.020  1.00 31.77 ? 95  PHE A CE2 1 
ATOM   722  C CZ  . PHE A 1 101 ? -4.361  5.500   -7.817  1.00 35.19 ? 95  PHE A CZ  1 
ATOM   723  N N   . GLY A 1 102 ? -0.889  8.773   -11.041 1.00 31.02 ? 96  GLY A N   1 
ATOM   724  C CA  . GLY A 1 102 ? 0.220   7.950   -11.495 1.00 29.26 ? 96  GLY A CA  1 
ATOM   725  C C   . GLY A 1 102 ? 1.506   8.233   -10.725 1.00 38.32 ? 96  GLY A C   1 
ATOM   726  O O   . GLY A 1 102 ? 2.106   7.334   -10.118 1.00 31.95 ? 96  GLY A O   1 
ATOM   727  N N   . LEU A 1 103 ? 1.909   9.503   -10.729 1.00 37.85 ? 97  LEU A N   1 
ATOM   728  C CA  . LEU A 1 103 ? 3.137   9.955   -10.083 1.00 33.71 ? 97  LEU A CA  1 
ATOM   729  C C   . LEU A 1 103 ? 3.218   9.653   -8.587  1.00 31.98 ? 97  LEU A C   1 
ATOM   730  O O   . LEU A 1 103 ? 4.267   9.253   -8.090  1.00 29.49 ? 97  LEU A O   1 
ATOM   731  C CB  . LEU A 1 103 ? 3.315   11.456  -10.311 1.00 36.88 ? 97  LEU A CB  1 
ATOM   732  C CG  . LEU A 1 103 ? 3.604   11.888  -11.744 1.00 40.00 ? 97  LEU A CG  1 
ATOM   733  C CD1 . LEU A 1 103 ? 3.391   13.387  -11.882 1.00 36.33 ? 97  LEU A CD1 1 
ATOM   734  C CD2 . LEU A 1 103 ? 5.022   11.470  -12.166 1.00 37.46 ? 97  LEU A CD2 1 
ATOM   735  N N   . ALA A 1 104 ? 2.120   9.862   -7.868  1.00 35.98 ? 98  ALA A N   1 
ATOM   736  C CA  . ALA A 1 104 ? 2.106   9.631   -6.428  1.00 37.09 ? 98  ALA A CA  1 
ATOM   737  C C   . ALA A 1 104 ? 2.087   8.133   -6.096  1.00 33.84 ? 98  ALA A C   1 
ATOM   738  O O   . ALA A 1 104 ? 2.697   7.691   -5.113  1.00 34.87 ? 98  ALA A O   1 
ATOM   739  C CB  . ALA A 1 104 ? 0.932   10.346  -5.787  1.00 31.44 ? 98  ALA A CB  1 
ATOM   740  N N   . PHE A 1 105 ? 1.383   7.370   -6.928  1.00 31.01 ? 99  PHE A N   1 
ATOM   741  C CA  . PHE A 1 105 ? 1.253   5.926   -6.776  1.00 29.04 ? 99  PHE A CA  1 
ATOM   742  C C   . PHE A 1 105 ? 2.576   5.231   -7.074  1.00 27.48 ? 99  PHE A C   1 
ATOM   743  O O   . PHE A 1 105 ? 3.076   4.447   -6.278  1.00 28.24 ? 99  PHE A O   1 
ATOM   744  C CB  . PHE A 1 105 ? 0.168   5.427   -7.728  1.00 32.60 ? 99  PHE A CB  1 
ATOM   745  C CG  . PHE A 1 105 ? -0.099  3.940   -7.652  1.00 37.99 ? 99  PHE A CG  1 
ATOM   746  C CD1 . PHE A 1 105 ? -0.941  3.415   -6.672  1.00 33.92 ? 99  PHE A CD1 1 
ATOM   747  C CD2 . PHE A 1 105 ? 0.459   3.070   -8.590  1.00 36.31 ? 99  PHE A CD2 1 
ATOM   748  C CE1 . PHE A 1 105 ? -1.209  2.045   -6.621  1.00 30.40 ? 99  PHE A CE1 1 
ATOM   749  C CE2 . PHE A 1 105 ? 0.198   1.703   -8.544  1.00 36.01 ? 99  PHE A CE2 1 
ATOM   750  C CZ  . PHE A 1 105 ? -0.634  1.189   -7.551  1.00 28.16 ? 99  PHE A CZ  1 
ATOM   751  N N   . ILE A 1 106 ? 3.147   5.547   -8.227  1.00 32.22 ? 100 ILE A N   1 
ATOM   752  C CA  . ILE A 1 106 ? 4.420   4.975   -8.637  1.00 34.49 ? 100 ILE A CA  1 
ATOM   753  C C   . ILE A 1 106 ? 5.588   5.313   -7.686  1.00 38.08 ? 100 ILE A C   1 
ATOM   754  O O   . ILE A 1 106 ? 6.474   4.476   -7.475  1.00 31.73 ? 100 ILE A O   1 
ATOM   755  C CB  . ILE A 1 106 ? 4.757   5.345   -10.101 1.00 30.04 ? 100 ILE A CB  1 
ATOM   756  C CG1 . ILE A 1 106 ? 5.653   4.262   -10.729 1.00 29.72 ? 100 ILE A CG1 1 
ATOM   757  C CG2 . ILE A 1 106 ? 5.362   6.740   -10.181 1.00 30.38 ? 100 ILE A CG2 1 
ATOM   758  C CD1 . ILE A 1 106 ? 6.012   4.486   -12.209 1.00 27.15 ? 100 ILE A CD1 1 
ATOM   759  N N   . GLU A 1 107 ? 5.573   6.521   -7.109  1.00 33.31 ? 101 GLU A N   1 
ATOM   760  C CA  . GLU A 1 107 ? 6.618   6.952   -6.177  1.00 34.82 ? 101 GLU A CA  1 
ATOM   761  C C   . GLU A 1 107 ? 6.585   6.122   -4.904  1.00 35.04 ? 101 GLU A C   1 
ATOM   762  O O   . GLU A 1 107 ? 7.623   5.728   -4.357  1.00 28.45 ? 101 GLU A O   1 
ATOM   763  C CB  . GLU A 1 107 ? 6.460   8.433   -5.803  1.00 34.95 ? 101 GLU A CB  1 
ATOM   764  C CG  . GLU A 1 107 ? 7.335   8.828   -4.623  1.00 43.69 ? 101 GLU A CG  1 
ATOM   765  C CD  . GLU A 1 107 ? 7.554   10.331  -4.475  1.00 50.18 ? 101 GLU A CD  1 
ATOM   766  O OE1 . GLU A 1 107 ? 6.570   11.094  -4.495  1.00 51.10 ? 101 GLU A OE1 1 
ATOM   767  O OE2 . GLU A 1 107 ? 8.722   10.748  -4.314  1.00 55.11 ? 101 GLU A OE2 1 
ATOM   768  N N   . ILE A 1 108 ? 5.368   5.884   -4.432  1.00 37.40 ? 102 ILE A N   1 
ATOM   769  C CA  . ILE A 1 108 ? 5.131   5.042   -3.271  1.00 37.27 ? 102 ILE A CA  1 
ATOM   770  C C   . ILE A 1 108 ? 5.752   3.644   -3.424  1.00 37.92 ? 102 ILE A C   1 
ATOM   771  O O   . ILE A 1 108 ? 6.441   3.162   -2.522  1.00 31.47 ? 102 ILE A O   1 
ATOM   772  C CB  . ILE A 1 108 ? 3.622   4.958   -2.968  1.00 33.31 ? 102 ILE A CB  1 
ATOM   773  C CG1 . ILE A 1 108 ? 3.202   6.201   -2.177  1.00 39.10 ? 102 ILE A CG1 1 
ATOM   774  C CG2 . ILE A 1 108 ? 3.300   3.711   -2.176  1.00 33.42 ? 102 ILE A CG2 1 
ATOM   775  C CD1 . ILE A 1 108 ? 1.717   6.455   -2.122  1.00 35.71 ? 102 ILE A CD1 1 
ATOM   776  N N   . PHE A 1 109 ? 5.530   3.009   -4.573  1.00 34.50 ? 103 PHE A N   1 
ATOM   777  C CA  . PHE A 1 109 ? 6.059   1.663   -4.801  1.00 33.32 ? 103 PHE A CA  1 
ATOM   778  C C   . PHE A 1 109 ? 7.538   1.629   -5.167  1.00 33.43 ? 103 PHE A C   1 
ATOM   779  O O   . PHE A 1 109 ? 8.134   0.557   -5.265  1.00 35.39 ? 103 PHE A O   1 
ATOM   780  C CB  . PHE A 1 109 ? 5.176   0.857   -5.775  1.00 27.36 ? 103 PHE A CB  1 
ATOM   781  C CG  . PHE A 1 109 ? 3.878   0.453   -5.158  1.00 35.61 ? 103 PHE A CG  1 
ATOM   782  C CD1 . PHE A 1 109 ? 2.804   1.335   -5.134  1.00 35.79 ? 103 PHE A CD1 1 
ATOM   783  C CD2 . PHE A 1 109 ? 3.751   -0.767  -4.508  1.00 44.09 ? 103 PHE A CD2 1 
ATOM   784  C CE1 . PHE A 1 109 ? 1.615   0.986   -4.513  1.00 36.00 ? 103 PHE A CE1 1 
ATOM   785  C CE2 . PHE A 1 109 ? 2.547   -1.122  -3.888  1.00 47.13 ? 103 PHE A CE2 1 
ATOM   786  C CZ  . PHE A 1 109 ? 1.484   -0.239  -3.899  1.00 38.54 ? 103 PHE A CZ  1 
ATOM   787  N N   . ASN A 1 110 ? 8.145   2.802   -5.330  1.00 34.35 ? 104 ASN A N   1 
ATOM   788  C CA  . ASN A 1 110 ? 9.594   2.854   -5.500  1.00 31.33 ? 104 ASN A CA  1 
ATOM   789  C C   . ASN A 1 110 ? 10.386  3.319   -4.250  1.00 30.07 ? 104 ASN A C   1 
ATOM   790  O O   . ASN A 1 110 ? 11.447  3.920   -4.351  1.00 31.91 ? 104 ASN A O   1 
ATOM   791  C CB  . ASN A 1 110 ? 9.954   3.611   -6.778  1.00 28.94 ? 104 ASN A CB  1 
ATOM   792  C CG  . ASN A 1 110 ? 9.724   2.772   -8.020  1.00 32.11 ? 104 ASN A CG  1 
ATOM   793  O OD1 . ASN A 1 110 ? 10.503  1.873   -8.321  1.00 27.26 ? 104 ASN A OD1 1 
ATOM   794  N ND2 . ASN A 1 110 ? 8.635   3.051   -8.742  1.00 33.92 ? 104 ASN A ND2 1 
ATOM   795  N N   . GLN A 1 111 ? 9.849   3.027   -3.070  1.00 32.11 ? 105 GLN A N   1 
ATOM   796  C CA  . GLN A 1 111 ? 10.591  3.189   -1.820  1.00 36.42 ? 105 GLN A CA  1 
ATOM   797  C C   . GLN A 1 111 ? 10.960  1.795   -1.287  1.00 35.80 ? 105 GLN A C   1 
ATOM   798  O O   . GLN A 1 111 ? 10.201  0.828   -1.461  1.00 35.75 ? 105 GLN A O   1 
ATOM   799  C CB  . GLN A 1 111 ? 9.774   3.976   -0.776  1.00 32.08 ? 105 GLN A CB  1 
ATOM   800  C CG  . GLN A 1 111 ? 9.181   5.312   -1.260  1.00 33.12 ? 105 GLN A CG  1 
ATOM   801  C CD  . GLN A 1 111 ? 10.196  6.212   -1.954  1.00 41.93 ? 105 GLN A CD  1 
ATOM   802  O OE1 . GLN A 1 111 ? 11.319  6.399   -1.480  1.00 44.10 ? 105 GLN A OE1 1 
ATOM   803  N NE2 . GLN A 1 111 ? 9.798   6.777   -3.095  1.00 47.35 ? 105 GLN A NE2 1 
ATOM   804  N N   . PRO A 1 112 ? 12.137  1.678   -0.667  1.00 34.93 ? 106 PRO A N   1 
ATOM   805  C CA  . PRO A 1 112 ? 12.591  0.408   -0.077  1.00 34.26 ? 106 PRO A CA  1 
ATOM   806  C C   . PRO A 1 112 ? 11.564  -0.148  0.899   1.00 31.52 ? 106 PRO A C   1 
ATOM   807  O O   . PRO A 1 112 ? 11.472  -1.351  1.126   1.00 28.17 ? 106 PRO A O   1 
ATOM   808  C CB  . PRO A 1 112 ? 13.860  0.810   0.694   1.00 37.44 ? 106 PRO A CB  1 
ATOM   809  C CG  . PRO A 1 112 ? 14.356  2.038   -0.001  1.00 33.32 ? 106 PRO A CG  1 
ATOM   810  C CD  . PRO A 1 112 ? 13.130  2.757   -0.512  1.00 36.93 ? 106 PRO A CD  1 
ATOM   811  N N   . GLU A 1 113 ? 10.796  0.745   1.498   1.00 35.57 ? 107 GLU A N   1 
ATOM   812  C CA  . GLU A 1 113 ? 9.784   0.315   2.448   1.00 36.80 ? 107 GLU A CA  1 
ATOM   813  C C   . GLU A 1 113 ? 8.834   -0.685  1.785   1.00 31.84 ? 107 GLU A C   1 
ATOM   814  O O   . GLU A 1 113 ? 8.592   -1.768  2.313   1.00 26.26 ? 107 GLU A O   1 
ATOM   815  C CB  . GLU A 1 113 ? 9.001   1.525   2.967   1.00 39.00 ? 107 GLU A CB  1 
ATOM   816  C CG  . GLU A 1 113 ? 9.764   2.379   3.956   1.00 43.93 ? 107 GLU A CG  1 
ATOM   817  C CD  . GLU A 1 113 ? 10.802  3.269   3.303   1.00 40.98 ? 107 GLU A CD  1 
ATOM   818  O OE1 . GLU A 1 113 ? 10.607  3.684   2.139   1.00 42.43 ? 107 GLU A OE1 1 
ATOM   819  O OE2 . GLU A 1 113 ? 11.818  3.562   3.968   1.00 46.91 ? 107 GLU A OE2 1 
ATOM   820  N N   . ALA A 1 114 ? 8.298   -0.284  0.631   1.00 29.42 ? 108 ALA A N   1 
ATOM   821  C CA  . ALA A 1 114 ? 7.315   -1.056  -0.117  1.00 31.04 ? 108 ALA A CA  1 
ATOM   822  C C   . ALA A 1 114 ? 7.849   -2.450  -0.502  1.00 28.48 ? 108 ALA A C   1 
ATOM   823  O O   . ALA A 1 114 ? 7.127   -3.428  -0.429  1.00 33.40 ? 108 ALA A O   1 
ATOM   824  C CB  . ALA A 1 114 ? 6.868   -0.269  -1.362  1.00 26.05 ? 108 ALA A CB  1 
ATOM   825  N N   . VAL A 1 115 ? 9.114   -2.527  -0.900  1.00 26.26 ? 109 VAL A N   1 
ATOM   826  C CA  . VAL A 1 115 ? 9.756   -3.804  -1.191  1.00 32.64 ? 109 VAL A CA  1 
ATOM   827  C C   . VAL A 1 115 ? 9.953   -4.652  0.073   1.00 27.01 ? 109 VAL A C   1 
ATOM   828  O O   . VAL A 1 115 ? 9.752   -5.867  0.062   1.00 21.45 ? 109 VAL A O   1 
ATOM   829  C CB  . VAL A 1 115 ? 11.126  -3.598  -1.891  1.00 30.20 ? 109 VAL A CB  1 
ATOM   830  C CG1 . VAL A 1 115 ? 11.609  -4.904  -2.523  1.00 27.32 ? 109 VAL A CG1 1 
ATOM   831  C CG2 . VAL A 1 115 ? 11.014  -2.523  -2.928  1.00 26.41 ? 109 VAL A CG2 1 
ATOM   832  N N   . ALA A 1 116 ? 10.350  -4.015  1.164   1.00 26.24 ? 110 ALA A N   1 
ATOM   833  C CA  . ALA A 1 116 ? 10.546  -4.756  2.400   1.00 26.29 ? 110 ALA A CA  1 
ATOM   834  C C   . ALA A 1 116 ? 9.237   -5.393  2.868   1.00 25.40 ? 110 ALA A C   1 
ATOM   835  O O   . ALA A 1 116 ? 9.200   -6.582  3.196   1.00 24.46 ? 110 ALA A O   1 
ATOM   836  C CB  . ALA A 1 116 ? 11.153  -3.873  3.490   1.00 27.22 ? 110 ALA A CB  1 
ATOM   837  N N   . PHE A 1 117 ? 8.159   -4.616  2.893   1.00 26.33 ? 111 PHE A N   1 
ATOM   838  C CA  . PHE A 1 117 ? 6.857   -5.176  3.269   1.00 28.38 ? 111 PHE A CA  1 
ATOM   839  C C   . PHE A 1 117 ? 6.379   -6.215  2.259   1.00 23.08 ? 111 PHE A C   1 
ATOM   840  O O   . PHE A 1 117 ? 5.775   -7.236  2.635   1.00 21.63 ? 111 PHE A O   1 
ATOM   841  C CB  . PHE A 1 117 ? 5.804   -4.084  3.444   1.00 30.53 ? 111 PHE A CB  1 
ATOM   842  C CG  . PHE A 1 117 ? 6.142   -3.104  4.507   1.00 28.44 ? 111 PHE A CG  1 
ATOM   843  C CD1 . PHE A 1 117 ? 5.864   -1.756  4.341   1.00 42.77 ? 111 PHE A CD1 1 
ATOM   844  C CD2 . PHE A 1 117 ? 6.775   -3.515  5.658   1.00 38.78 ? 111 PHE A CD2 1 
ATOM   845  C CE1 . PHE A 1 117 ? 6.197   -0.841  5.326   1.00 45.96 ? 111 PHE A CE1 1 
ATOM   846  C CE2 . PHE A 1 117 ? 7.118   -2.601  6.658   1.00 41.13 ? 111 PHE A CE2 1 
ATOM   847  C CZ  . PHE A 1 117 ? 6.820   -1.276  6.498   1.00 37.41 ? 111 PHE A CZ  1 
ATOM   848  N N   . GLY A 1 118 ? 6.649   -5.930  0.986   1.00 16.98 ? 112 GLY A N   1 
ATOM   849  C CA  . GLY A 1 118 ? 6.434   -6.874  -0.089  1.00 22.81 ? 112 GLY A CA  1 
ATOM   850  C C   . GLY A 1 118 ? 7.002   -8.249  0.200   1.00 23.28 ? 112 GLY A C   1 
ATOM   851  O O   . GLY A 1 118 ? 6.290   -9.237  0.087   1.00 25.63 ? 112 GLY A O   1 
ATOM   852  N N   . LYS A 1 119 ? 8.273   -8.311  0.591   1.00 24.41 ? 113 LYS A N   1 
ATOM   853  C CA  . LYS A 1 119 ? 8.935   -9.573  0.916   1.00 24.36 ? 113 LYS A CA  1 
ATOM   854  C C   . LYS A 1 119 ? 8.233   -10.337 2.034   1.00 24.61 ? 113 LYS A C   1 
ATOM   855  O O   . LYS A 1 119 ? 8.116   -11.574 1.985   1.00 23.14 ? 113 LYS A O   1 
ATOM   856  C CB  . LYS A 1 119 ? 10.407  -9.341  1.284   1.00 23.42 ? 113 LYS A CB  1 
ATOM   857  C CG  . LYS A 1 119 ? 11.348  -9.095  0.085   1.00 33.07 ? 113 LYS A CG  1 
ATOM   858  C CD  . LYS A 1 119 ? 12.828  -9.145  0.502   1.00 27.51 ? 113 LYS A CD  1 
ATOM   859  C CE  . LYS A 1 119 ? 13.753  -9.061  -0.689  1.00 32.54 ? 113 LYS A CE  1 
ATOM   860  N NZ  . LYS A 1 119 ? 13.728  -10.319 -1.532  1.00 41.40 ? 113 LYS A NZ  1 
ATOM   861  N N   . ILE A 1 120 ? 7.797   -9.606  3.055   1.00 23.92 ? 114 ILE A N   1 
ATOM   862  C CA  . ILE A 1 120 ? 7.121   -10.206 4.215   1.00 24.22 ? 114 ILE A CA  1 
ATOM   863  C C   . ILE A 1 120 ? 5.839   -10.913 3.794   1.00 23.27 ? 114 ILE A C   1 
ATOM   864  O O   . ILE A 1 120 ? 5.563   -12.053 4.203   1.00 24.97 ? 114 ILE A O   1 
ATOM   865  C CB  . ILE A 1 120 ? 6.771   -9.124  5.271   1.00 23.78 ? 114 ILE A CB  1 
ATOM   866  C CG1 . ILE A 1 120 ? 8.024   -8.736  6.046   1.00 23.31 ? 114 ILE A CG1 1 
ATOM   867  C CG2 . ILE A 1 120 ? 5.660   -9.603  6.208   1.00 23.52 ? 114 ILE A CG2 1 
ATOM   868  C CD1 . ILE A 1 120 ? 7.842   -7.537  6.961   1.00 23.69 ? 114 ILE A CD1 1 
ATOM   869  N N   . ILE A 1 121 ? 5.060   -10.217 2.976   1.00 21.39 ? 115 ILE A N   1 
ATOM   870  C CA  . ILE A 1 121 ? 3.811   -10.742 2.445   1.00 25.38 ? 115 ILE A CA  1 
ATOM   871  C C   . ILE A 1 121 ? 4.052   -12.002 1.598   1.00 27.28 ? 115 ILE A C   1 
ATOM   872  O O   . ILE A 1 121 ? 3.433   -13.038 1.847   1.00 29.61 ? 115 ILE A O   1 
ATOM   873  C CB  . ILE A 1 121 ? 3.044   -9.608  1.697   1.00 30.55 ? 115 ILE A CB  1 
ATOM   874  C CG1 . ILE A 1 121 ? 2.535   -8.582  2.716   1.00 27.76 ? 115 ILE A CG1 1 
ATOM   875  C CG2 . ILE A 1 121 ? 1.890   -10.127 0.837   1.00 28.77 ? 115 ILE A CG2 1 
ATOM   876  C CD1 . ILE A 1 121 ? 2.016   -7.294  2.107   1.00 30.00 ? 115 ILE A CD1 1 
ATOM   877  N N   . TYR A 1 122 ? 4.985   -11.932 0.646   1.00 28.04 ? 116 TYR A N   1 
ATOM   878  C CA  . TYR A 1 122 ? 5.314   -13.091 -0.212  1.00 30.94 ? 116 TYR A CA  1 
ATOM   879  C C   . TYR A 1 122 ? 5.720   -14.311 0.612   1.00 31.90 ? 116 TYR A C   1 
ATOM   880  O O   . TYR A 1 122 ? 5.455   -15.452 0.215   1.00 25.59 ? 116 TYR A O   1 
ATOM   881  C CB  . TYR A 1 122 ? 6.447   -12.778 -1.214  1.00 22.12 ? 116 TYR A CB  1 
ATOM   882  C CG  . TYR A 1 122 ? 6.052   -11.937 -2.421  1.00 27.81 ? 116 TYR A CG  1 
ATOM   883  C CD1 . TYR A 1 122 ? 6.598   -12.200 -3.680  1.00 22.03 ? 116 TYR A CD1 1 
ATOM   884  C CD2 . TYR A 1 122 ? 5.145   -10.871 -2.308  1.00 23.64 ? 116 TYR A CD2 1 
ATOM   885  C CE1 . TYR A 1 122 ? 6.265   -11.442 -4.782  1.00 20.20 ? 116 TYR A CE1 1 
ATOM   886  C CE2 . TYR A 1 122 ? 4.817   -10.093 -3.417  1.00 25.48 ? 116 TYR A CE2 1 
ATOM   887  C CZ  . TYR A 1 122 ? 5.383   -10.400 -4.659  1.00 27.44 ? 116 TYR A CZ  1 
ATOM   888  O OH  . TYR A 1 122 ? 5.074   -9.666  -5.787  1.00 27.02 ? 116 TYR A OH  1 
ATOM   889  N N   . SER A 1 123 ? 6.381   -14.071 1.745   1.00 27.78 ? 117 SER A N   1 
ATOM   890  C CA  . SER A 1 123 ? 6.859   -15.162 2.590   1.00 22.13 ? 117 SER A CA  1 
ATOM   891  C C   . SER A 1 123 ? 5.723   -15.867 3.338   1.00 25.80 ? 117 SER A C   1 
ATOM   892  O O   . SER A 1 123 ? 5.913   -16.965 3.839   1.00 33.14 ? 117 SER A O   1 
ATOM   893  C CB  . SER A 1 123 ? 7.916   -14.663 3.587   1.00 29.22 ? 117 SER A CB  1 
ATOM   894  O OG  . SER A 1 123 ? 7.316   -13.844 4.585   1.00 29.06 ? 117 SER A OG  1 
ATOM   895  N N   . GLN A 1 124 ? 4.552   -15.237 3.408   1.00 32.13 ? 118 GLN A N   1 
ATOM   896  C CA  . GLN A 1 124 ? 3.375   -15.819 4.061   1.00 37.14 ? 118 GLN A CA  1 
ATOM   897  C C   . GLN A 1 124 ? 2.528   -16.586 3.062   1.00 35.64 ? 118 GLN A C   1 
ATOM   898  O O   . GLN A 1 124 ? 1.341   -16.815 3.290   1.00 39.01 ? 118 GLN A O   1 
ATOM   899  C CB  . GLN A 1 124 ? 2.486   -14.729 4.666   1.00 32.89 ? 118 GLN A CB  1 
ATOM   900  C CG  . GLN A 1 124 ? 3.181   -13.775 5.585   1.00 35.09 ? 118 GLN A CG  1 
ATOM   901  C CD  . GLN A 1 124 ? 2.236   -12.693 6.090   1.00 36.95 ? 118 GLN A CD  1 
ATOM   902  O OE1 . GLN A 1 124 ? 2.652   -11.557 6.323   1.00 35.38 ? 118 GLN A OE1 1 
ATOM   903  N NE2 . GLN A 1 124 ? 0.962   -13.043 6.256   1.00 35.02 ? 118 GLN A NE2 1 
ATOM   904  N N   . VAL A 1 125 ? 3.121   -16.951 1.936   1.00 32.00 ? 119 VAL A N   1 
ATOM   905  C CA  . VAL A 1 125 ? 2.387   -17.670 0.908   1.00 31.98 ? 119 VAL A CA  1 
ATOM   906  C C   . VAL A 1 125 ? 1.830   -19.029 1.412   1.00 31.39 ? 119 VAL A C   1 
ATOM   907  O O   . VAL A 1 125 ? 0.741   -19.438 1.006   1.00 35.38 ? 119 VAL A O   1 
ATOM   908  C CB  . VAL A 1 125 ? 3.232   -17.802 -0.388  1.00 27.74 ? 119 VAL A CB  1 
ATOM   909  C CG1 . VAL A 1 125 ? 4.291   -18.917 -0.247  1.00 26.99 ? 119 VAL A CG1 1 
ATOM   910  C CG2 . VAL A 1 125 ? 2.328   -17.992 -1.598  1.00 24.31 ? 119 VAL A CG2 1 
ATOM   911  N N   . TYR A 1 126 ? 2.544   -19.696 2.318   1.00 25.34 ? 120 TYR A N   1 
ATOM   912  C CA  . TYR A 1 126 ? 2.081   -20.973 2.870   1.00 35.08 ? 120 TYR A CA  1 
ATOM   913  C C   . TYR A 1 126 ? 1.476   -20.908 4.277   1.00 46.09 ? 120 TYR A C   1 
ATOM   914  O O   . TYR A 1 126 ? 1.101   -21.943 4.823   1.00 51.02 ? 120 TYR A O   1 
ATOM   915  C CB  . TYR A 1 126 ? 3.200   -22.029 2.858   1.00 31.25 ? 120 TYR A CB  1 
ATOM   916  C CG  . TYR A 1 126 ? 3.591   -22.470 1.472   1.00 32.74 ? 120 TYR A CG  1 
ATOM   917  C CD1 . TYR A 1 126 ? 4.910   -22.360 1.034   1.00 25.45 ? 120 TYR A CD1 1 
ATOM   918  C CD2 . TYR A 1 126 ? 2.635   -22.973 0.588   1.00 23.39 ? 120 TYR A CD2 1 
ATOM   919  C CE1 . TYR A 1 126 ? 5.277   -22.755 -0.229  1.00 25.39 ? 120 TYR A CE1 1 
ATOM   920  C CE2 . TYR A 1 126 ? 2.988   -23.359 -0.690  1.00 27.57 ? 120 TYR A CE2 1 
ATOM   921  C CZ  . TYR A 1 126 ? 4.315   -23.253 -1.097  1.00 26.90 ? 120 TYR A CZ  1 
ATOM   922  O OH  . TYR A 1 126 ? 4.675   -23.649 -2.370  1.00 25.24 ? 120 TYR A OH  1 
ATOM   923  N N   . ASP A 1 127 ? 1.402   -19.722 4.876   1.00 45.16 ? 121 ASP A N   1 
ATOM   924  C CA  . ASP A 1 127 ? 0.750   -19.580 6.182   1.00 53.13 ? 121 ASP A CA  1 
ATOM   925  C C   . ASP A 1 127 ? -0.686  -20.146 6.179   1.00 59.80 ? 121 ASP A C   1 
ATOM   926  O O   . ASP A 1 127 ? -1.557  -19.690 5.425   1.00 60.04 ? 121 ASP A O   1 
ATOM   927  C CB  . ASP A 1 127 ? 0.738   -18.116 6.641   1.00 55.19 ? 121 ASP A CB  1 
ATOM   928  C CG  . ASP A 1 127 ? 2.132   -17.590 6.985   1.00 58.06 ? 121 ASP A CG  1 
ATOM   929  O OD1 . ASP A 1 127 ? 3.135   -18.273 6.654   1.00 55.25 ? 121 ASP A OD1 1 
ATOM   930  O OD2 . ASP A 1 127 ? 2.215   -16.486 7.581   1.00 54.93 ? 121 ASP A OD2 1 
ATOM   931  N N   . LYS A 1 128 ? -0.929  -21.128 7.042   1.00 58.95 ? 122 LYS A N   1 
ATOM   932  C CA  . LYS A 1 128 ? -2.217  -21.811 7.085   1.00 60.28 ? 122 LYS A CA  1 
ATOM   933  C C   . LYS A 1 128 ? -3.264  -20.967 7.804   1.00 61.67 ? 122 LYS A C   1 
ATOM   934  O O   . LYS A 1 128 ? -4.426  -21.353 7.884   1.00 63.25 ? 122 LYS A O   1 
ATOM   935  C CB  . LYS A 1 128 ? -2.071  -23.178 7.766   1.00 62.85 ? 122 LYS A CB  1 
ATOM   936  C CG  . LYS A 1 128 ? -2.883  -24.311 7.121   1.00 66.89 ? 122 LYS A CG  1 
ATOM   937  C CD  . LYS A 1 128 ? -4.326  -24.367 7.624   1.00 69.05 ? 122 LYS A CD  1 
ATOM   938  C CE  . LYS A 1 128 ? -5.038  -25.657 7.186   1.00 69.72 ? 122 LYS A CE  1 
ATOM   939  N NZ  . LYS A 1 128 ? -5.667  -25.580 5.826   1.00 63.59 ? 122 LYS A NZ  1 
ATOM   940  N N   . ASP A 1 129 ? -2.843  -19.810 8.312   1.00 59.77 ? 123 ASP A N   1 
ATOM   941  C CA  . ASP A 1 129 ? -3.722  -18.905 9.054   1.00 61.97 ? 123 ASP A CA  1 
ATOM   942  C C   . ASP A 1 129 ? -4.515  -17.919 8.184   1.00 58.77 ? 123 ASP A C   1 
ATOM   943  O O   . ASP A 1 129 ? -5.556  -17.423 8.601   1.00 58.46 ? 123 ASP A O   1 
ATOM   944  C CB  . ASP A 1 129 ? -2.906  -18.111 10.076  1.00 63.80 ? 123 ASP A CB  1 
ATOM   945  C CG  . ASP A 1 129 ? -2.753  -18.836 11.399  1.00 68.23 ? 123 ASP A CG  1 
ATOM   946  O OD1 . ASP A 1 129 ? -3.752  -19.410 11.886  1.00 56.64 ? 123 ASP A OD1 1 
ATOM   947  O OD2 . ASP A 1 129 ? -1.633  -18.815 11.961  1.00 72.82 ? 123 ASP A OD2 1 
ATOM   948  N N   . ARG A 1 130 ? -4.014  -17.627 6.989   1.00 60.85 ? 124 ARG A N   1 
ATOM   949  C CA  . ARG A 1 130 ? -4.629  -16.628 6.101   1.00 58.83 ? 124 ARG A CA  1 
ATOM   950  C C   . ARG A 1 130 ? -5.115  -15.318 6.769   1.00 51.45 ? 124 ARG A C   1 
ATOM   951  O O   . ARG A 1 130 ? -6.249  -14.870 6.553   1.00 47.20 ? 124 ARG A O   1 
ATOM   952  C CB  . ARG A 1 130 ? -5.723  -17.245 5.214   1.00 55.78 ? 124 ARG A CB  1 
ATOM   953  C CG  . ARG A 1 130 ? -6.985  -17.721 5.934   1.00 63.19 ? 124 ARG A CG  1 
ATOM   954  C CD  . ARG A 1 130 ? -8.070  -18.155 4.920   1.00 70.47 ? 124 ARG A CD  1 
ATOM   955  N NE  . ARG A 1 130 ? -8.806  -17.013 4.361   1.00 64.05 ? 124 ARG A NE  1 
ATOM   956  C CZ  . ARG A 1 130 ? -10.116 -16.820 4.492   1.00 53.94 ? 124 ARG A CZ  1 
ATOM   957  N NH1 . ARG A 1 130 ? -10.856 -17.710 5.149   1.00 53.18 ? 124 ARG A NH1 1 
ATOM   958  N NH2 . ARG A 1 130 ? -10.690 -15.742 3.960   1.00 46.30 ? 124 ARG A NH2 1 
ATOM   959  N N   . HIS A 1 131 ? -4.242  -14.701 7.556   1.00 41.18 ? 125 HIS A N   1 
ATOM   960  C CA  . HIS A 1 131 ? -4.491  -13.350 8.023   1.00 43.66 ? 125 HIS A CA  1 
ATOM   961  C C   . HIS A 1 131 ? -4.446  -12.433 6.823   1.00 34.24 ? 125 HIS A C   1 
ATOM   962  O O   . HIS A 1 131 ? -5.102  -11.402 6.785   1.00 33.24 ? 125 HIS A O   1 
ATOM   963  C CB  . HIS A 1 131 ? -3.420  -12.904 9.012   1.00 48.92 ? 125 HIS A CB  1 
ATOM   964  C CG  . HIS A 1 131 ? -3.110  -13.914 10.070  1.00 53.99 ? 125 HIS A CG  1 
ATOM   965  N ND1 . HIS A 1 131 ? -3.945  -14.153 11.141  1.00 62.05 ? 125 HIS A ND1 1 
ATOM   966  C CD2 . HIS A 1 131 ? -2.046  -14.738 10.230  1.00 55.09 ? 125 HIS A CD2 1 
ATOM   967  C CE1 . HIS A 1 131 ? -3.414  -15.084 11.913  1.00 62.56 ? 125 HIS A CE1 1 
ATOM   968  N NE2 . HIS A 1 131 ? -2.260  -15.454 11.384  1.00 60.02 ? 125 HIS A NE2 1 
ATOM   969  N N   . LEU A 1 132 ? -3.660  -12.816 5.832   1.00 36.72 ? 126 LEU A N   1 
ATOM   970  C CA  . LEU A 1 132 ? -3.482  -11.983 4.655   1.00 33.28 ? 126 LEU A CA  1 
ATOM   971  C C   . LEU A 1 132 ? -4.775  -11.863 3.838   1.00 33.72 ? 126 LEU A C   1 
ATOM   972  O O   . LEU A 1 132 ? -5.161  -10.763 3.432   1.00 33.95 ? 126 LEU A O   1 
ATOM   973  C CB  . LEU A 1 132 ? -2.334  -12.517 3.805   1.00 36.48 ? 126 LEU A CB  1 
ATOM   974  C CG  . LEU A 1 132 ? -2.194  -11.915 2.406   1.00 37.12 ? 126 LEU A CG  1 
ATOM   975  C CD1 . LEU A 1 132 ? -1.913  -10.419 2.489   1.00 27.23 ? 126 LEU A CD1 1 
ATOM   976  C CD2 . LEU A 1 132 ? -1.110  -12.680 1.620   1.00 33.55 ? 126 LEU A CD2 1 
ATOM   977  N N   . ALA A 1 133 ? -5.446  -12.990 3.608   1.00 38.76 ? 127 ALA A N   1 
ATOM   978  C CA  . ALA A 1 133 ? -6.731  -12.988 2.913   1.00 39.72 ? 127 ALA A CA  1 
ATOM   979  C C   . ALA A 1 133 ? -7.767  -12.152 3.674   1.00 36.63 ? 127 ALA A C   1 
ATOM   980  O O   . ALA A 1 133 ? -8.449  -11.318 3.082   1.00 37.76 ? 127 ALA A O   1 
ATOM   981  C CB  . ALA A 1 133 ? -7.238  -14.419 2.681   1.00 36.46 ? 127 ALA A CB  1 
ATOM   982  N N   . ASN A 1 134 ? -7.875  -12.368 4.982   1.00 36.15 ? 128 ASN A N   1 
ATOM   983  C CA  . ASN A 1 134 ? -8.781  -11.552 5.805   1.00 43.49 ? 128 ASN A CA  1 
ATOM   984  C C   . ASN A 1 134 ? -8.476  -10.059 5.696   1.00 36.83 ? 128 ASN A C   1 
ATOM   985  O O   . ASN A 1 134 ? -9.368  -9.254  5.510   1.00 43.50 ? 128 ASN A O   1 
ATOM   986  C CB  . ASN A 1 134 ? -8.755  -11.991 7.280   1.00 39.74 ? 128 ASN A CB  1 
ATOM   987  C CG  . ASN A 1 134 ? -9.388  -13.346 7.500   1.00 38.07 ? 128 ASN A CG  1 
ATOM   988  O OD1 . ASN A 1 134 ? -10.252 -13.765 6.744   1.00 48.53 ? 128 ASN A OD1 1 
ATOM   989  N ND2 . ASN A 1 134 ? -8.964  -14.033 8.546   1.00 41.06 ? 128 ASN A ND2 1 
ATOM   990  N N   . TRP A 1 135 ? -7.203  -9.698  5.800   1.00 38.68 ? 129 TRP A N   1 
ATOM   991  C CA  . TRP A 1 135 ? -6.802  -8.308  5.709   1.00 33.00 ? 129 TRP A CA  1 
ATOM   992  C C   . TRP A 1 135 ? -7.229  -7.693  4.379   1.00 34.73 ? 129 TRP A C   1 
ATOM   993  O O   . TRP A 1 135 ? -7.775  -6.604  4.344   1.00 36.75 ? 129 TRP A O   1 
ATOM   994  C CB  . TRP A 1 135 ? -5.281  -8.176  5.922   1.00 34.65 ? 129 TRP A CB  1 
ATOM   995  C CG  . TRP A 1 135 ? -4.828  -6.732  5.979   1.00 36.64 ? 129 TRP A CG  1 
ATOM   996  C CD1 . TRP A 1 135 ? -4.746  -5.936  7.094   1.00 35.72 ? 129 TRP A CD1 1 
ATOM   997  C CD2 . TRP A 1 135 ? -4.419  -5.915  4.874   1.00 36.28 ? 129 TRP A CD2 1 
ATOM   998  N NE1 . TRP A 1 135 ? -4.312  -4.680  6.745   1.00 36.81 ? 129 TRP A NE1 1 
ATOM   999  C CE2 . TRP A 1 135 ? -4.102  -4.639  5.394   1.00 34.40 ? 129 TRP A CE2 1 
ATOM   1000 C CE3 . TRP A 1 135 ? -4.293  -6.137  3.501   1.00 38.82 ? 129 TRP A CE3 1 
ATOM   1001 C CZ2 . TRP A 1 135 ? -3.666  -3.591  4.583   1.00 37.90 ? 129 TRP A CZ2 1 
ATOM   1002 C CZ3 . TRP A 1 135 ? -3.857  -5.090  2.699   1.00 43.21 ? 129 TRP A CZ3 1 
ATOM   1003 C CH2 . TRP A 1 135 ? -3.554  -3.835  3.241   1.00 37.14 ? 129 TRP A CH2 1 
ATOM   1004 N N   . ILE A 1 136 ? -6.984  -8.382  3.272   1.00 39.01 ? 130 ILE A N   1 
ATOM   1005 C CA  . ILE A 1 136 ? -7.369  -7.839  1.969   1.00 39.01 ? 130 ILE A CA  1 
ATOM   1006 C C   . ILE A 1 136 ? -8.888  -7.784  1.836   1.00 43.65 ? 130 ILE A C   1 
ATOM   1007 O O   . ILE A 1 136 ? -9.438  -6.765  1.406   1.00 45.50 ? 130 ILE A O   1 
ATOM   1008 C CB  . ILE A 1 136 ? -6.790  -8.656  0.796   1.00 39.14 ? 130 ILE A CB  1 
ATOM   1009 C CG1 . ILE A 1 136 ? -5.265  -8.685  0.861   1.00 42.14 ? 130 ILE A CG1 1 
ATOM   1010 C CG2 . ILE A 1 136 ? -7.235  -8.066  -0.528  1.00 38.71 ? 130 ILE A CG2 1 
ATOM   1011 C CD1 . ILE A 1 136 ? -4.635  -9.649  -0.116  1.00 31.86 ? 130 ILE A CD1 1 
ATOM   1012 N N   . GLU A 1 137 ? -9.566  -8.873  2.211   1.00 44.58 ? 131 GLU A N   1 
ATOM   1013 C CA  . GLU A 1 137 ? -11.030 -8.938  2.098   1.00 52.42 ? 131 GLU A CA  1 
ATOM   1014 C C   . GLU A 1 137 ? -11.649 -7.824  2.900   1.00 47.57 ? 131 GLU A C   1 
ATOM   1015 O O   . GLU A 1 137 ? -12.606 -7.194  2.472   1.00 56.88 ? 131 GLU A O   1 
ATOM   1016 C CB  . GLU A 1 137 ? -11.589 -10.294 2.585   1.00 44.49 ? 131 GLU A CB  1 
ATOM   1017 C CG  . GLU A 1 137 ? -11.018 -11.522 1.859   1.00 60.69 ? 131 GLU A CG  1 
ATOM   1018 C CD  . GLU A 1 137 ? -11.943 -12.754 1.825   1.00 69.83 ? 131 GLU A CD  1 
ATOM   1019 O OE1 . GLU A 1 137 ? -11.480 -13.848 2.246   1.00 57.90 ? 131 GLU A OE1 1 
ATOM   1020 O OE2 . GLU A 1 137 ? -13.112 -12.638 1.365   1.00 66.16 ? 131 GLU A OE2 1 
ATOM   1021 N N   . ASN A 1 138 ? -11.066 -7.577  4.065   1.00 47.57 ? 132 ASN A N   1 
ATOM   1022 C CA  . ASN A 1 138 ? -11.679 -6.707  5.054   1.00 51.77 ? 132 ASN A CA  1 
ATOM   1023 C C   . ASN A 1 138 ? -11.206 -5.258  5.022   1.00 48.16 ? 132 ASN A C   1 
ATOM   1024 O O   . ASN A 1 138 ? -11.453 -4.518  5.969   1.00 44.72 ? 132 ASN A O   1 
ATOM   1025 C CB  . ASN A 1 138 ? -11.584 -7.311  6.481   1.00 40.74 ? 132 ASN A CB  1 
ATOM   1026 C CG  . ASN A 1 138 ? -12.524 -8.519  6.681   1.00 46.62 ? 132 ASN A CG  1 
ATOM   1027 O OD1 . ASN A 1 138 ? -13.750 -8.375  6.760   1.00 43.24 ? 132 ASN A OD1 1 
ATOM   1028 N ND2 . ASN A 1 138 ? -11.940 -9.713  6.773   1.00 47.00 ? 132 ASN A ND2 1 
ATOM   1029 N N   . ASN A 1 139 ? -10.520 -4.850  3.952   1.00 43.97 ? 133 ASN A N   1 
ATOM   1030 C CA  . ASN A 1 139 ? -10.307 -3.408  3.734   1.00 47.40 ? 133 ASN A CA  1 
ATOM   1031 C C   . ASN A 1 139 ? -9.952  -2.976  2.315   1.00 47.47 ? 133 ASN A C   1 
ATOM   1032 O O   . ASN A 1 139 ? -9.045  -2.176  2.081   1.00 48.36 ? 133 ASN A O   1 
ATOM   1033 C CB  . ASN A 1 139 ? -9.392  -2.759  4.785   1.00 56.77 ? 133 ASN A CB  1 
ATOM   1034 C CG  . ASN A 1 139 ? -8.012  -3.356  4.813   1.00 54.75 ? 133 ASN A CG  1 
ATOM   1035 O OD1 . ASN A 1 139 ? -7.285  -3.330  3.812   1.00 55.89 ? 133 ASN A OD1 1 
ATOM   1036 N ND2 . ASN A 1 139 ? -7.627  -3.886  5.973   1.00 48.09 ? 133 ASN A ND2 1 
ATOM   1037 N N   . GLN A 1 140 ? -10.729 -3.504  1.381   1.00 54.13 ? 134 GLN A N   1 
ATOM   1038 C CA  . GLN A 1 140 ? -10.698 -3.101  -0.012  1.00 57.02 ? 134 GLN A CA  1 
ATOM   1039 C C   . GLN A 1 140 ? -11.015 -1.612  -0.160  1.00 51.71 ? 134 GLN A C   1 
ATOM   1040 O O   . GLN A 1 140 ? -10.508 -0.941  -1.057  1.00 45.00 ? 134 GLN A O   1 
ATOM   1041 C CB  . GLN A 1 140 ? -11.691 -3.975  -0.795  1.00 55.91 ? 134 GLN A CB  1 
ATOM   1042 C CG  . GLN A 1 140 ? -12.479 -3.279  -1.894  1.00 54.97 ? 134 GLN A CG  1 
ATOM   1043 C CD  . GLN A 1 140 ? -13.642 -4.135  -2.388  1.00 65.43 ? 134 GLN A CD  1 
ATOM   1044 O OE1 . GLN A 1 140 ? -14.249 -3.848  -3.425  1.00 70.75 ? 134 GLN A OE1 1 
ATOM   1045 N NE2 . GLN A 1 140 ? -13.951 -5.200  -1.646  1.00 55.82 ? 134 GLN A NE2 1 
ATOM   1046 N N   . GLN A 1 141 ? -11.850 -1.101  0.738   1.00 53.56 ? 135 GLN A N   1 
ATOM   1047 C CA  . GLN A 1 141 ? -12.292 0.287   0.675   1.00 54.46 ? 135 GLN A CA  1 
ATOM   1048 C C   . GLN A 1 141 ? -11.119 1.231   0.907   1.00 54.65 ? 135 GLN A C   1 
ATOM   1049 O O   . GLN A 1 141 ? -11.111 2.372   0.442   1.00 49.81 ? 135 GLN A O   1 
ATOM   1050 C CB  . GLN A 1 141 ? -13.397 0.533   1.712   1.00 52.79 ? 135 GLN A CB  1 
ATOM   1051 C CG  . GLN A 1 141 ? -12.945 0.430   3.173   1.00 54.51 ? 135 GLN A CG  1 
ATOM   1052 C CD  . GLN A 1 141 ? -12.939 -0.998  3.717   1.00 60.34 ? 135 GLN A CD  1 
ATOM   1053 O OE1 . GLN A 1 141 ? -13.285 -1.961  3.009   1.00 54.82 ? 135 GLN A OE1 1 
ATOM   1054 N NE2 . GLN A 1 141 ? -12.538 -1.142  4.986   1.00 51.71 ? 135 GLN A NE2 1 
ATOM   1055 N N   . ASN A 1 142 ? -10.123 0.733   1.628   1.00 55.51 ? 136 ASN A N   1 
ATOM   1056 C CA  . ASN A 1 142 ? -8.950  1.519   1.973   1.00 51.51 ? 136 ASN A CA  1 
ATOM   1057 C C   . ASN A 1 142 ? -7.868  1.540   0.901   1.00 52.47 ? 136 ASN A C   1 
ATOM   1058 O O   . ASN A 1 142 ? -6.828  2.168   1.096   1.00 56.21 ? 136 ASN A O   1 
ATOM   1059 C CB  . ASN A 1 142 ? -8.338  0.995   3.274   1.00 61.33 ? 136 ASN A CB  1 
ATOM   1060 C CG  . ASN A 1 142 ? -9.266  1.158   4.462   1.00 62.97 ? 136 ASN A CG  1 
ATOM   1061 O OD1 . ASN A 1 142 ? -9.949  2.179   4.589   1.00 57.44 ? 136 ASN A OD1 1 
ATOM   1062 N ND2 . ASN A 1 142 ? -9.297  0.152   5.345   1.00 55.26 ? 136 ASN A ND2 1 
ATOM   1063 N N   . PHE A 1 143 ? -8.080  0.849   -0.214  1.00 46.72 ? 137 PHE A N   1 
ATOM   1064 C CA  . PHE A 1 143 ? -7.059  0.837   -1.261  1.00 44.79 ? 137 PHE A CA  1 
ATOM   1065 C C   . PHE A 1 143 ? -7.149  2.030   -2.201  1.00 45.01 ? 137 PHE A C   1 
ATOM   1066 O O   . PHE A 1 143 ? -8.234  2.494   -2.556  1.00 38.95 ? 137 PHE A O   1 
ATOM   1067 C CB  . PHE A 1 143 ? -7.053  -0.481  -2.037  1.00 46.53 ? 137 PHE A CB  1 
ATOM   1068 C CG  . PHE A 1 143 ? -6.814  -1.667  -1.173  1.00 45.20 ? 137 PHE A CG  1 
ATOM   1069 C CD1 . PHE A 1 143 ? -5.784  -1.659  -0.248  1.00 46.32 ? 137 PHE A CD1 1 
ATOM   1070 C CD2 . PHE A 1 143 ? -7.623  -2.779  -1.261  1.00 46.98 ? 137 PHE A CD2 1 
ATOM   1071 C CE1 . PHE A 1 143 ? -5.558  -2.741  0.571   1.00 47.21 ? 137 PHE A CE1 1 
ATOM   1072 C CE2 . PHE A 1 143 ? -7.403  -3.870  -0.440  1.00 49.23 ? 137 PHE A CE2 1 
ATOM   1073 C CZ  . PHE A 1 143 ? -6.368  -3.848  0.478   1.00 46.07 ? 137 PHE A CZ  1 
ATOM   1074 N N   . SER A 1 144 ? -5.983  2.510   -2.614  1.00 44.56 ? 138 SER A N   1 
ATOM   1075 C CA  . SER A 1 144 ? -5.899  3.742   -3.376  1.00 46.91 ? 138 SER A CA  1 
ATOM   1076 C C   . SER A 1 144 ? -6.614  3.709   -4.730  1.00 38.40 ? 138 SER A C   1 
ATOM   1077 O O   . SER A 1 144 ? -6.984  4.759   -5.250  1.00 44.58 ? 138 SER A O   1 
ATOM   1078 C CB  . SER A 1 144 ? -4.441  4.163   -3.548  1.00 39.41 ? 138 SER A CB  1 
ATOM   1079 O OG  . SER A 1 144 ? -3.870  3.475   -4.637  1.00 46.13 ? 138 SER A OG  1 
ATOM   1080 N N   . TYR A 1 145 ? -6.816  2.527   -5.306  1.00 42.89 ? 139 TYR A N   1 
ATOM   1081 C CA  . TYR A 1 145 ? -7.514  2.440   -6.604  1.00 44.44 ? 139 TYR A CA  1 
ATOM   1082 C C   . TYR A 1 145 ? -8.943  3.005   -6.543  1.00 35.28 ? 139 TYR A C   1 
ATOM   1083 O O   . TYR A 1 145 ? -9.479  3.455   -7.542  1.00 40.02 ? 139 TYR A O   1 
ATOM   1084 C CB  . TYR A 1 145 ? -7.523  1.006   -7.147  1.00 37.31 ? 139 TYR A CB  1 
ATOM   1085 C CG  . TYR A 1 145 ? -8.612  0.136   -6.542  1.00 45.98 ? 139 TYR A CG  1 
ATOM   1086 C CD1 . TYR A 1 145 ? -8.344  -0.696  -5.455  1.00 43.97 ? 139 TYR A CD1 1 
ATOM   1087 C CD2 . TYR A 1 145 ? -9.913  0.153   -7.049  1.00 42.85 ? 139 TYR A CD2 1 
ATOM   1088 C CE1 . TYR A 1 145 ? -9.338  -1.493  -4.894  1.00 52.96 ? 139 TYR A CE1 1 
ATOM   1089 C CE2 . TYR A 1 145 ? -10.915 -0.637  -6.489  1.00 46.38 ? 139 TYR A CE2 1 
ATOM   1090 C CZ  . TYR A 1 145 ? -10.621 -1.462  -5.413  1.00 53.41 ? 139 TYR A CZ  1 
ATOM   1091 O OH  . TYR A 1 145 ? -11.603 -2.260  -4.854  1.00 57.75 ? 139 TYR A OH  1 
ATOM   1092 N N   . ASN A 1 146 ? -9.543  2.958   -5.361  1.00 31.79 ? 140 ASN A N   1 
ATOM   1093 C CA  . ASN A 1 146 ? -10.837 3.573   -5.095  1.00 38.28 ? 140 ASN A CA  1 
ATOM   1094 C C   . ASN A 1 146 ? -10.892 5.052   -5.461  1.00 43.88 ? 140 ASN A C   1 
ATOM   1095 O O   . ASN A 1 146 ? -11.919 5.532   -5.946  1.00 44.93 ? 140 ASN A O   1 
ATOM   1096 C CB  . ASN A 1 146 ? -11.190 3.415   -3.617  1.00 42.51 ? 140 ASN A CB  1 
ATOM   1097 C CG  . ASN A 1 146 ? -11.599 2.010   -3.270  1.00 43.42 ? 140 ASN A CG  1 
ATOM   1098 O OD1 . ASN A 1 146 ? -12.620 1.519   -3.745  1.00 45.55 ? 140 ASN A OD1 1 
ATOM   1099 N ND2 . ASN A 1 146 ? -10.809 1.351   -2.437  1.00 44.57 ? 140 ASN A ND2 1 
ATOM   1100 N N   . ILE A 1 147 ? -9.798  5.773   -5.219  1.00 40.77 ? 141 ILE A N   1 
ATOM   1101 C CA  . ILE A 1 147 ? -9.694  7.175   -5.627  1.00 45.23 ? 141 ILE A CA  1 
ATOM   1102 C C   . ILE A 1 147 ? -9.886  7.315   -7.150  1.00 48.22 ? 141 ILE A C   1 
ATOM   1103 O O   . ILE A 1 147 ? -10.689 8.133   -7.621  1.00 43.10 ? 141 ILE A O   1 
ATOM   1104 C CB  . ILE A 1 147 ? -8.324  7.801   -5.205  1.00 53.42 ? 141 ILE A CB  1 
ATOM   1105 C CG1 . ILE A 1 147 ? -8.141  7.777   -3.682  1.00 48.98 ? 141 ILE A CG1 1 
ATOM   1106 C CG2 . ILE A 1 147 ? -8.175  9.232   -5.725  1.00 43.03 ? 141 ILE A CG2 1 
ATOM   1107 C CD1 . ILE A 1 147 ? -6.750  8.218   -3.242  1.00 48.40 ? 141 ILE A CD1 1 
ATOM   1108 N N   . LEU A 1 148 ? -9.148  6.507   -7.909  1.00 41.19 ? 142 LEU A N   1 
ATOM   1109 C CA  . LEU A 1 148 ? -9.272  6.486   -9.360  1.00 43.34 ? 142 LEU A CA  1 
ATOM   1110 C C   . LEU A 1 148 ? -10.670 6.083   -9.818  1.00 45.99 ? 142 LEU A C   1 
ATOM   1111 O O   . LEU A 1 148 ? -11.200 6.639   -10.776 1.00 44.16 ? 142 LEU A O   1 
ATOM   1112 C CB  . LEU A 1 148 ? -8.258  5.526   -9.970  1.00 42.63 ? 142 LEU A CB  1 
ATOM   1113 C CG  . LEU A 1 148 ? -7.054  6.139   -10.674 1.00 42.36 ? 142 LEU A CG  1 
ATOM   1114 C CD1 . LEU A 1 148 ? -6.448  5.094   -11.608 1.00 34.20 ? 142 LEU A CD1 1 
ATOM   1115 C CD2 . LEU A 1 148 ? -7.483  7.398   -11.436 1.00 45.86 ? 142 LEU A CD2 1 
ATOM   1116 N N   . MET A 1 149 ? -11.252 5.101   -9.133  1.00 47.10 ? 143 MET A N   1 
ATOM   1117 C CA  . MET A 1 149 ? -12.595 4.617   -9.442  1.00 45.17 ? 143 MET A CA  1 
ATOM   1118 C C   . MET A 1 149 ? -13.603 5.764   -9.388  1.00 49.41 ? 143 MET A C   1 
ATOM   1119 O O   . MET A 1 149 ? -14.505 5.853   -10.225 1.00 49.06 ? 143 MET A O   1 
ATOM   1120 C CB  . MET A 1 149 ? -12.979 3.549   -8.428  1.00 44.40 ? 143 MET A CB  1 
ATOM   1121 C CG  . MET A 1 149 ? -14.069 2.601   -8.867  1.00 49.01 ? 143 MET A CG  1 
ATOM   1122 S SD  . MET A 1 149 ? -14.236 1.245   -7.681  1.00 50.79 ? 143 MET A SD  1 
ATOM   1123 C CE  . MET A 1 149 ? -14.396 2.166   -6.149  1.00 49.19 ? 143 MET A CE  1 
ATOM   1124 N N   . GLY A 1 150 ? -13.425 6.645   -8.405  1.00 48.07 ? 144 GLY A N   1 
ATOM   1125 C CA  . GLY A 1 150 ? -14.326 7.761   -8.169  1.00 46.70 ? 144 GLY A CA  1 
ATOM   1126 C C   . GLY A 1 150 ? -14.403 8.766   -9.301  1.00 50.37 ? 144 GLY A C   1 
ATOM   1127 O O   . GLY A 1 150 ? -15.479 9.272   -9.630  1.00 54.95 ? 144 GLY A O   1 
ATOM   1128 N N   . PHE A 1 151 ? -13.266 9.068   -9.908  1.00 51.42 ? 145 PHE A N   1 
ATOM   1129 C CA  . PHE A 1 151 ? -13.260 9.988   -11.033 1.00 52.30 ? 145 PHE A CA  1 
ATOM   1130 C C   . PHE A 1 151 ? -13.894 9.357   -12.255 1.00 50.26 ? 145 PHE A C   1 
ATOM   1131 O O   . PHE A 1 151 ? -14.621 10.016  -12.990 1.00 54.89 ? 145 PHE A O   1 
ATOM   1132 C CB  . PHE A 1 151 ? -11.846 10.465  -11.332 1.00 47.24 ? 145 PHE A CB  1 
ATOM   1133 C CG  . PHE A 1 151 ? -11.261 11.306  -10.236 1.00 52.13 ? 145 PHE A CG  1 
ATOM   1134 C CD1 . PHE A 1 151 ? -10.636 10.714  -9.148  1.00 51.82 ? 145 PHE A CD1 1 
ATOM   1135 C CD2 . PHE A 1 151 ? -11.359 12.691  -10.278 1.00 56.78 ? 145 PHE A CD2 1 
ATOM   1136 C CE1 . PHE A 1 151 ? -10.101 11.489  -8.126  1.00 57.27 ? 145 PHE A CE1 1 
ATOM   1137 C CE2 . PHE A 1 151 ? -10.828 13.479  -9.257  1.00 58.33 ? 145 PHE A CE2 1 
ATOM   1138 C CZ  . PHE A 1 151 ? -10.194 12.879  -8.183  1.00 58.47 ? 145 PHE A CZ  1 
ATOM   1139 N N   . PHE A 1 152 ? -13.636 8.070   -12.458 1.00 49.75 ? 146 PHE A N   1 
ATOM   1140 C CA  . PHE A 1 152 ? -14.161 7.372   -13.626 1.00 52.73 ? 146 PHE A CA  1 
ATOM   1141 C C   . PHE A 1 152 ? -15.681 7.480   -13.707 1.00 53.15 ? 146 PHE A C   1 
ATOM   1142 O O   . PHE A 1 152 ? -16.245 7.684   -14.780 1.00 52.66 ? 146 PHE A O   1 
ATOM   1143 C CB  . PHE A 1 152 ? -13.716 5.905   -13.642 1.00 49.06 ? 146 PHE A CB  1 
ATOM   1144 C CG  . PHE A 1 152 ? -12.307 5.702   -14.142 1.00 50.77 ? 146 PHE A CG  1 
ATOM   1145 C CD1 . PHE A 1 152 ? -11.868 6.345   -15.290 1.00 50.69 ? 146 PHE A CD1 1 
ATOM   1146 C CD2 . PHE A 1 152 ? -11.424 4.864   -13.469 1.00 41.18 ? 146 PHE A CD2 1 
ATOM   1147 C CE1 . PHE A 1 152 ? -10.580 6.165   -15.746 1.00 48.25 ? 146 PHE A CE1 1 
ATOM   1148 C CE2 . PHE A 1 152 ? -10.135 4.682   -13.931 1.00 37.75 ? 146 PHE A CE2 1 
ATOM   1149 C CZ  . PHE A 1 152 ? -9.715  5.329   -15.064 1.00 37.82 ? 146 PHE A CZ  1 
ATOM   1150 N N   . LYS A 1 153 ? -16.332 7.354   -12.559 1.00 56.67 ? 147 LYS A N   1 
ATOM   1151 C CA  . LYS A 1 153 ? -17.785 7.438   -12.481 1.00 59.23 ? 147 LYS A CA  1 
ATOM   1152 C C   . LYS A 1 153 ? -18.288 8.856   -12.744 1.00 60.64 ? 147 LYS A C   1 
ATOM   1153 O O   . LYS A 1 153 ? -19.429 9.062   -13.160 1.00 60.61 ? 147 LYS A O   1 
ATOM   1154 C CB  . LYS A 1 153 ? -18.248 6.967   -11.110 1.00 55.05 ? 147 LYS A CB  1 
ATOM   1155 C CG  . LYS A 1 153 ? -17.769 5.577   -10.765 1.00 56.13 ? 147 LYS A CG  1 
ATOM   1156 C CD  . LYS A 1 153 ? -18.156 5.207   -9.347  1.00 59.20 ? 147 LYS A CD  1 
ATOM   1157 C CE  . LYS A 1 153 ? -17.971 3.719   -9.125  1.00 64.39 ? 147 LYS A CE  1 
ATOM   1158 N NZ  . LYS A 1 153 ? -18.512 2.943   -10.287 1.00 70.62 ? 147 LYS A NZ  1 
ATOM   1159 N N   . GLN A 1 154 ? -17.431 9.836   -12.495 1.00 61.27 ? 148 GLN A N   1 
ATOM   1160 C CA  . GLN A 1 154 ? -17.805 11.224  -12.700 1.00 61.05 ? 148 GLN A CA  1 
ATOM   1161 C C   . GLN A 1 154 ? -17.580 11.642  -14.149 1.00 61.78 ? 148 GLN A C   1 
ATOM   1162 O O   . GLN A 1 154 ? -17.851 12.774  -14.536 1.00 63.95 ? 148 GLN A O   1 
ATOM   1163 C CB  . GLN A 1 154 ? -17.036 12.125  -11.740 1.00 58.33 ? 148 GLN A CB  1 
ATOM   1164 C CG  . GLN A 1 154 ? -17.340 11.844  -10.279 1.00 56.84 ? 148 GLN A CG  1 
ATOM   1165 C CD  . GLN A 1 154 ? -16.564 12.739  -9.349  1.00 60.53 ? 148 GLN A CD  1 
ATOM   1166 O OE1 . GLN A 1 154 ? -15.370 12.974  -9.545  1.00 69.09 ? 148 GLN A OE1 1 
ATOM   1167 N NE2 . GLN A 1 154 ? -17.236 13.248  -8.326  1.00 66.59 ? 148 GLN A NE2 1 
ATOM   1168 N N   . GLN A 1 155 ? -17.085 10.718  -14.956 1.00 63.38 ? 149 GLN A N   1 
ATOM   1169 C CA  . GLN A 1 155 ? -16.969 10.980  -16.377 1.00 66.05 ? 149 GLN A CA  1 
ATOM   1170 C C   . GLN A 1 155 ? -18.334 10.685  -16.989 1.00 70.91 ? 149 GLN A C   1 
ATOM   1171 O O   . GLN A 1 155 ? -18.919 9.625   -16.724 1.00 70.85 ? 149 GLN A O   1 
ATOM   1172 C CB  . GLN A 1 155 ? -15.885 10.097  -17.004 1.00 66.22 ? 149 GLN A CB  1 
ATOM   1173 C CG  . GLN A 1 155 ? -14.514 10.226  -16.353 1.00 56.27 ? 149 GLN A CG  1 
ATOM   1174 C CD  . GLN A 1 155 ? -13.983 11.641  -16.424 1.00 64.71 ? 149 GLN A CD  1 
ATOM   1175 O OE1 . GLN A 1 155 ? -14.006 12.273  -17.486 1.00 68.29 ? 149 GLN A OE1 1 
ATOM   1176 N NE2 . GLN A 1 155 ? -13.506 12.154  -15.292 1.00 53.92 ? 149 GLN A NE2 1 
ATOM   1177 N N   . ASN A 1 156 ? -18.856 11.630  -17.776 1.00 70.07 ? 150 ASN A N   1 
ATOM   1178 C CA  . ASN A 1 156 ? -20.116 11.422  -18.496 1.00 70.88 ? 150 ASN A CA  1 
ATOM   1179 C C   . ASN A 1 156 ? -19.922 10.495  -19.693 1.00 71.46 ? 150 ASN A C   1 
ATOM   1180 O O   . ASN A 1 156 ? -20.398 10.757  -20.804 1.00 71.84 ? 150 ASN A O   1 
ATOM   1181 C CB  . ASN A 1 156 ? -20.758 12.749  -18.914 1.00 71.27 ? 150 ASN A CB  1 
ATOM   1182 C CG  . ASN A 1 156 ? -21.598 13.364  -17.801 1.00 83.30 ? 150 ASN A CG  1 
ATOM   1183 O OD1 . ASN A 1 156 ? -21.227 13.320  -16.622 1.00 74.88 ? 150 ASN A OD1 1 
ATOM   1184 N ND2 . ASN A 1 156 ? -22.740 13.938  -18.172 1.00 84.26 ? 150 ASN A ND2 1 
ATOM   1185 N N   . ASN A 1 157 ? -19.202 9.409   -19.433 1.00 70.40 ? 151 ASN A N   1 
ATOM   1186 C CA  . ASN A 1 157 ? -18.912 8.371   -20.405 1.00 65.56 ? 151 ASN A CA  1 
ATOM   1187 C C   . ASN A 1 157 ? -19.424 7.068   -19.829 1.00 55.48 ? 151 ASN A C   1 
ATOM   1188 O O   . ASN A 1 157 ? -19.117 6.727   -18.692 1.00 56.36 ? 151 ASN A O   1 
ATOM   1189 C CB  . ASN A 1 157 ? -17.404 8.302   -20.660 1.00 57.46 ? 151 ASN A CB  1 
ATOM   1190 C CG  . ASN A 1 157 ? -17.016 7.151   -21.562 1.00 64.88 ? 151 ASN A CG  1 
ATOM   1191 O OD1 . ASN A 1 157 ? -17.568 6.052   -21.460 1.00 64.52 ? 151 ASN A OD1 1 
ATOM   1192 N ND2 . ASN A 1 157 ? -16.043 7.391   -22.442 1.00 60.67 ? 151 ASN A ND2 1 
ATOM   1193 N N   . SER A 1 158 ? -20.227 6.353   -20.603 1.00 59.34 ? 152 SER A N   1 
ATOM   1194 C CA  . SER A 1 158 ? -20.891 5.161   -20.089 1.00 64.79 ? 152 SER A CA  1 
ATOM   1195 C C   . SER A 1 158 ? -19.923 3.990   -19.966 1.00 57.82 ? 152 SER A C   1 
ATOM   1196 O O   . SER A 1 158 ? -20.059 3.164   -19.071 1.00 54.28 ? 152 SER A O   1 
ATOM   1197 C CB  . SER A 1 158 ? -22.084 4.786   -20.965 1.00 65.20 ? 152 SER A CB  1 
ATOM   1198 O OG  . SER A 1 158 ? -22.942 5.899   -21.133 1.00 71.18 ? 152 SER A OG  1 
ATOM   1199 N N   . TYR A 1 159 ? -18.949 3.925   -20.869 1.00 58.56 ? 153 TYR A N   1 
ATOM   1200 C CA  . TYR A 1 159 ? -17.908 2.905   -20.799 1.00 59.19 ? 153 TYR A CA  1 
ATOM   1201 C C   . TYR A 1 159 ? -17.034 3.086   -19.563 1.00 58.65 ? 153 TYR A C   1 
ATOM   1202 O O   . TYR A 1 159 ? -16.590 2.102   -18.964 1.00 59.47 ? 153 TYR A O   1 
ATOM   1203 C CB  . TYR A 1 159 ? -17.030 2.958   -22.045 1.00 59.12 ? 153 TYR A CB  1 
ATOM   1204 C CG  . TYR A 1 159 ? -15.815 2.056   -21.983 1.00 57.26 ? 153 TYR A CG  1 
ATOM   1205 C CD1 . TYR A 1 159 ? -15.846 0.781   -22.536 1.00 58.15 ? 153 TYR A CD1 1 
ATOM   1206 C CD2 . TYR A 1 159 ? -14.633 2.486   -21.383 1.00 59.24 ? 153 TYR A CD2 1 
ATOM   1207 C CE1 . TYR A 1 159 ? -14.735 -0.048  -22.491 1.00 60.91 ? 153 TYR A CE1 1 
ATOM   1208 C CE2 . TYR A 1 159 ? -13.509 1.670   -21.332 1.00 51.48 ? 153 TYR A CE2 1 
ATOM   1209 C CZ  . TYR A 1 159 ? -13.568 0.401   -21.884 1.00 62.15 ? 153 TYR A CZ  1 
ATOM   1210 O OH  . TYR A 1 159 ? -12.457 -0.417  -21.837 1.00 57.85 ? 153 TYR A OH  1 
ATOM   1211 N N   . MET A 1 160 ? -16.794 4.343   -19.188 1.00 55.46 ? 154 MET A N   1 
ATOM   1212 C CA  . MET A 1 160 ? -15.909 4.666   -18.077 1.00 48.98 ? 154 MET A CA  1 
ATOM   1213 C C   . MET A 1 160 ? -16.580 4.440   -16.736 1.00 56.65 ? 154 MET A C   1 
ATOM   1214 O O   . MET A 1 160 ? -15.907 4.127   -15.741 1.00 50.24 ? 154 MET A O   1 
ATOM   1215 C CB  . MET A 1 160 ? -15.406 6.108   -18.178 1.00 53.19 ? 154 MET A CB  1 
ATOM   1216 C CG  . MET A 1 160 ? -14.373 6.332   -19.284 1.00 47.08 ? 154 MET A CG  1 
ATOM   1217 S SD  . MET A 1 160 ? -13.605 7.973   -19.213 1.00 70.40 ? 154 MET A SD  1 
ATOM   1218 C CE  . MET A 1 160 ? -12.537 7.903   -20.657 1.00 55.27 ? 154 MET A CE  1 
ATOM   1219 N N   . LYS A 1 161 ? -17.901 4.597   -16.703 1.00 54.03 ? 155 LYS A N   1 
ATOM   1220 C CA  . LYS A 1 161 ? -18.627 4.414   -15.451 1.00 54.98 ? 155 LYS A CA  1 
ATOM   1221 C C   . LYS A 1 161 ? -18.988 2.958   -15.150 1.00 54.00 ? 155 LYS A C   1 
ATOM   1222 O O   . LYS A 1 161 ? -18.928 2.528   -13.990 1.00 53.38 ? 155 LYS A O   1 
ATOM   1223 C CB  . LYS A 1 161 ? -19.880 5.292   -15.383 1.00 62.43 ? 155 LYS A CB  1 
ATOM   1224 C CG  . LYS A 1 161 ? -20.675 5.048   -14.097 1.00 61.72 ? 155 LYS A CG  1 
ATOM   1225 C CD  . LYS A 1 161 ? -21.656 6.163   -13.786 1.00 68.32 ? 155 LYS A CD  1 
ATOM   1226 C CE  . LYS A 1 161 ? -22.891 6.090   -14.660 1.00 66.36 ? 155 LYS A CE  1 
ATOM   1227 N NZ  . LYS A 1 161 ? -23.731 7.311   -14.489 1.00 68.39 ? 155 LYS A NZ  1 
ATOM   1228 N N   . LYS A 1 162 ? -19.370 2.209   -16.184 1.00 48.44 ? 156 LYS A N   1 
ATOM   1229 C CA  . LYS A 1 162 ? -19.740 0.802   -16.015 1.00 52.43 ? 156 LYS A CA  1 
ATOM   1230 C C   . LYS A 1 162 ? -18.531 -0.069  -15.683 1.00 53.86 ? 156 LYS A C   1 
ATOM   1231 O O   . LYS A 1 162 ? -18.662 -1.117  -15.055 1.00 59.38 ? 156 LYS A O   1 
ATOM   1232 C CB  . LYS A 1 162 ? -20.437 0.261   -17.269 1.00 49.55 ? 156 LYS A CB  1 
ATOM   1233 C CG  . LYS A 1 162 ? -19.529 0.221   -18.496 1.00 57.18 ? 156 LYS A CG  1 
ATOM   1234 C CD  . LYS A 1 162 ? -19.831 -0.971  -19.401 1.00 59.68 ? 156 LYS A CD  1 
ATOM   1235 C CE  . LYS A 1 162 ? -19.013 -0.893  -20.688 1.00 60.63 ? 156 LYS A CE  1 
ATOM   1236 N NZ  . LYS A 1 162 ? -18.743 -2.222  -21.326 1.00 51.53 ? 156 LYS A NZ  1 
ATOM   1237 N N   . ASN A 1 163 ? -17.355 0.366   -16.115 1.00 50.05 ? 157 ASN A N   1 
ATOM   1238 C CA  . ASN A 1 163 ? -16.139 -0.413  -15.954 1.00 46.60 ? 157 ASN A CA  1 
ATOM   1239 C C   . ASN A 1 163 ? -15.176 0.208   -14.949 1.00 44.64 ? 157 ASN A C   1 
ATOM   1240 O O   . ASN A 1 163 ? -14.064 -0.267  -14.790 1.00 44.18 ? 157 ASN A O   1 
ATOM   1241 C CB  . ASN A 1 163 ? -15.434 -0.551  -17.303 1.00 49.07 ? 157 ASN A CB  1 
ATOM   1242 C CG  . ASN A 1 163 ? -16.160 -1.483  -18.243 1.00 55.73 ? 157 ASN A CG  1 
ATOM   1243 O OD1 . ASN A 1 163 ? -16.448 -1.130  -19.391 1.00 51.94 ? 157 ASN A OD1 1 
ATOM   1244 N ND2 . ASN A 1 163 ? -16.463 -2.690  -17.758 1.00 53.71 ? 157 ASN A ND2 1 
ATOM   1245 N N   . ALA A 1 164 ? -15.630 1.249   -14.259 1.00 41.10 ? 158 ALA A N   1 
ATOM   1246 C CA  . ALA A 1 164 ? -14.755 2.107   -13.469 1.00 44.31 ? 158 ALA A CA  1 
ATOM   1247 C C   . ALA A 1 164 ? -13.806 1.383   -12.512 1.00 43.08 ? 158 ALA A C   1 
ATOM   1248 O O   . ALA A 1 164 ? -12.653 1.760   -12.379 1.00 38.22 ? 158 ALA A O   1 
ATOM   1249 C CB  . ALA A 1 164 ? -15.562 3.139   -12.738 1.00 42.57 ? 158 ALA A CB  1 
ATOM   1250 N N   . GLU A 1 165 ? -14.301 0.373   -11.814 1.00 43.25 ? 159 GLU A N   1 
ATOM   1251 C CA  . GLU A 1 165 ? -13.442 -0.401  -10.943 1.00 43.90 ? 159 GLU A CA  1 
ATOM   1252 C C   . GLU A 1 165 ? -12.389 -1.132  -11.748 1.00 40.72 ? 159 GLU A C   1 
ATOM   1253 O O   . GLU A 1 165 ? -11.212 -1.077  -11.415 1.00 38.37 ? 159 GLU A O   1 
ATOM   1254 C CB  . GLU A 1 165 ? -14.242 -1.377  -10.088 1.00 42.50 ? 159 GLU A CB  1 
ATOM   1255 C CG  . GLU A 1 165 ? -13.387 -2.106  -9.073  1.00 50.73 ? 159 GLU A CG  1 
ATOM   1256 C CD  . GLU A 1 165 ? -14.197 -2.723  -7.949  1.00 54.27 ? 159 GLU A CD  1 
ATOM   1257 O OE1 . GLU A 1 165 ? -14.613 -3.887  -8.120  1.00 57.08 ? 159 GLU A OE1 1 
ATOM   1258 O OE2 . GLU A 1 165 ? -14.413 -2.049  -6.910  1.00 59.04 ? 159 GLU A OE2 1 
ATOM   1259 N N   . LYS A 1 166 ? -12.806 -1.788  -12.825 1.00 40.41 ? 160 LYS A N   1 
ATOM   1260 C CA  . LYS A 1 166 ? -11.876 -2.572  -13.619 1.00 41.19 ? 160 LYS A CA  1 
ATOM   1261 C C   . LYS A 1 166 ? -10.805 -1.678  -14.259 1.00 44.70 ? 160 LYS A C   1 
ATOM   1262 O O   . LYS A 1 166 ? -9.637  -2.074  -14.386 1.00 39.52 ? 160 LYS A O   1 
ATOM   1263 C CB  . LYS A 1 166 ? -12.609 -3.426  -14.664 1.00 40.37 ? 160 LYS A CB  1 
ATOM   1264 C CG  . LYS A 1 166 ? -11.700 -4.453  -15.346 1.00 45.79 ? 160 LYS A CG  1 
ATOM   1265 C CD  . LYS A 1 166 ? -12.430 -5.473  -16.257 1.00 45.84 ? 160 LYS A CD  1 
ATOM   1266 C CE  . LYS A 1 166 ? -11.428 -6.542  -16.813 1.00 43.37 ? 160 LYS A CE  1 
ATOM   1267 N NZ  . LYS A 1 166 ? -12.051 -7.769  -17.435 1.00 43.82 ? 160 LYS A NZ  1 
ATOM   1268 N N   . LEU A 1 167 ? -11.186 -0.457  -14.617 1.00 38.93 ? 161 LEU A N   1 
ATOM   1269 C CA  . LEU A 1 167 ? -10.248 0.472   -15.254 1.00 39.27 ? 161 LEU A CA  1 
ATOM   1270 C C   . LEU A 1 167 ? -9.224  1.005   -14.256 1.00 36.44 ? 161 LEU A C   1 
ATOM   1271 O O   . LEU A 1 167 ? -8.058  1.228   -14.587 1.00 31.70 ? 161 LEU A O   1 
ATOM   1272 C CB  . LEU A 1 167 ? -10.994 1.634   -15.934 1.00 39.96 ? 161 LEU A CB  1 
ATOM   1273 C CG  . LEU A 1 167 ? -11.684 1.312   -17.264 1.00 40.63 ? 161 LEU A CG  1 
ATOM   1274 C CD1 . LEU A 1 167 ? -12.618 2.441   -17.670 1.00 45.18 ? 161 LEU A CD1 1 
ATOM   1275 C CD2 . LEU A 1 167 ? -10.678 1.017   -18.377 1.00 31.04 ? 161 LEU A CD2 1 
ATOM   1276 N N   . ALA A 1 168 ? -9.684  1.191   -13.028 1.00 34.12 ? 162 ALA A N   1 
ATOM   1277 C CA  . ALA A 1 168 ? -8.844  1.719   -11.972 1.00 35.53 ? 162 ALA A CA  1 
ATOM   1278 C C   . ALA A 1 168 ? -7.789  0.658   -11.676 1.00 35.30 ? 162 ALA A C   1 
ATOM   1279 O O   . ALA A 1 168 ? -6.603  0.955   -11.512 1.00 28.15 ? 162 ALA A O   1 
ATOM   1280 C CB  . ALA A 1 168 ? -9.664  2.019   -10.726 1.00 30.66 ? 162 ALA A CB  1 
ATOM   1281 N N   . VAL A 1 169 ? -8.221  -0.596  -11.619 1.00 33.43 ? 163 VAL A N   1 
ATOM   1282 C CA  . VAL A 1 169 ? -7.288  -1.657  -11.303 1.00 37.56 ? 163 VAL A CA  1 
ATOM   1283 C C   . VAL A 1 169 ? -6.291  -1.832  -12.450 1.00 35.52 ? 163 VAL A C   1 
ATOM   1284 O O   . VAL A 1 169 ? -5.085  -1.945  -12.227 1.00 32.97 ? 163 VAL A O   1 
ATOM   1285 C CB  . VAL A 1 169 ? -8.023  -2.946  -10.924 1.00 43.31 ? 163 VAL A CB  1 
ATOM   1286 C CG1 . VAL A 1 169 ? -7.070  -4.121  -10.893 1.00 43.17 ? 163 VAL A CG1 1 
ATOM   1287 C CG2 . VAL A 1 169 ? -8.665  -2.756  -9.557  1.00 42.47 ? 163 VAL A CG2 1 
ATOM   1288 N N   . LEU A 1 170 ? -6.792  -1.794  -13.678 1.00 32.82 ? 164 LEU A N   1 
ATOM   1289 C CA  . LEU A 1 170 ? -5.938  -1.884  -14.854 1.00 31.22 ? 164 LEU A CA  1 
ATOM   1290 C C   . LEU A 1 170 ? -4.791  -0.862  -14.850 1.00 31.45 ? 164 LEU A C   1 
ATOM   1291 O O   . LEU A 1 170 ? -3.622  -1.192  -15.076 1.00 25.66 ? 164 LEU A O   1 
ATOM   1292 C CB  . LEU A 1 170 ? -6.786  -1.683  -16.108 1.00 31.33 ? 164 LEU A CB  1 
ATOM   1293 C CG  . LEU A 1 170 ? -5.955  -1.769  -17.377 1.00 32.21 ? 164 LEU A CG  1 
ATOM   1294 C CD1 . LEU A 1 170 ? -5.182  -3.089  -17.382 1.00 27.87 ? 164 LEU A CD1 1 
ATOM   1295 C CD2 . LEU A 1 170 ? -6.822  -1.627  -18.613 1.00 32.31 ? 164 LEU A CD2 1 
ATOM   1296 N N   . PHE A 1 171 ? -5.148  0.391   -14.608 1.00 31.18 ? 165 PHE A N   1 
ATOM   1297 C CA  . PHE A 1 171 ? -4.199  1.479   -14.695 1.00 32.94 ? 165 PHE A CA  1 
ATOM   1298 C C   . PHE A 1 171 ? -3.066  1.362   -13.656 1.00 29.65 ? 165 PHE A C   1 
ATOM   1299 O O   . PHE A 1 171 ? -1.875  1.498   -13.978 1.00 24.84 ? 165 PHE A O   1 
ATOM   1300 C CB  . PHE A 1 171 ? -4.941  2.816   -14.553 1.00 33.32 ? 165 PHE A CB  1 
ATOM   1301 C CG  . PHE A 1 171 ? -4.049  4.020   -14.654 1.00 30.93 ? 165 PHE A CG  1 
ATOM   1302 C CD1 . PHE A 1 171 ? -3.498  4.392   -15.871 1.00 33.29 ? 165 PHE A CD1 1 
ATOM   1303 C CD2 . PHE A 1 171 ? -3.751  4.771   -13.531 1.00 26.82 ? 165 PHE A CD2 1 
ATOM   1304 C CE1 . PHE A 1 171 ? -2.678  5.500   -15.963 1.00 35.89 ? 165 PHE A CE1 1 
ATOM   1305 C CE2 . PHE A 1 171 ? -2.935  5.878   -13.619 1.00 28.64 ? 165 PHE A CE2 1 
ATOM   1306 C CZ  . PHE A 1 171 ? -2.400  6.246   -14.829 1.00 31.84 ? 165 PHE A CZ  1 
ATOM   1307 N N   . CYS A 1 172 ? -3.447  1.139   -12.409 1.00 25.88 ? 166 CYS A N   1 
ATOM   1308 C CA  . CYS A 1 172 ? -2.464  0.986   -11.353 1.00 34.97 ? 166 CYS A CA  1 
ATOM   1309 C C   . CYS A 1 172 ? -1.593  -0.275  -11.576 1.00 32.17 ? 166 CYS A C   1 
ATOM   1310 O O   . CYS A 1 172 ? -0.385  -0.265  -11.328 1.00 33.06 ? 166 CYS A O   1 
ATOM   1311 C CB  . CYS A 1 172 ? -3.141  1.035   -9.972  1.00 35.82 ? 166 CYS A CB  1 
ATOM   1312 S SG  . CYS A 1 172 ? -4.074  -0.439  -9.596  1.00 77.03 ? 166 CYS A SG  1 
ATOM   1313 N N   . THR A 1 173 ? -2.194  -1.330  -12.117 1.00 30.84 ? 167 THR A N   1 
ATOM   1314 C CA  . THR A 1 173 ? -1.436  -2.506  -12.541 1.00 25.16 ? 167 THR A CA  1 
ATOM   1315 C C   . THR A 1 173 ? -0.373  -2.177  -13.629 1.00 24.13 ? 167 THR A C   1 
ATOM   1316 O O   . THR A 1 173 ? 0.775   -2.602  -13.519 1.00 22.48 ? 167 THR A O   1 
ATOM   1317 C CB  . THR A 1 173 ? -2.398  -3.706  -12.931 1.00 27.53 ? 167 THR A CB  1 
ATOM   1318 O OG1 . THR A 1 173 ? -3.079  -4.181  -11.761 1.00 29.04 ? 167 THR A OG1 1 
ATOM   1319 C CG2 . THR A 1 173 ? -1.645  -4.863  -13.553 1.00 22.89 ? 167 THR A CG2 1 
ATOM   1320 N N   . MET A 1 174 ? -0.752  -1.413  -14.657 1.00 25.17 ? 168 MET A N   1 
ATOM   1321 C CA  . MET A 1 174 ? 0.183   -0.966  -15.702 1.00 20.00 ? 168 MET A CA  1 
ATOM   1322 C C   . MET A 1 174 ? 1.376   -0.153  -15.149 1.00 26.38 ? 168 MET A C   1 
ATOM   1323 O O   . MET A 1 174 ? 2.507   -0.261  -15.638 1.00 25.25 ? 168 MET A O   1 
ATOM   1324 C CB  . MET A 1 174 ? -0.554  -0.129  -16.743 1.00 23.44 ? 168 MET A CB  1 
ATOM   1325 C CG  . MET A 1 174 ? -1.583  -0.883  -17.558 1.00 31.00 ? 168 MET A CG  1 
ATOM   1326 S SD  . MET A 1 174 ? -2.697  0.179   -18.525 1.00 30.52 ? 168 MET A SD  1 
ATOM   1327 C CE  . MET A 1 174 ? -1.636  0.566   -19.904 1.00 32.75 ? 168 MET A CE  1 
ATOM   1328 N N   . LEU A 1 175 ? 1.100   0.660   -14.138 1.00 24.42 ? 169 LEU A N   1 
ATOM   1329 C CA  . LEU A 1 175 ? 2.102   1.455   -13.434 1.00 27.62 ? 169 LEU A CA  1 
ATOM   1330 C C   . LEU A 1 175 ? 3.047   0.591   -12.601 1.00 28.02 ? 169 LEU A C   1 
ATOM   1331 O O   . LEU A 1 175 ? 4.275   0.805   -12.583 1.00 27.55 ? 169 LEU A O   1 
ATOM   1332 C CB  . LEU A 1 175 ? 1.405   2.441   -12.483 1.00 27.58 ? 169 LEU A CB  1 
ATOM   1333 C CG  . LEU A 1 175 ? 0.665   3.630   -13.093 1.00 31.24 ? 169 LEU A CG  1 
ATOM   1334 C CD1 . LEU A 1 175 ? 0.025   4.495   -12.002 1.00 31.24 ? 169 LEU A CD1 1 
ATOM   1335 C CD2 . LEU A 1 175 ? 1.605   4.474   -13.959 1.00 34.41 ? 169 LEU A CD2 1 
ATOM   1336 N N   . LYS A 1 176 ? 2.467   -0.383  -11.920 1.00 28.17 ? 170 LYS A N   1 
ATOM   1337 C CA  . LYS A 1 176 ? 3.099   -1.113  -10.857 1.00 24.74 ? 170 LYS A CA  1 
ATOM   1338 C C   . LYS A 1 176 ? 3.837   -2.365  -11.257 1.00 23.24 ? 170 LYS A C   1 
ATOM   1339 O O   . LYS A 1 176 ? 4.885   -2.609  -10.800 1.00 27.49 ? 170 LYS A O   1 
ATOM   1340 C CB  . LYS A 1 176 ? 2.055   -1.404  -9.801  1.00 31.37 ? 170 LYS A CB  1 
ATOM   1341 C CG  . LYS A 1 176 ? 2.363   -2.453  -8.803  1.00 30.95 ? 170 LYS A CG  1 
ATOM   1342 C CD  . LYS A 1 176 ? 1.994   -1.984  -7.455  1.00 34.89 ? 170 LYS A CD  1 
ATOM   1343 C CE  . LYS A 1 176 ? 1.430   -3.060  -6.579  1.00 41.98 ? 170 LYS A CE  1 
ATOM   1344 N NZ  . LYS A 1 176 ? 0.304   -2.551  -5.672  1.00 53.62 ? 170 LYS A NZ  1 
ATOM   1345 N N   . GLU A 1 177 ? 3.285   -3.144  -12.141 1.00 24.78 ? 171 GLU A N   1 
ATOM   1346 C CA  . GLU A 1 177 ? 3.845   -4.464  -12.458 1.00 28.46 ? 171 GLU A CA  1 
ATOM   1347 C C   . GLU A 1 177 ? 4.425   -4.518  -13.871 1.00 27.07 ? 171 GLU A C   1 
ATOM   1348 O O   . GLU A 1 177 ? 3.967   -3.793  -14.753 1.00 28.48 ? 171 GLU A O   1 
ATOM   1349 C CB  . GLU A 1 177 ? 2.802   -5.581  -12.248 1.00 25.99 ? 171 GLU A CB  1 
ATOM   1350 C CG  . GLU A 1 177 ? 2.222   -5.686  -10.806 1.00 25.55 ? 171 GLU A CG  1 
ATOM   1351 C CD  . GLU A 1 177 ? 3.249   -6.148  -9.735  1.00 28.12 ? 171 GLU A CD  1 
ATOM   1352 O OE1 . GLU A 1 177 ? 4.450   -6.313  -10.055 1.00 24.38 ? 171 GLU A OE1 1 
ATOM   1353 O OE2 . GLU A 1 177 ? 2.852   -6.322  -8.558  1.00 26.92 ? 171 GLU A OE2 1 
ATOM   1354 N N   . PRO A 1 178 ? 5.407   -5.409  -14.107 1.00 24.76 ? 172 PRO A N   1 
ATOM   1355 C CA  . PRO A 1 178 ? 5.871   -6.434  -13.170 1.00 23.70 ? 172 PRO A CA  1 
ATOM   1356 C C   . PRO A 1 178 ? 6.984   -5.949  -12.237 1.00 27.20 ? 172 PRO A C   1 
ATOM   1357 O O   . PRO A 1 178 ? 7.633   -6.789  -11.605 1.00 25.03 ? 172 PRO A O   1 
ATOM   1358 C CB  . PRO A 1 178 ? 6.415   -7.520  -14.102 1.00 27.26 ? 172 PRO A CB  1 
ATOM   1359 C CG  . PRO A 1 178 ? 6.945   -6.748  -15.300 1.00 25.69 ? 172 PRO A CG  1 
ATOM   1360 C CD  . PRO A 1 178 ? 6.093   -5.501  -15.414 1.00 28.64 ? 172 PRO A CD  1 
ATOM   1361 N N   . TYR A 1 179 ? 7.180   -4.635  -12.139 1.00 25.59 ? 173 TYR A N   1 
ATOM   1362 C CA  . TYR A 1 179 ? 8.357   -4.066  -11.462 1.00 27.84 ? 173 TYR A CA  1 
ATOM   1363 C C   . TYR A 1 179 ? 8.402   -4.364  -9.969  1.00 23.53 ? 173 TYR A C   1 
ATOM   1364 O O   . TYR A 1 179 ? 9.417   -4.839  -9.441  1.00 25.37 ? 173 TYR A O   1 
ATOM   1365 C CB  . TYR A 1 179 ? 8.457   -2.556  -11.731 1.00 29.48 ? 173 TYR A CB  1 
ATOM   1366 C CG  . TYR A 1 179 ? 8.300   -2.239  -13.198 1.00 29.47 ? 173 TYR A CG  1 
ATOM   1367 C CD1 . TYR A 1 179 ? 7.060   -1.910  -13.728 1.00 32.08 ? 173 TYR A CD1 1 
ATOM   1368 C CD2 . TYR A 1 179 ? 9.382   -2.328  -14.064 1.00 33.25 ? 173 TYR A CD2 1 
ATOM   1369 C CE1 . TYR A 1 179 ? 6.899   -1.643  -15.086 1.00 33.84 ? 173 TYR A CE1 1 
ATOM   1370 C CE2 . TYR A 1 179 ? 9.239   -2.068  -15.423 1.00 40.91 ? 173 TYR A CE2 1 
ATOM   1371 C CZ  . TYR A 1 179 ? 7.990   -1.721  -15.928 1.00 41.96 ? 173 TYR A CZ  1 
ATOM   1372 O OH  . TYR A 1 179 ? 7.839   -1.463  -17.272 1.00 38.63 ? 173 TYR A OH  1 
ATOM   1373 N N   . HIS A 1 180 ? 7.297   -4.112  -9.289  1.00 25.18 ? 174 HIS A N   1 
ATOM   1374 C CA  . HIS A 1 180 ? 7.215   -4.389  -7.853  1.00 28.16 ? 174 HIS A CA  1 
ATOM   1375 C C   . HIS A 1 180 ? 7.535   -5.849  -7.586  1.00 25.60 ? 174 HIS A C   1 
ATOM   1376 O O   . HIS A 1 180 ? 8.311   -6.203  -6.687  1.00 24.87 ? 174 HIS A O   1 
ATOM   1377 C CB  . HIS A 1 180 ? 5.820   -4.056  -7.311  1.00 23.91 ? 174 HIS A CB  1 
ATOM   1378 C CG  . HIS A 1 180 ? 5.704   -4.228  -5.830  1.00 32.93 ? 174 HIS A CG  1 
ATOM   1379 N ND1 . HIS A 1 180 ? 6.348   -3.400  -4.937  1.00 30.39 ? 174 HIS A ND1 1 
ATOM   1380 C CD2 . HIS A 1 180 ? 5.039   -5.145  -5.086  1.00 30.59 ? 174 HIS A CD2 1 
ATOM   1381 C CE1 . HIS A 1 180 ? 6.075   -3.793  -3.704  1.00 36.04 ? 174 HIS A CE1 1 
ATOM   1382 N NE2 . HIS A 1 180 ? 5.280   -4.844  -3.766  1.00 36.73 ? 174 HIS A NE2 1 
ATOM   1383 N N   . HIS A 1 181 ? 6.899   -6.698  -8.368  1.00 21.47 ? 175 HIS A N   1 
ATOM   1384 C CA  . HIS A 1 181 ? 7.150   -8.121  -8.328  1.00 25.25 ? 175 HIS A CA  1 
ATOM   1385 C C   . HIS A 1 181 ? 8.653   -8.478  -8.398  1.00 24.06 ? 175 HIS A C   1 
ATOM   1386 O O   . HIS A 1 181 ? 9.163   -9.289  -7.623  1.00 22.96 ? 175 HIS A O   1 
ATOM   1387 C CB  . HIS A 1 181 ? 6.393   -8.738  -9.499  1.00 23.67 ? 175 HIS A CB  1 
ATOM   1388 C CG  . HIS A 1 181 ? 6.292   -10.214 -9.435  1.00 32.18 ? 175 HIS A CG  1 
ATOM   1389 N ND1 . HIS A 1 181 ? 5.550   -10.865 -8.475  1.00 38.21 ? 175 HIS A ND1 1 
ATOM   1390 C CD2 . HIS A 1 181 ? 6.841   -11.180 -10.214 1.00 47.18 ? 175 HIS A CD2 1 
ATOM   1391 C CE1 . HIS A 1 181 ? 5.657   -12.173 -8.656  1.00 42.29 ? 175 HIS A CE1 1 
ATOM   1392 N NE2 . HIS A 1 181 ? 6.423   -12.391 -9.710  1.00 44.55 ? 175 HIS A NE2 1 
ATOM   1393 N N   . LEU A 1 182 ? 9.357   -7.869  -9.342  1.00 23.53 ? 176 LEU A N   1 
ATOM   1394 C CA  . LEU A 1 182 ? 10.773  -8.144  -9.526  1.00 24.74 ? 176 LEU A CA  1 
ATOM   1395 C C   . LEU A 1 182 ? 11.611  -7.496  -8.439  1.00 24.07 ? 176 LEU A C   1 
ATOM   1396 O O   . LEU A 1 182 ? 12.598  -8.068  -8.013  1.00 26.55 ? 176 LEU A O   1 
ATOM   1397 C CB  . LEU A 1 182 ? 11.227  -7.679  -10.904 1.00 26.07 ? 176 LEU A CB  1 
ATOM   1398 C CG  . LEU A 1 182 ? 10.586  -8.478  -12.045 1.00 31.99 ? 176 LEU A CG  1 
ATOM   1399 C CD1 . LEU A 1 182 ? 10.833  -7.832  -13.412 1.00 37.73 ? 176 LEU A CD1 1 
ATOM   1400 C CD2 . LEU A 1 182 ? 11.068  -9.921  -12.031 1.00 26.13 ? 176 LEU A CD2 1 
ATOM   1401 N N   . ASN A 1 183 ? 11.219  -6.301  -8.006  1.00 21.97 ? 177 ASN A N   1 
ATOM   1402 C CA  . ASN A 1 183 ? 11.826  -5.686  -6.829  1.00 24.80 ? 177 ASN A CA  1 
ATOM   1403 C C   . ASN A 1 183 ? 11.773  -6.634  -5.652  1.00 22.65 ? 177 ASN A C   1 
ATOM   1404 O O   . ASN A 1 183 ? 12.771  -6.828  -4.964  1.00 27.52 ? 177 ASN A O   1 
ATOM   1405 C CB  . ASN A 1 183 ? 11.105  -4.401  -6.417  1.00 21.28 ? 177 ASN A CB  1 
ATOM   1406 C CG  . ASN A 1 183 ? 11.188  -3.311  -7.460  1.00 24.40 ? 177 ASN A CG  1 
ATOM   1407 O OD1 . ASN A 1 183 ? 12.230  -3.076  -8.072  1.00 27.73 ? 177 ASN A OD1 1 
ATOM   1408 N ND2 . ASN A 1 183 ? 10.077  -2.621  -7.655  1.00 28.29 ? 177 ASN A ND2 1 
ATOM   1409 N N   . VAL A 1 184 ? 10.604  -7.229  -5.428  1.00 24.53 ? 178 VAL A N   1 
ATOM   1410 C CA  . VAL A 1 184 ? 10.365  -8.045  -4.233  1.00 24.09 ? 178 VAL A CA  1 
ATOM   1411 C C   . VAL A 1 184 ? 11.056  -9.401  -4.344  1.00 25.06 ? 178 VAL A C   1 
ATOM   1412 O O   . VAL A 1 184 ? 11.780  -9.807  -3.446  1.00 24.05 ? 178 VAL A O   1 
ATOM   1413 C CB  . VAL A 1 184 ? 8.848   -8.226  -3.966  1.00 25.49 ? 178 VAL A CB  1 
ATOM   1414 C CG1 . VAL A 1 184 ? 8.581   -9.466  -3.079  1.00 25.61 ? 178 VAL A CG1 1 
ATOM   1415 C CG2 . VAL A 1 184 ? 8.278   -6.987  -3.339  1.00 28.24 ? 178 VAL A CG2 1 
ATOM   1416 N N   . LEU A 1 185 ? 10.840  -10.091 -5.464  1.00 26.80 ? 179 LEU A N   1 
ATOM   1417 C CA  . LEU A 1 185 ? 11.417  -11.419 -5.675  1.00 25.97 ? 179 LEU A CA  1 
ATOM   1418 C C   . LEU A 1 185 ? 12.950  -11.501 -5.779  1.00 26.89 ? 179 LEU A C   1 
ATOM   1419 O O   . LEU A 1 185 ? 13.567  -12.425 -5.260  1.00 29.03 ? 179 LEU A O   1 
ATOM   1420 C CB  . LEU A 1 185 ? 10.847  -12.025 -6.954  1.00 34.93 ? 179 LEU A CB  1 
ATOM   1421 C CG  . LEU A 1 185 ? 9.467   -12.642 -6.922  1.00 30.80 ? 179 LEU A CG  1 
ATOM   1422 C CD1 . LEU A 1 185 ? 9.179   -13.118 -8.334  1.00 33.57 ? 179 LEU A CD1 1 
ATOM   1423 C CD2 . LEU A 1 185 ? 9.468   -13.761 -5.902  1.00 29.36 ? 179 LEU A CD2 1 
ATOM   1424 N N   . ILE A 1 186 ? 13.565  -10.584 -6.507  1.00 26.00 ? 180 ILE A N   1 
ATOM   1425 C CA  . ILE A 1 186 ? 14.985  -10.736 -6.801  1.00 30.29 ? 180 ILE A CA  1 
ATOM   1426 C C   . ILE A 1 186 ? 15.724  -9.453  -6.572  1.00 30.14 ? 180 ILE A C   1 
ATOM   1427 O O   . ILE A 1 186 ? 16.875  -9.335  -6.967  1.00 38.95 ? 180 ILE A O   1 
ATOM   1428 C CB  . ILE A 1 186 ? 15.255  -11.125 -8.268  1.00 35.27 ? 180 ILE A CB  1 
ATOM   1429 C CG1 . ILE A 1 186 ? 14.766  -10.014 -9.202  1.00 27.88 ? 180 ILE A CG1 1 
ATOM   1430 C CG2 . ILE A 1 186 ? 14.680  -12.537 -8.614  1.00 27.73 ? 180 ILE A CG2 1 
ATOM   1431 C CD1 . ILE A 1 186 ? 14.908  -10.389 -10.669 1.00 30.59 ? 180 ILE A CD1 1 
ATOM   1432 N N   . ASN A 1 187 ? 15.059  -8.485  -5.956  1.00 29.66 ? 181 ASN A N   1 
ATOM   1433 C CA  . ASN A 1 187 ? 15.697  -7.213  -5.661  1.00 34.09 ? 181 ASN A CA  1 
ATOM   1434 C C   . ASN A 1 187 ? 16.122  -6.412  -6.891  1.00 31.83 ? 181 ASN A C   1 
ATOM   1435 O O   . ASN A 1 187 ? 17.135  -5.711  -6.863  1.00 30.28 ? 181 ASN A O   1 
ATOM   1436 C CB  . ASN A 1 187 ? 16.893  -7.430  -4.732  1.00 35.25 ? 181 ASN A CB  1 
ATOM   1437 C CG  . ASN A 1 187 ? 16.537  -7.208  -3.291  1.00 46.58 ? 181 ASN A CG  1 
ATOM   1438 O OD1 . ASN A 1 187 ? 16.386  -6.055  -2.848  1.00 48.75 ? 181 ASN A OD1 1 
ATOM   1439 N ND2 . ASN A 1 187 ? 16.381  -8.305  -2.539  1.00 39.00 ? 181 ASN A ND2 1 
ATOM   1440 N N   . ALA A 1 188 ? 15.357  -6.526  -7.969  1.00 28.00 ? 182 ALA A N   1 
ATOM   1441 C CA  . ALA A 1 188 ? 15.522  -5.611  -9.087  1.00 27.65 ? 182 ALA A CA  1 
ATOM   1442 C C   . ALA A 1 188 ? 15.571  -4.180  -8.546  1.00 30.48 ? 182 ALA A C   1 
ATOM   1443 O O   . ALA A 1 188 ? 14.831  -3.814  -7.628  1.00 30.59 ? 182 ALA A O   1 
ATOM   1444 C CB  . ALA A 1 188 ? 14.375  -5.762  -10.071 1.00 25.07 ? 182 ALA A CB  1 
ATOM   1445 N N   . PRO A 1 189 ? 16.448  -3.357  -9.118  1.00 33.04 ? 183 PRO A N   1 
ATOM   1446 C CA  . PRO A 1 189 ? 16.598  -1.956  -8.717  1.00 30.19 ? 183 PRO A CA  1 
ATOM   1447 C C   . PRO A 1 189 ? 15.295  -1.149  -8.804  1.00 28.86 ? 183 PRO A C   1 
ATOM   1448 O O   . PRO A 1 189 ? 14.465  -1.357  -9.699  1.00 28.29 ? 183 PRO A O   1 
ATOM   1449 C CB  . PRO A 1 189 ? 17.595  -1.420  -9.748  1.00 33.50 ? 183 PRO A CB  1 
ATOM   1450 C CG  . PRO A 1 189 ? 18.333  -2.636  -10.234 1.00 33.27 ? 183 PRO A CG  1 
ATOM   1451 C CD  . PRO A 1 189 ? 17.300  -3.695  -10.271 1.00 35.21 ? 183 PRO A CD  1 
ATOM   1452 N N   . LEU A 1 190 ? 15.122  -0.205  -7.888  1.00 32.84 ? 184 LEU A N   1 
ATOM   1453 C CA  . LEU A 1 190 ? 13.967  0.684   -7.970  1.00 30.28 ? 184 LEU A CA  1 
ATOM   1454 C C   . LEU A 1 190 ? 14.122  1.683   -9.109  1.00 30.39 ? 184 LEU A C   1 
ATOM   1455 O O   . LEU A 1 190 ? 15.214  1.860   -9.646  1.00 33.36 ? 184 LEU A O   1 
ATOM   1456 C CB  . LEU A 1 190 ? 13.743  1.426   -6.655  1.00 26.34 ? 184 LEU A CB  1 
ATOM   1457 C CG  . LEU A 1 190 ? 13.505  0.513   -5.462  1.00 34.46 ? 184 LEU A CG  1 
ATOM   1458 C CD1 . LEU A 1 190 ? 13.184  1.340   -4.205  1.00 36.24 ? 184 LEU A CD1 1 
ATOM   1459 C CD2 . LEU A 1 190 ? 12.393  -0.491  -5.789  1.00 32.67 ? 184 LEU A CD2 1 
ATOM   1460 N N   . LYS A 1 191 ? 13.018  2.309   -9.496  1.00 28.76 ? 185 LYS A N   1 
ATOM   1461 C CA  . LYS A 1 191 ? 13.049  3.386   -10.459 1.00 32.56 ? 185 LYS A CA  1 
ATOM   1462 C C   . LYS A 1 191 ? 13.363  4.686   -9.751  1.00 36.31 ? 185 LYS A C   1 
ATOM   1463 O O   . LYS A 1 191 ? 12.750  4.988   -8.722  1.00 36.56 ? 185 LYS A O   1 
ATOM   1464 C CB  . LYS A 1 191 ? 11.688  3.514   -11.136 1.00 31.99 ? 185 LYS A CB  1 
ATOM   1465 C CG  . LYS A 1 191 ? 11.356  2.478   -12.203 1.00 33.23 ? 185 LYS A CG  1 
ATOM   1466 C CD  . LYS A 1 191 ? 9.899   2.722   -12.627 1.00 35.40 ? 185 LYS A CD  1 
ATOM   1467 C CE  . LYS A 1 191 ? 9.581   2.270   -14.030 1.00 34.48 ? 185 LYS A CE  1 
ATOM   1468 N NZ  . LYS A 1 191 ? 9.299   0.839   -14.118 1.00 34.72 ? 185 LYS A NZ  1 
ATOM   1469 N N   . ASN A 1 192 ? 14.307  5.454   -10.295 1.00 36.94 ? 186 ASN A N   1 
ATOM   1470 C CA  . ASN A 1 192 ? 14.480  6.844   -9.868  1.00 41.69 ? 186 ASN A CA  1 
ATOM   1471 C C   . ASN A 1 192 ? 13.392  7.717   -10.475 1.00 41.48 ? 186 ASN A C   1 
ATOM   1472 O O   . ASN A 1 192 ? 12.668  7.267   -11.367 1.00 40.92 ? 186 ASN A O   1 
ATOM   1473 C CB  . ASN A 1 192 ? 15.839  7.396   -10.298 1.00 41.89 ? 186 ASN A CB  1 
ATOM   1474 C CG  . ASN A 1 192 ? 15.918  7.658   -11.795 1.00 45.55 ? 186 ASN A CG  1 
ATOM   1475 O OD1 . ASN A 1 192 ? 14.941  8.079   -12.431 1.00 45.41 ? 186 ASN A OD1 1 
ATOM   1476 N ND2 . ASN A 1 192 ? 17.093  7.430   -12.364 1.00 48.81 ? 186 ASN A ND2 1 
ATOM   1477 N N   . LYS A 1 193 ? 13.299  8.966   -10.022 1.00 43.12 ? 187 LYS A N   1 
ATOM   1478 C CA  . LYS A 1 193 ? 12.245  9.889   -10.453 1.00 38.02 ? 187 LYS A CA  1 
ATOM   1479 C C   . LYS A 1 193 ? 12.041  10.127  -11.960 1.00 40.38 ? 187 LYS A C   1 
ATOM   1480 O O   . LYS A 1 193 ? 10.911  10.252  -12.412 1.00 42.37 ? 187 LYS A O   1 
ATOM   1481 C CB  . LYS A 1 193 ? 12.419  11.209  -9.701  1.00 39.27 ? 187 LYS A CB  1 
ATOM   1482 C CG  . LYS A 1 193 ? 12.173  11.064  -8.225  1.00 50.35 ? 187 LYS A CG  1 
ATOM   1483 C CD  . LYS A 1 193 ? 10.693  10.856  -7.923  1.00 50.09 ? 187 LYS A CD  1 
ATOM   1484 C CE  . LYS A 1 193 ? 10.042  12.144  -7.467  1.00 55.36 ? 187 LYS A CE  1 
ATOM   1485 N NZ  . LYS A 1 193 ? 10.680  12.654  -6.216  1.00 58.82 ? 187 LYS A NZ  1 
ATOM   1486 N N   . LYS A 1 194 ? 13.120  10.200  -12.727 1.00 40.37 ? 188 LYS A N   1 
ATOM   1487 C CA  . LYS A 1 194 ? 13.013  10.431  -14.166 1.00 39.74 ? 188 LYS A CA  1 
ATOM   1488 C C   . LYS A 1 194 ? 12.271  9.267   -14.790 1.00 40.17 ? 188 LYS A C   1 
ATOM   1489 O O   . LYS A 1 194 ? 11.296  9.435   -15.532 1.00 43.02 ? 188 LYS A O   1 
ATOM   1490 C CB  . LYS A 1 194 ? 14.411  10.538  -14.788 1.00 45.16 ? 188 LYS A CB  1 
ATOM   1491 C CG  . LYS A 1 194 ? 14.478  10.561  -16.305 1.00 49.35 ? 188 LYS A CG  1 
ATOM   1492 C CD  . LYS A 1 194 ? 14.046  11.906  -16.880 1.00 54.71 ? 188 LYS A CD  1 
ATOM   1493 C CE  . LYS A 1 194 ? 14.329  12.002  -18.375 1.00 57.64 ? 188 LYS A CE  1 
ATOM   1494 N NZ  . LYS A 1 194 ? 15.792  12.137  -18.692 1.00 58.88 ? 188 LYS A NZ  1 
ATOM   1495 N N   . GLU A 1 195 ? 12.746  8.079   -14.445 1.00 40.42 ? 189 GLU A N   1 
ATOM   1496 C CA  . GLU A 1 195 ? 12.190  6.812   -14.904 1.00 43.44 ? 189 GLU A CA  1 
ATOM   1497 C C   . GLU A 1 195 ? 10.729  6.620   -14.491 1.00 38.69 ? 189 GLU A C   1 
ATOM   1498 O O   . GLU A 1 195 ? 9.948   6.056   -15.250 1.00 40.83 ? 189 GLU A O   1 
ATOM   1499 C CB  . GLU A 1 195 ? 13.035  5.682   -14.332 1.00 43.95 ? 189 GLU A CB  1 
ATOM   1500 C CG  . GLU A 1 195 ? 14.523  5.889   -14.527 1.00 46.76 ? 189 GLU A CG  1 
ATOM   1501 C CD  . GLU A 1 195 ? 15.323  4.701   -14.041 1.00 52.21 ? 189 GLU A CD  1 
ATOM   1502 O OE1 . GLU A 1 195 ? 15.276  4.411   -12.814 1.00 39.62 ? 189 GLU A OE1 1 
ATOM   1503 O OE2 . GLU A 1 195 ? 15.986  4.061   -14.894 1.00 49.16 ? 189 GLU A OE2 1 
ATOM   1504 N N   . GLN A 1 196 ? 10.382  7.072   -13.285 1.00 32.86 ? 190 GLN A N   1 
ATOM   1505 C CA  . GLN A 1 196 ? 9.005   7.082   -12.810 1.00 35.94 ? 190 GLN A CA  1 
ATOM   1506 C C   . GLN A 1 196 ? 8.105   7.914   -13.729 1.00 41.88 ? 190 GLN A C   1 
ATOM   1507 O O   . GLN A 1 196 ? 7.142   7.403   -14.315 1.00 34.71 ? 190 GLN A O   1 
ATOM   1508 C CB  . GLN A 1 196 ? 8.938   7.602   -11.361 1.00 35.48 ? 190 GLN A CB  1 
ATOM   1509 C CG  . GLN A 1 196 ? 9.444   6.591   -10.337 1.00 33.51 ? 190 GLN A CG  1 
ATOM   1510 C CD  . GLN A 1 196 ? 9.600   7.153   -8.930  1.00 34.95 ? 190 GLN A CD  1 
ATOM   1511 O OE1 . GLN A 1 196 ? 8.710   7.837   -8.399  1.00 28.75 ? 190 GLN A OE1 1 
ATOM   1512 N NE2 . GLN A 1 196 ? 10.728  6.833   -8.304  1.00 31.11 ? 190 GLN A NE2 1 
ATOM   1513 N N   . LYS A 1 197 ? 8.430   9.200   -13.838 1.00 43.05 ? 191 LYS A N   1 
ATOM   1514 C CA  . LYS A 1 197 ? 7.746   10.105  -14.743 1.00 40.78 ? 191 LYS A CA  1 
ATOM   1515 C C   . LYS A 1 197 ? 7.668   9.503   -16.145 1.00 34.98 ? 191 LYS A C   1 
ATOM   1516 O O   . LYS A 1 197 ? 6.623   9.532   -16.787 1.00 37.96 ? 191 LYS A O   1 
ATOM   1517 C CB  . LYS A 1 197 ? 8.491   11.449  -14.791 1.00 42.71 ? 191 LYS A CB  1 
ATOM   1518 C CG  . LYS A 1 197 ? 7.592   12.675  -14.679 1.00 51.03 ? 191 LYS A CG  1 
ATOM   1519 C CD  . LYS A 1 197 ? 7.218   13.283  -16.025 1.00 52.85 ? 191 LYS A CD  1 
ATOM   1520 C CE  . LYS A 1 197 ? 8.321   14.198  -16.559 1.00 57.24 ? 191 LYS A CE  1 
ATOM   1521 N NZ  . LYS A 1 197 ? 7.868   15.056  -17.697 1.00 55.22 ? 191 LYS A NZ  1 
ATOM   1522 N N   . GLU A 1 198 ? 8.784   8.974   -16.632 1.00 38.37 ? 192 GLU A N   1 
ATOM   1523 C CA  . GLU A 1 198 ? 8.815   8.417   -17.976 1.00 38.33 ? 192 GLU A CA  1 
ATOM   1524 C C   . GLU A 1 198 ? 7.753   7.334   -18.116 1.00 40.36 ? 192 GLU A C   1 
ATOM   1525 O O   . GLU A 1 198 ? 6.931   7.349   -19.045 1.00 34.45 ? 192 GLU A O   1 
ATOM   1526 C CB  . GLU A 1 198 ? 10.189  7.836   -18.277 1.00 39.91 ? 192 GLU A CB  1 
ATOM   1527 C CG  . GLU A 1 198 ? 11.187  8.861   -18.773 1.00 50.53 ? 192 GLU A CG  1 
ATOM   1528 C CD  . GLU A 1 198 ? 12.581  8.289   -18.895 1.00 63.39 ? 192 GLU A CD  1 
ATOM   1529 O OE1 . GLU A 1 198 ? 13.154  7.878   -17.858 1.00 60.91 ? 192 GLU A OE1 1 
ATOM   1530 O OE2 . GLU A 1 198 ? 13.105  8.250   -20.033 1.00 76.15 ? 192 GLU A OE2 1 
ATOM   1531 N N   . HIS A 1 199 ? 7.764   6.404   -17.166 1.00 36.76 ? 193 HIS A N   1 
ATOM   1532 C CA  . HIS A 1 199 ? 6.839   5.284   -17.197 1.00 36.14 ? 193 HIS A CA  1 
ATOM   1533 C C   . HIS A 1 199 ? 5.378   5.692   -17.022 1.00 34.20 ? 193 HIS A C   1 
ATOM   1534 O O   . HIS A 1 199 ? 4.504   5.108   -17.666 1.00 32.04 ? 193 HIS A O   1 
ATOM   1535 C CB  . HIS A 1 199 ? 7.211   4.217   -16.177 1.00 36.15 ? 193 HIS A CB  1 
ATOM   1536 C CG  . HIS A 1 199 ? 6.420   2.962   -16.335 1.00 34.17 ? 193 HIS A CG  1 
ATOM   1537 N ND1 . HIS A 1 199 ? 5.349   2.648   -15.531 1.00 31.00 ? 193 HIS A ND1 1 
ATOM   1538 C CD2 . HIS A 1 199 ? 6.517   1.959   -17.241 1.00 32.68 ? 193 HIS A CD2 1 
ATOM   1539 C CE1 . HIS A 1 199 ? 4.831   1.495   -15.913 1.00 25.93 ? 193 HIS A CE1 1 
ATOM   1540 N NE2 . HIS A 1 199 ? 5.528   1.057   -16.948 1.00 33.94 ? 193 HIS A NE2 1 
ATOM   1541 N N   . VAL A 1 200 ? 5.110   6.686   -16.172 1.00 28.07 ? 194 VAL A N   1 
ATOM   1542 C CA  . VAL A 1 200 ? 3.741   7.183   -16.049 1.00 35.02 ? 194 VAL A CA  1 
ATOM   1543 C C   . VAL A 1 200 ? 3.246   7.749   -17.393 1.00 38.98 ? 194 VAL A C   1 
ATOM   1544 O O   . VAL A 1 200 ? 2.173   7.378   -17.876 1.00 35.30 ? 194 VAL A O   1 
ATOM   1545 C CB  . VAL A 1 200 ? 3.578   8.221   -14.911 1.00 38.85 ? 194 VAL A CB  1 
ATOM   1546 C CG1 . VAL A 1 200 ? 2.162   8.828   -14.910 1.00 33.03 ? 194 VAL A CG1 1 
ATOM   1547 C CG2 . VAL A 1 200 ? 3.881   7.584   -13.559 1.00 34.83 ? 194 VAL A CG2 1 
ATOM   1548 N N   . GLU A 1 201 ? 4.038   8.619   -18.010 1.00 38.37 ? 195 GLU A N   1 
ATOM   1549 C CA  . GLU A 1 201 ? 3.661   9.185   -19.309 1.00 41.05 ? 195 GLU A CA  1 
ATOM   1550 C C   . GLU A 1 201 ? 3.444   8.100   -20.360 1.00 37.76 ? 195 GLU A C   1 
ATOM   1551 O O   . GLU A 1 201 ? 2.472   8.138   -21.106 1.00 40.49 ? 195 GLU A O   1 
ATOM   1552 C CB  . GLU A 1 201 ? 4.706   10.196  -19.806 1.00 39.44 ? 195 GLU A CB  1 
ATOM   1553 C CG  . GLU A 1 201 ? 4.637   11.566  -19.128 1.00 54.83 ? 195 GLU A CG  1 
ATOM   1554 C CD  . GLU A 1 201 ? 5.958   12.348  -19.230 1.00 66.46 ? 195 GLU A CD  1 
ATOM   1555 O OE1 . GLU A 1 201 ? 6.978   11.748  -19.651 1.00 59.95 ? 195 GLU A OE1 1 
ATOM   1556 O OE2 . GLU A 1 201 ? 5.975   13.557  -18.886 1.00 59.86 ? 195 GLU A OE2 1 
ATOM   1557 N N   . PHE A 1 202 ? 4.366   7.145   -20.428 1.00 40.44 ? 196 PHE A N   1 
ATOM   1558 C CA  . PHE A 1 202 ? 4.236   6.010   -21.342 1.00 32.72 ? 196 PHE A CA  1 
ATOM   1559 C C   . PHE A 1 202 ? 2.877   5.321   -21.164 1.00 36.05 ? 196 PHE A C   1 
ATOM   1560 O O   . PHE A 1 202 ? 2.153   5.115   -22.125 1.00 38.82 ? 196 PHE A O   1 
ATOM   1561 C CB  . PHE A 1 202 ? 5.378   5.017   -21.097 1.00 35.83 ? 196 PHE A CB  1 
ATOM   1562 C CG  . PHE A 1 202 ? 5.447   3.905   -22.106 1.00 41.24 ? 196 PHE A CG  1 
ATOM   1563 C CD1 . PHE A 1 202 ? 4.769   2.714   -21.896 1.00 41.25 ? 196 PHE A CD1 1 
ATOM   1564 C CD2 . PHE A 1 202 ? 6.180   4.052   -23.262 1.00 38.89 ? 196 PHE A CD2 1 
ATOM   1565 C CE1 . PHE A 1 202 ? 4.821   1.703   -22.815 1.00 36.83 ? 196 PHE A CE1 1 
ATOM   1566 C CE2 . PHE A 1 202 ? 6.236   3.036   -24.189 1.00 47.28 ? 196 PHE A CE2 1 
ATOM   1567 C CZ  . PHE A 1 202 ? 5.555   1.861   -23.962 1.00 45.76 ? 196 PHE A CZ  1 
ATOM   1568 N N   . VAL A 1 203 ? 2.540   5.000   -19.916 1.00 31.23 ? 197 VAL A N   1 
ATOM   1569 C CA  . VAL A 1 203 ? 1.327   4.269   -19.547 1.00 35.59 ? 197 VAL A CA  1 
ATOM   1570 C C   . VAL A 1 203 ? 0.010   5.058   -19.750 1.00 35.75 ? 197 VAL A C   1 
ATOM   1571 O O   . VAL A 1 203 ? -1.000  4.512   -20.212 1.00 29.92 ? 197 VAL A O   1 
ATOM   1572 C CB  . VAL A 1 203 ? 1.439   3.800   -18.069 1.00 31.17 ? 197 VAL A CB  1 
ATOM   1573 C CG1 . VAL A 1 203 ? 0.073   3.436   -17.483 1.00 27.97 ? 197 VAL A CG1 1 
ATOM   1574 C CG2 . VAL A 1 203 ? 2.408   2.658   -17.952 1.00 27.82 ? 197 VAL A CG2 1 
ATOM   1575 N N   . VAL A 1 204 ? 0.027   6.334   -19.380 1.00 33.16 ? 198 VAL A N   1 
ATOM   1576 C CA  . VAL A 1 204 ? -1.121  7.218   -19.555 1.00 34.96 ? 198 VAL A CA  1 
ATOM   1577 C C   . VAL A 1 204 ? -1.478  7.363   -21.035 1.00 41.49 ? 198 VAL A C   1 
ATOM   1578 O O   . VAL A 1 204 ? -2.653  7.413   -21.418 1.00 41.56 ? 198 VAL A O   1 
ATOM   1579 C CB  . VAL A 1 204 ? -0.816  8.617   -18.994 1.00 36.73 ? 198 VAL A CB  1 
ATOM   1580 C CG1 . VAL A 1 204 ? -1.907  9.593   -19.385 1.00 36.48 ? 198 VAL A CG1 1 
ATOM   1581 C CG2 . VAL A 1 204 ? -0.614  8.567   -17.473 1.00 35.48 ? 198 VAL A CG2 1 
ATOM   1582 N N   . ASN A 1 205 ? -0.453  7.437   -21.874 1.00 36.21 ? 199 ASN A N   1 
ATOM   1583 C CA  . ASN A 1 205 ? -0.690  7.538   -23.304 1.00 43.96 ? 199 ASN A CA  1 
ATOM   1584 C C   . ASN A 1 205 ? -1.433  6.309   -23.861 1.00 44.58 ? 199 ASN A C   1 
ATOM   1585 O O   . ASN A 1 205 ? -2.499  6.451   -24.464 1.00 44.61 ? 199 ASN A O   1 
ATOM   1586 C CB  . ASN A 1 205 ? 0.625   7.774   -24.041 1.00 42.59 ? 199 ASN A CB  1 
ATOM   1587 C CG  . ASN A 1 205 ? 0.434   7.910   -25.530 1.00 51.58 ? 199 ASN A CG  1 
ATOM   1588 O OD1 . ASN A 1 205 ? -0.498  8.584   -25.992 1.00 50.68 ? 199 ASN A OD1 1 
ATOM   1589 N ND2 . ASN A 1 205 ? 1.318   7.270   -26.302 1.00 52.04 ? 199 ASN A ND2 1 
ATOM   1590 N N   . VAL A 1 206 ? -0.870  5.116   -23.637 1.00 41.15 ? 200 VAL A N   1 
ATOM   1591 C CA  . VAL A 1 206 ? -1.459  3.845   -24.074 1.00 40.72 ? 200 VAL A CA  1 
ATOM   1592 C C   . VAL A 1 206 ? -2.879  3.663   -23.526 1.00 41.65 ? 200 VAL A C   1 
ATOM   1593 O O   . VAL A 1 206 ? -3.806  3.288   -24.245 1.00 38.98 ? 200 VAL A O   1 
ATOM   1594 C CB  . VAL A 1 206 ? -0.606  2.636   -23.610 1.00 37.54 ? 200 VAL A CB  1 
ATOM   1595 C CG1 . VAL A 1 206 ? -1.144  1.329   -24.210 1.00 39.77 ? 200 VAL A CG1 1 
ATOM   1596 C CG2 . VAL A 1 206 ? 0.858   2.830   -23.963 1.00 34.52 ? 200 VAL A CG2 1 
ATOM   1597 N N   . PHE A 1 207 ? -3.027  3.933   -22.238 1.00 37.32 ? 201 PHE A N   1 
ATOM   1598 C CA  . PHE A 1 207 ? -4.302  3.816   -21.557 1.00 40.01 ? 201 PHE A CA  1 
ATOM   1599 C C   . PHE A 1 207 ? -5.368  4.729   -22.168 1.00 43.34 ? 201 PHE A C   1 
ATOM   1600 O O   . PHE A 1 207 ? -6.497  4.300   -22.388 1.00 42.42 ? 201 PHE A O   1 
ATOM   1601 C CB  . PHE A 1 207 ? -4.101  4.144   -20.078 1.00 35.98 ? 201 PHE A CB  1 
ATOM   1602 C CG  . PHE A 1 207 ? -5.278  3.838   -19.213 1.00 34.97 ? 201 PHE A CG  1 
ATOM   1603 C CD1 . PHE A 1 207 ? -5.565  2.531   -18.843 1.00 36.13 ? 201 PHE A CD1 1 
ATOM   1604 C CD2 . PHE A 1 207 ? -6.077  4.856   -18.725 1.00 37.83 ? 201 PHE A CD2 1 
ATOM   1605 C CE1 . PHE A 1 207 ? -6.651  2.238   -18.010 1.00 34.26 ? 201 PHE A CE1 1 
ATOM   1606 C CE2 . PHE A 1 207 ? -7.162  4.572   -17.899 1.00 39.59 ? 201 PHE A CE2 1 
ATOM   1607 C CZ  . PHE A 1 207 ? -7.448  3.258   -17.541 1.00 31.84 ? 201 PHE A CZ  1 
ATOM   1608 N N   . LEU A 1 208 ? -5.019  5.990   -22.420 1.00 44.08 ? 202 LEU A N   1 
ATOM   1609 C CA  . LEU A 1 208 ? -5.987  6.943   -22.955 1.00 43.56 ? 202 LEU A CA  1 
ATOM   1610 C C   . LEU A 1 208 ? -6.172  6.775   -24.451 1.00 40.89 ? 202 LEU A C   1 
ATOM   1611 O O   . LEU A 1 208 ? -7.285  6.894   -24.950 1.00 41.78 ? 202 LEU A O   1 
ATOM   1612 C CB  . LEU A 1 208 ? -5.580  8.386   -22.654 1.00 45.97 ? 202 LEU A CB  1 
ATOM   1613 C CG  . LEU A 1 208 ? -5.556  8.858   -21.195 1.00 48.64 ? 202 LEU A CG  1 
ATOM   1614 C CD1 . LEU A 1 208 ? -5.000  10.278  -21.096 1.00 44.02 ? 202 LEU A CD1 1 
ATOM   1615 C CD2 . LEU A 1 208 ? -6.918  8.768   -20.541 1.00 41.43 ? 202 LEU A CD2 1 
ATOM   1616 N N   . ASN A 1 209 ? -5.085  6.440   -25.143 1.00 44.11 ? 203 ASN A N   1 
ATOM   1617 C CA  . ASN A 1 209 ? -5.001  6.580   -26.599 1.00 45.29 ? 203 ASN A CA  1 
ATOM   1618 C C   . ASN A 1 209 ? -4.766  5.326   -27.423 1.00 46.62 ? 203 ASN A C   1 
ATOM   1619 O O   . ASN A 1 209 ? -4.930  5.345   -28.648 1.00 48.02 ? 203 ASN A O   1 
ATOM   1620 C CB  . ASN A 1 209 ? -3.907  7.596   -26.956 1.00 46.69 ? 203 ASN A CB  1 
ATOM   1621 C CG  . ASN A 1 209 ? -4.186  8.969   -26.379 1.00 48.31 ? 203 ASN A CG  1 
ATOM   1622 O OD1 . ASN A 1 209 ? -5.329  9.425   -26.397 1.00 47.92 ? 203 ASN A OD1 1 
ATOM   1623 N ND2 . ASN A 1 209 ? -3.154  9.625   -25.844 1.00 42.92 ? 203 ASN A ND2 1 
ATOM   1624 N N   . GLY A 1 210 ? -4.355  4.247   -26.778 1.00 46.38 ? 204 GLY A N   1 
ATOM   1625 C CA  . GLY A 1 210 ? -4.062  3.025   -27.508 1.00 45.85 ? 204 GLY A CA  1 
ATOM   1626 C C   . GLY A 1 210 ? -2.754  3.165   -28.267 1.00 47.54 ? 204 GLY A C   1 
ATOM   1627 O O   . GLY A 1 210 ? -2.212  4.262   -28.380 1.00 46.94 ? 204 GLY A O   1 
ATOM   1628 N N   . ILE A 1 211 ? -2.235  2.062   -28.791 1.00 46.46 ? 205 ILE A N   1 
ATOM   1629 C CA  . ILE A 1 211 ? -0.961  2.133   -29.493 1.00 52.69 ? 205 ILE A CA  1 
ATOM   1630 C C   . ILE A 1 211 ? -1.116  2.524   -30.969 1.00 54.33 ? 205 ILE A C   1 
ATOM   1631 O O   . ILE A 1 211 ? -0.129  2.720   -31.670 1.00 54.06 ? 205 ILE A O   1 
ATOM   1632 C CB  . ILE A 1 211 ? -0.140  0.828   -29.355 1.00 49.92 ? 205 ILE A CB  1 
ATOM   1633 C CG1 . ILE A 1 211 ? -0.944  -0.373  -29.841 1.00 48.97 ? 205 ILE A CG1 1 
ATOM   1634 C CG2 . ILE A 1 211 ? 0.311   0.616   -27.911 1.00 42.09 ? 205 ILE A CG2 1 
ATOM   1635 C CD1 . ILE A 1 211 ? -0.080  -1.596  -30.027 1.00 49.39 ? 205 ILE A CD1 1 
ATOM   1636 N N   . ASN A 1 212 ? -2.354  2.644   -31.438 1.00 53.82 ? 206 ASN A N   1 
ATOM   1637 C CA  . ASN A 1 212 ? -2.587  3.097   -32.811 1.00 61.51 ? 206 ASN A CA  1 
ATOM   1638 C C   . ASN A 1 212 ? -2.556  4.627   -32.934 1.00 66.13 ? 206 ASN A C   1 
ATOM   1639 O O   . ASN A 1 212 ? -3.596  5.292   -32.910 1.00 57.30 ? 206 ASN A O   1 
ATOM   1640 C CB  . ASN A 1 212 ? -3.891  2.520   -33.363 1.00 59.88 ? 206 ASN A CB  1 
ATOM   1641 C CG  . ASN A 1 212 ? -3.793  1.026   -33.647 1.00 61.87 ? 206 ASN A CG  1 
ATOM   1642 O OD1 . ASN A 1 212 ? -2.737  0.523   -34.051 1.00 57.83 ? 206 ASN A OD1 1 
ATOM   1643 N ND2 . ASN A 1 212 ? -4.898  0.311   -33.445 1.00 58.85 ? 206 ASN A ND2 1 
ATOM   1644 N N   . SER A 1 213 ? -1.344  5.165   -33.067 1.00 68.31 ? 207 SER A N   1 
ATOM   1645 C CA  . SER A 1 213 ? -1.103  6.601   -32.999 1.00 62.00 ? 207 SER A CA  1 
ATOM   1646 C C   . SER A 1 213 ? 0.396   6.896   -32.921 1.00 64.82 ? 207 SER A C   1 
ATOM   1647 O O   . SER A 1 213 ? 1.144   6.234   -32.190 1.00 53.47 ? 207 SER A O   1 
ATOM   1648 C CB  . SER A 1 213 ? -1.818  7.208   -31.784 1.00 69.87 ? 207 SER A CB  1 
ATOM   1649 O OG  . SER A 1 213 ? -1.452  6.549   -30.580 1.00 60.07 ? 207 SER A OG  1 
HETATM 1650 C C1  . CHD B 2 .   ? -5.149  -3.543  -4.773  1.00 59.04 ? 211 CHD A C1  1 
HETATM 1651 C C2  . CHD B 2 .   ? -5.942  -3.846  -6.033  1.00 57.00 ? 211 CHD A C2  1 
HETATM 1652 C C3  . CHD B 2 .   ? -4.965  -3.849  -7.187  1.00 52.42 ? 211 CHD A C3  1 
HETATM 1653 O O3  . CHD B 2 .   ? -4.572  -2.494  -7.430  1.00 61.01 ? 211 CHD A O3  1 
HETATM 1654 C C4  . CHD B 2 .   ? -3.740  -4.686  -6.816  1.00 52.23 ? 211 CHD A C4  1 
HETATM 1655 C C5  . CHD B 2 .   ? -3.866  -5.560  -5.559  1.00 52.83 ? 211 CHD A C5  1 
HETATM 1656 C C6  . CHD B 2 .   ? -2.511  -6.217  -5.274  1.00 49.07 ? 211 CHD A C6  1 
HETATM 1657 C C7  . CHD B 2 .   ? -2.417  -6.728  -3.835  1.00 57.38 ? 211 CHD A C7  1 
HETATM 1658 O O7  . CHD B 2 .   ? -1.231  -7.508  -3.657  1.00 54.16 ? 211 CHD A O7  1 
HETATM 1659 C C8  . CHD B 2 .   ? -2.495  -5.567  -2.834  1.00 57.75 ? 211 CHD A C8  1 
HETATM 1660 C C9  . CHD B 2 .   ? -3.171  -4.372  -3.503  1.00 56.28 ? 211 CHD A C9  1 
HETATM 1661 C C10 . CHD B 2 .   ? -4.376  -4.783  -4.345  1.00 59.09 ? 211 CHD A C10 1 
HETATM 1662 C C11 . CHD B 2 .   ? -3.524  -3.312  -2.463  1.00 53.80 ? 211 CHD A C11 1 
HETATM 1663 C C12 . CHD B 2 .   ? -2.290  -2.778  -1.707  1.00 61.31 ? 211 CHD A C12 1 
HETATM 1664 O O12 . CHD B 2 .   ? -1.618  -1.716  -2.421  1.00 54.97 ? 211 CHD A O12 1 
HETATM 1665 C C13 . CHD B 2 .   ? -1.355  -3.925  -1.247  1.00 64.43 ? 211 CHD A C13 1 
HETATM 1666 C C14 . CHD B 2 .   ? -1.169  -5.028  -2.289  1.00 57.68 ? 211 CHD A C14 1 
HETATM 1667 C C15 . CHD B 2 .   ? -0.208  -5.964  -1.566  1.00 62.63 ? 211 CHD A C15 1 
HETATM 1668 C C16 . CHD B 2 .   ? 0.746   -4.972  -0.870  1.00 62.97 ? 211 CHD A C16 1 
HETATM 1669 C C17 . CHD B 2 .   ? 0.104   -3.580  -0.945  1.00 63.23 ? 211 CHD A C17 1 
HETATM 1670 C C18 . CHD B 2 .   ? -1.937  -4.561  0.017   1.00 60.01 ? 211 CHD A C18 1 
HETATM 1671 C C19 . CHD B 2 .   ? -5.329  -5.667  -3.536  1.00 52.97 ? 211 CHD A C19 1 
HETATM 1672 C C20 . CHD B 2 .   ? 0.321   -2.771  0.339   1.00 64.10 ? 211 CHD A C20 1 
HETATM 1673 C C21 . CHD B 2 .   ? 0.511   -1.277  0.053   1.00 52.52 ? 211 CHD A C21 1 
HETATM 1674 C C22 . CHD B 2 .   ? 1.493   -3.315  1.160   1.00 64.83 ? 211 CHD A C22 1 
HETATM 1675 C C23 . CHD B 2 .   ? 2.702   -2.372  1.193   1.00 64.12 ? 211 CHD A C23 1 
HETATM 1676 O O25 . CHD B 2 .   ? 4.184   -3.760  -0.052  1.00 52.41 ? 211 CHD A O25 1 
HETATM 1677 C C24 . CHD B 2 .   ? 3.660   -2.618  0.042   1.00 60.11 ? 211 CHD A C24 1 
HETATM 1678 O O26 . CHD B 2 .   ? 4.255   -1.600  -0.379  1.00 58.33 ? 211 CHD A O26 1 
HETATM 1679 O O   . HOH C 3 .   ? -4.786  0.284   -4.769  1.00 44.49 ? 212 HOH A O   1 
HETATM 1680 O O   . HOH C 3 .   ? 6.277   2.589   0.526   1.00 44.32 ? 213 HOH A O   1 
HETATM 1681 O O   . HOH C 3 .   ? -10.651 7.440   28.332  1.00 17.40 ? 214 HOH A O   1 
HETATM 1682 O O   . HOH C 3 .   ? -4.074  -6.952  12.507  1.00 39.56 ? 215 HOH A O   1 
HETATM 1683 O O   . HOH C 3 .   ? -15.566 -2.586  -13.286 1.00 41.28 ? 216 HOH A O   1 
HETATM 1684 O O   . HOH C 3 .   ? -2.318  -1.359  -5.471  1.00 49.07 ? 217 HOH A O   1 
HETATM 1685 O O   . HOH C 3 .   ? 8.229   -1.877  -5.730  1.00 30.30 ? 218 HOH A O   1 
HETATM 1686 O O   . HOH C 3 .   ? -0.337  -6.075  -7.933  1.00 46.66 ? 219 HOH A O   1 
HETATM 1687 O O   . HOH C 3 .   ? 10.207  -0.487  -9.275  1.00 26.29 ? 220 HOH A O   1 
HETATM 1688 O O   . HOH C 3 .   ? 14.412  -3.745  -5.012  1.00 29.37 ? 221 HOH A O   1 
HETATM 1689 O O   . HOH C 3 .   ? 4.763   -19.144 3.898   1.00 29.68 ? 222 HOH A O   1 
HETATM 1690 O O   . HOH C 3 .   ? 3.777   -2.462  -16.962 1.00 27.20 ? 223 HOH A O   1 
HETATM 1691 O O   . HOH C 3 .   ? 7.256   0.772   -10.489 1.00 30.93 ? 224 HOH A O   1 
HETATM 1692 O O   . HOH C 3 .   ? -5.093  -5.455  10.764  1.00 37.45 ? 225 HOH A O   1 
HETATM 1693 O O   . HOH C 3 .   ? -11.894 -2.150  -23.392 1.00 38.36 ? 226 HOH A O   1 
HETATM 1694 O O   . HOH C 3 .   ? 12.841  -12.450 7.318   1.00 33.75 ? 227 HOH A O   1 
HETATM 1695 O O   . HOH C 3 .   ? 11.777  -1.327  -11.181 1.00 30.48 ? 228 HOH A O   1 
HETATM 1696 O O   . HOH C 3 .   ? 6.704   9.410   -9.523  1.00 36.85 ? 229 HOH A O   1 
HETATM 1697 O O   . HOH C 3 .   ? 11.384  -7.955  4.457   1.00 26.25 ? 230 HOH A O   1 
HETATM 1698 O O   . HOH C 3 .   ? -2.238  3.236   18.547  1.00 40.31 ? 231 HOH A O   1 
HETATM 1699 O O   . HOH C 3 .   ? -7.735  13.905  -21.556 1.00 41.54 ? 232 HOH A O   1 
HETATM 1700 O O   . HOH C 3 .   ? 4.115   5.318   22.429  1.00 31.04 ? 233 HOH A O   1 
HETATM 1701 O O   . HOH C 3 .   ? 10.149  1.043   14.317  1.00 30.15 ? 234 HOH A O   1 
HETATM 1702 O O   . HOH C 3 .   ? -6.175  -10.472 9.143   1.00 39.97 ? 235 HOH A O   1 
HETATM 1703 O O   . HOH C 3 .   ? 4.116   -15.062 8.993   1.00 37.41 ? 236 HOH A O   1 
HETATM 1704 O O   . HOH C 3 .   ? 5.022   1.303   13.511  1.00 34.84 ? 237 HOH A O   1 
HETATM 1705 O O   . HOH C 3 .   ? 11.718  -3.863  -11.667 1.00 33.00 ? 238 HOH A O   1 
HETATM 1706 O O   . HOH C 3 .   ? 12.212  -9.188  7.395   1.00 33.71 ? 239 HOH A O   1 
HETATM 1707 O O   . HOH C 3 .   ? 1.031   10.642  -21.527 1.00 41.46 ? 240 HOH A O   1 
HETATM 1708 O O   . HOH C 3 .   ? 0.880   5.586   -29.398 1.00 55.90 ? 241 HOH A O   1 
HETATM 1709 O O   . HOH C 3 .   ? 6.136   -2.098  -19.146 1.00 35.67 ? 242 HOH A O   1 
HETATM 1710 O O   . HOH C 3 .   ? -11.675 20.746  -9.785  1.00 52.08 ? 243 HOH A O   1 
HETATM 1711 O O   . HOH C 3 .   ? -1.712  8.746   23.013  1.00 36.28 ? 244 HOH A O   1 
HETATM 1712 O O   . HOH C 3 .   ? -10.029 14.467  -20.412 1.00 46.20 ? 245 HOH A O   1 
HETATM 1713 O O   . HOH C 3 .   ? -1.319  -3.806  -9.229  1.00 35.31 ? 246 HOH A O   1 
HETATM 1714 O O   . HOH C 3 .   ? 12.180  -1.204  23.512  1.00 41.09 ? 247 HOH A O   1 
HETATM 1715 O O   . HOH C 3 .   ? 3.958   2.692   15.779  1.00 33.60 ? 248 HOH A O   1 
HETATM 1716 O O   . HOH C 3 .   ? 3.462   -5.862  -2.114  1.00 32.36 ? 249 HOH A O   1 
HETATM 1717 O O   . HOH C 3 .   ? -5.125  -0.098  14.050  1.00 49.65 ? 250 HOH A O   1 
HETATM 1718 O O   . HOH C 3 .   ? 15.349  -1.735  -2.791  1.00 35.28 ? 251 HOH A O   1 
HETATM 1719 O O   . HOH C 3 .   ? 3.981   9.843   -3.554  1.00 39.99 ? 252 HOH A O   1 
HETATM 1720 O O   . HOH C 3 .   ? 1.824   -7.117  -3.758  1.00 41.31 ? 253 HOH A O   1 
HETATM 1721 O O   . HOH C 3 .   ? 1.800   13.444  -7.727  1.00 41.32 ? 254 HOH A O   1 
HETATM 1722 O O   . HOH C 3 .   ? 13.369  0.832   13.053  1.00 39.70 ? 255 HOH A O   1 
HETATM 1723 O O   . HOH C 3 .   ? -9.976  14.698  -22.964 1.00 45.22 ? 256 HOH A O   1 
HETATM 1724 O O   . HOH C 3 .   ? -3.914  2.879   -0.165  1.00 45.67 ? 257 HOH A O   1 
HETATM 1725 O O   . HOH C 3 .   ? -0.418  8.651   -29.091 1.00 51.98 ? 258 HOH A O   1 
HETATM 1726 O O   . HOH C 3 .   ? -1.423  -15.940 7.334   1.00 53.51 ? 259 HOH A O   1 
HETATM 1727 O O   . HOH C 3 .   ? 5.737   -7.555  28.694  1.00 57.56 ? 260 HOH A O   1 
HETATM 1728 O O   . HOH C 3 .   ? -2.037  0.142   -0.276  1.00 50.55 ? 261 HOH A O   1 
# 
loop_
_pdbx_poly_seq_scheme.asym_id 
_pdbx_poly_seq_scheme.entity_id 
_pdbx_poly_seq_scheme.seq_id 
_pdbx_poly_seq_scheme.mon_id 
_pdbx_poly_seq_scheme.ndb_seq_num 
_pdbx_poly_seq_scheme.pdb_seq_num 
_pdbx_poly_seq_scheme.auth_seq_num 
_pdbx_poly_seq_scheme.pdb_mon_id 
_pdbx_poly_seq_scheme.auth_mon_id 
_pdbx_poly_seq_scheme.pdb_strand_id 
_pdbx_poly_seq_scheme.pdb_ins_code 
_pdbx_poly_seq_scheme.hetero 
A 1 1   HIS 1   -5  ?   ?   ?   A . n 
A 1 2   HIS 2   -4  ?   ?   ?   A . n 
A 1 3   HIS 3   -3  ?   ?   ?   A . n 
A 1 4   HIS 4   -2  ?   ?   ?   A . n 
A 1 5   HIS 5   -1  ?   ?   ?   A . n 
A 1 6   HIS 6   0   ?   ?   ?   A . n 
A 1 7   MET 7   1   ?   ?   ?   A . n 
A 1 8   ASN 8   2   ?   ?   ?   A . n 
A 1 9   SER 9   3   ?   ?   ?   A . n 
A 1 10  ASN 10  4   ?   ?   ?   A . n 
A 1 11  ARG 11  5   ?   ?   ?   A . n 
A 1 12  THR 12  6   6   THR THR A . n 
A 1 13  PRO 13  7   7   PRO PRO A . n 
A 1 14  SER 14  8   8   SER SER A . n 
A 1 15  GLN 15  9   9   GLN GLN A . n 
A 1 16  LYS 16  10  10  LYS LYS A . n 
A 1 17  VAL 17  11  11  VAL VAL A . n 
A 1 18  LEU 18  12  12  LEU LEU A . n 
A 1 19  ALA 19  13  13  ALA ALA A . n 
A 1 20  ARG 20  14  14  ARG ARG A . n 
A 1 21  GLN 21  15  15  GLN GLN A . n 
A 1 22  GLU 22  16  16  GLU GLU A . n 
A 1 23  LYS 23  17  17  LYS LYS A . n 
A 1 24  ILE 24  18  18  ILE ILE A . n 
A 1 25  LYS 25  19  19  LYS LYS A . n 
A 1 26  ALA 26  20  20  ALA ALA A . n 
A 1 27  VAL 27  21  21  VAL VAL A . n 
A 1 28  ALA 28  22  22  ALA ALA A . n 
A 1 29  LEU 29  23  23  LEU LEU A . n 
A 1 30  GLU 30  24  24  GLU GLU A . n 
A 1 31  LEU 31  25  25  LEU LEU A . n 
A 1 32  PHE 32  26  26  PHE PHE A . n 
A 1 33  LEU 33  27  27  LEU LEU A . n 
A 1 34  THR 34  28  28  THR THR A . n 
A 1 35  LYS 35  29  29  LYS LYS A . n 
A 1 36  GLY 36  30  30  GLY GLY A . n 
A 1 37  TYR 37  31  31  TYR TYR A . n 
A 1 38  GLN 38  32  32  GLN GLN A . n 
A 1 39  GLU 39  33  33  GLU GLU A . n 
A 1 40  THR 40  34  34  THR THR A . n 
A 1 41  SER 41  35  35  SER SER A . n 
A 1 42  LEU 42  36  36  LEU LEU A . n 
A 1 43  SER 43  37  37  SER SER A . n 
A 1 44  ASP 44  38  38  ASP ASP A . n 
A 1 45  ILE 45  39  39  ILE ILE A . n 
A 1 46  ILE 46  40  40  ILE ILE A . n 
A 1 47  LYS 47  41  41  LYS LYS A . n 
A 1 48  LEU 48  42  42  LEU LEU A . n 
A 1 49  SER 49  43  43  SER SER A . n 
A 1 50  GLY 50  44  44  GLY GLY A . n 
A 1 51  GLY 51  45  45  GLY GLY A . n 
A 1 52  SER 52  46  46  SER SER A . n 
A 1 53  TYR 53  47  47  TYR TYR A . n 
A 1 54  SER 54  48  48  SER SER A . n 
A 1 55  ASN 55  49  49  ASN ASN A . n 
A 1 56  ILE 56  50  50  ILE ILE A . n 
A 1 57  TYR 57  51  51  TYR TYR A . n 
A 1 58  ASP 58  52  52  ASP ASP A . n 
A 1 59  GLY 59  53  53  GLY GLY A . n 
A 1 60  PHE 60  54  54  PHE PHE A . n 
A 1 61  LYS 61  55  55  LYS LYS A . n 
A 1 62  SER 62  56  56  SER SER A . n 
A 1 63  LYS 63  57  57  LYS LYS A . n 
A 1 64  GLU 64  58  58  GLU GLU A . n 
A 1 65  GLY 65  59  59  GLY GLY A . n 
A 1 66  LEU 66  60  60  LEU LEU A . n 
A 1 67  PHE 67  61  61  PHE PHE A . n 
A 1 68  PHE 68  62  62  PHE PHE A . n 
A 1 69  GLU 69  63  63  GLU GLU A . n 
A 1 70  ILE 70  64  64  ILE ILE A . n 
A 1 71  LEU 71  65  65  LEU LEU A . n 
A 1 72  ASP 72  66  66  ASP ASP A . n 
A 1 73  ASP 73  67  67  ASP ASP A . n 
A 1 74  ILE 74  68  68  ILE ILE A . n 
A 1 75  CYS 75  69  69  CYS CYS A . n 
A 1 76  LYS 76  70  70  LYS LYS A . n 
A 1 77  LYS 77  71  71  LYS LYS A . n 
A 1 78  HIS 78  72  72  HIS HIS A . n 
A 1 79  PHE 79  73  73  PHE PHE A . n 
A 1 80  HIS 80  74  74  HIS HIS A . n 
A 1 81  LEU 81  75  75  LEU LEU A . n 
A 1 82  ILE 82  76  76  ILE ILE A . n 
A 1 83  TYR 83  77  77  TYR TYR A . n 
A 1 84  SER 84  78  78  SER SER A . n 
A 1 85  LYS 85  79  79  LYS LYS A . n 
A 1 86  THR 86  80  80  THR THR A . n 
A 1 87  GLN 87  81  81  GLN GLN A . n 
A 1 88  GLU 88  82  82  GLU GLU A . n 
A 1 89  ILE 89  83  83  ILE ILE A . n 
A 1 90  LYS 90  84  84  LYS LYS A . n 
A 1 91  ASN 91  85  85  ASN ASN A . n 
A 1 92  GLY 92  86  86  GLY GLY A . n 
A 1 93  THR 93  87  87  THR THR A . n 
A 1 94  LEU 94  88  88  LEU LEU A . n 
A 1 95  LYS 95  89  89  LYS LYS A . n 
A 1 96  GLU 96  90  90  GLU GLU A . n 
A 1 97  ILE 97  91  91  ILE ILE A . n 
A 1 98  LEU 98  92  92  LEU LEU A . n 
A 1 99  THR 99  93  93  THR THR A . n 
A 1 100 SER 100 94  94  SER SER A . n 
A 1 101 PHE 101 95  95  PHE PHE A . n 
A 1 102 GLY 102 96  96  GLY GLY A . n 
A 1 103 LEU 103 97  97  LEU LEU A . n 
A 1 104 ALA 104 98  98  ALA ALA A . n 
A 1 105 PHE 105 99  99  PHE PHE A . n 
A 1 106 ILE 106 100 100 ILE ILE A . n 
A 1 107 GLU 107 101 101 GLU GLU A . n 
A 1 108 ILE 108 102 102 ILE ILE A . n 
A 1 109 PHE 109 103 103 PHE PHE A . n 
A 1 110 ASN 110 104 104 ASN ASN A . n 
A 1 111 GLN 111 105 105 GLN GLN A . n 
A 1 112 PRO 112 106 106 PRO PRO A . n 
A 1 113 GLU 113 107 107 GLU GLU A . n 
A 1 114 ALA 114 108 108 ALA ALA A . n 
A 1 115 VAL 115 109 109 VAL VAL A . n 
A 1 116 ALA 116 110 110 ALA ALA A . n 
A 1 117 PHE 117 111 111 PHE PHE A . n 
A 1 118 GLY 118 112 112 GLY GLY A . n 
A 1 119 LYS 119 113 113 LYS LYS A . n 
A 1 120 ILE 120 114 114 ILE ILE A . n 
A 1 121 ILE 121 115 115 ILE ILE A . n 
A 1 122 TYR 122 116 116 TYR TYR A . n 
A 1 123 SER 123 117 117 SER SER A . n 
A 1 124 GLN 124 118 118 GLN GLN A . n 
A 1 125 VAL 125 119 119 VAL VAL A . n 
A 1 126 TYR 126 120 120 TYR TYR A . n 
A 1 127 ASP 127 121 121 ASP ASP A . n 
A 1 128 LYS 128 122 122 LYS LYS A . n 
A 1 129 ASP 129 123 123 ASP ASP A . n 
A 1 130 ARG 130 124 124 ARG ARG A . n 
A 1 131 HIS 131 125 125 HIS HIS A . n 
A 1 132 LEU 132 126 126 LEU LEU A . n 
A 1 133 ALA 133 127 127 ALA ALA A . n 
A 1 134 ASN 134 128 128 ASN ASN A . n 
A 1 135 TRP 135 129 129 TRP TRP A . n 
A 1 136 ILE 136 130 130 ILE ILE A . n 
A 1 137 GLU 137 131 131 GLU GLU A . n 
A 1 138 ASN 138 132 132 ASN ASN A . n 
A 1 139 ASN 139 133 133 ASN ASN A . n 
A 1 140 GLN 140 134 134 GLN GLN A . n 
A 1 141 GLN 141 135 135 GLN GLN A . n 
A 1 142 ASN 142 136 136 ASN ASN A . n 
A 1 143 PHE 143 137 137 PHE PHE A . n 
A 1 144 SER 144 138 138 SER SER A . n 
A 1 145 TYR 145 139 139 TYR TYR A . n 
A 1 146 ASN 146 140 140 ASN ASN A . n 
A 1 147 ILE 147 141 141 ILE ILE A . n 
A 1 148 LEU 148 142 142 LEU LEU A . n 
A 1 149 MET 149 143 143 MET MET A . n 
A 1 150 GLY 150 144 144 GLY GLY A . n 
A 1 151 PHE 151 145 145 PHE PHE A . n 
A 1 152 PHE 152 146 146 PHE PHE A . n 
A 1 153 LYS 153 147 147 LYS LYS A . n 
A 1 154 GLN 154 148 148 GLN GLN A . n 
A 1 155 GLN 155 149 149 GLN GLN A . n 
A 1 156 ASN 156 150 150 ASN ASN A . n 
A 1 157 ASN 157 151 151 ASN ASN A . n 
A 1 158 SER 158 152 152 SER SER A . n 
A 1 159 TYR 159 153 153 TYR TYR A . n 
A 1 160 MET 160 154 154 MET MET A . n 
A 1 161 LYS 161 155 155 LYS LYS A . n 
A 1 162 LYS 162 156 156 LYS LYS A . n 
A 1 163 ASN 163 157 157 ASN ASN A . n 
A 1 164 ALA 164 158 158 ALA ALA A . n 
A 1 165 GLU 165 159 159 GLU GLU A . n 
A 1 166 LYS 166 160 160 LYS LYS A . n 
A 1 167 LEU 167 161 161 LEU LEU A . n 
A 1 168 ALA 168 162 162 ALA ALA A . n 
A 1 169 VAL 169 163 163 VAL VAL A . n 
A 1 170 LEU 170 164 164 LEU LEU A . n 
A 1 171 PHE 171 165 165 PHE PHE A . n 
A 1 172 CYS 172 166 166 CYS CYS A . n 
A 1 173 THR 173 167 167 THR THR A . n 
A 1 174 MET 174 168 168 MET MET A . n 
A 1 175 LEU 175 169 169 LEU LEU A . n 
A 1 176 LYS 176 170 170 LYS LYS A . n 
A 1 177 GLU 177 171 171 GLU GLU A . n 
A 1 178 PRO 178 172 172 PRO PRO A . n 
A 1 179 TYR 179 173 173 TYR TYR A . n 
A 1 180 HIS 180 174 174 HIS HIS A . n 
A 1 181 HIS 181 175 175 HIS HIS A . n 
A 1 182 LEU 182 176 176 LEU LEU A . n 
A 1 183 ASN 183 177 177 ASN ASN A . n 
A 1 184 VAL 184 178 178 VAL VAL A . n 
A 1 185 LEU 185 179 179 LEU LEU A . n 
A 1 186 ILE 186 180 180 ILE ILE A . n 
A 1 187 ASN 187 181 181 ASN ASN A . n 
A 1 188 ALA 188 182 182 ALA ALA A . n 
A 1 189 PRO 189 183 183 PRO PRO A . n 
A 1 190 LEU 190 184 184 LEU LEU A . n 
A 1 191 LYS 191 185 185 LYS LYS A . n 
A 1 192 ASN 192 186 186 ASN ASN A . n 
A 1 193 LYS 193 187 187 LYS LYS A . n 
A 1 194 LYS 194 188 188 LYS LYS A . n 
A 1 195 GLU 195 189 189 GLU GLU A . n 
A 1 196 GLN 196 190 190 GLN GLN A . n 
A 1 197 LYS 197 191 191 LYS LYS A . n 
A 1 198 GLU 198 192 192 GLU GLU A . n 
A 1 199 HIS 199 193 193 HIS HIS A . n 
A 1 200 VAL 200 194 194 VAL VAL A . n 
A 1 201 GLU 201 195 195 GLU GLU A . n 
A 1 202 PHE 202 196 196 PHE PHE A . n 
A 1 203 VAL 203 197 197 VAL VAL A . n 
A 1 204 VAL 204 198 198 VAL VAL A . n 
A 1 205 ASN 205 199 199 ASN ASN A . n 
A 1 206 VAL 206 200 200 VAL VAL A . n 
A 1 207 PHE 207 201 201 PHE PHE A . n 
A 1 208 LEU 208 202 202 LEU LEU A . n 
A 1 209 ASN 209 203 203 ASN ASN A . n 
A 1 210 GLY 210 204 204 GLY GLY A . n 
A 1 211 ILE 211 205 205 ILE ILE A . n 
A 1 212 ASN 212 206 206 ASN ASN A . n 
A 1 213 SER 213 207 207 SER SER A . n 
A 1 214 SER 214 208 ?   ?   ?   A . n 
A 1 215 LYS 215 209 ?   ?   ?   A . n 
A 1 216 ALA 216 210 ?   ?   ?   A . n 
# 
loop_
_pdbx_nonpoly_scheme.asym_id 
_pdbx_nonpoly_scheme.entity_id 
_pdbx_nonpoly_scheme.mon_id 
_pdbx_nonpoly_scheme.ndb_seq_num 
_pdbx_nonpoly_scheme.pdb_seq_num 
_pdbx_nonpoly_scheme.auth_seq_num 
_pdbx_nonpoly_scheme.pdb_mon_id 
_pdbx_nonpoly_scheme.auth_mon_id 
_pdbx_nonpoly_scheme.pdb_strand_id 
_pdbx_nonpoly_scheme.pdb_ins_code 
B 2 CHD 1  211 1  CHD CHD A . 
C 3 HOH 1  212 1  HOH HOH A . 
C 3 HOH 2  213 2  HOH HOH A . 
C 3 HOH 3  214 3  HOH HOH A . 
C 3 HOH 4  215 4  HOH HOH A . 
C 3 HOH 5  216 5  HOH HOH A . 
C 3 HOH 6  217 6  HOH HOH A . 
C 3 HOH 7  218 7  HOH HOH A . 
C 3 HOH 8  219 8  HOH HOH A . 
C 3 HOH 9  220 9  HOH HOH A . 
C 3 HOH 10 221 10 HOH HOH A . 
C 3 HOH 11 222 11 HOH HOH A . 
C 3 HOH 12 223 12 HOH HOH A . 
C 3 HOH 13 224 13 HOH HOH A . 
C 3 HOH 14 225 14 HOH HOH A . 
C 3 HOH 15 226 15 HOH HOH A . 
C 3 HOH 16 227 16 HOH HOH A . 
C 3 HOH 17 228 17 HOH HOH A . 
C 3 HOH 18 229 18 HOH HOH A . 
C 3 HOH 19 230 19 HOH HOH A . 
C 3 HOH 20 231 20 HOH HOH A . 
C 3 HOH 21 232 21 HOH HOH A . 
C 3 HOH 22 233 22 HOH HOH A . 
C 3 HOH 23 234 23 HOH HOH A . 
C 3 HOH 24 235 24 HOH HOH A . 
C 3 HOH 25 236 25 HOH HOH A . 
C 3 HOH 26 237 26 HOH HOH A . 
C 3 HOH 27 238 27 HOH HOH A . 
C 3 HOH 28 239 28 HOH HOH A . 
C 3 HOH 29 240 29 HOH HOH A . 
C 3 HOH 30 241 30 HOH HOH A . 
C 3 HOH 31 242 31 HOH HOH A . 
C 3 HOH 32 243 32 HOH HOH A . 
C 3 HOH 33 244 33 HOH HOH A . 
C 3 HOH 34 245 34 HOH HOH A . 
C 3 HOH 35 246 35 HOH HOH A . 
C 3 HOH 36 247 36 HOH HOH A . 
C 3 HOH 37 248 37 HOH HOH A . 
C 3 HOH 38 249 38 HOH HOH A . 
C 3 HOH 39 250 39 HOH HOH A . 
C 3 HOH 40 251 40 HOH HOH A . 
C 3 HOH 41 252 41 HOH HOH A . 
C 3 HOH 42 253 42 HOH HOH A . 
C 3 HOH 43 254 43 HOH HOH A . 
C 3 HOH 44 255 44 HOH HOH A . 
C 3 HOH 45 256 45 HOH HOH A . 
C 3 HOH 46 257 46 HOH HOH A . 
C 3 HOH 47 258 47 HOH HOH A . 
C 3 HOH 48 259 48 HOH HOH A . 
C 3 HOH 49 260 49 HOH HOH A . 
C 3 HOH 50 261 50 HOH HOH A . 
# 
_pdbx_struct_assembly.id                   1 
_pdbx_struct_assembly.details              author_and_software_defined_assembly 
_pdbx_struct_assembly.method_details       PISA 
_pdbx_struct_assembly.oligomeric_details   dimeric 
_pdbx_struct_assembly.oligomeric_count     2 
# 
_pdbx_struct_assembly_gen.assembly_id       1 
_pdbx_struct_assembly_gen.oper_expression   1,2 
_pdbx_struct_assembly_gen.asym_id_list      A,B,C 
# 
loop_
_pdbx_struct_assembly_prop.biol_id 
_pdbx_struct_assembly_prop.type 
_pdbx_struct_assembly_prop.value 
_pdbx_struct_assembly_prop.details 
1 'ABSA (A^2)' 5720  ? 
1 MORE         -29   ? 
1 'SSA (A^2)'  19760 ? 
# 
loop_
_pdbx_struct_oper_list.id 
_pdbx_struct_oper_list.type 
_pdbx_struct_oper_list.name 
_pdbx_struct_oper_list.symmetry_operation 
_pdbx_struct_oper_list.matrix[1][1] 
_pdbx_struct_oper_list.matrix[1][2] 
_pdbx_struct_oper_list.matrix[1][3] 
_pdbx_struct_oper_list.vector[1] 
_pdbx_struct_oper_list.matrix[2][1] 
_pdbx_struct_oper_list.matrix[2][2] 
_pdbx_struct_oper_list.matrix[2][3] 
_pdbx_struct_oper_list.vector[2] 
_pdbx_struct_oper_list.matrix[3][1] 
_pdbx_struct_oper_list.matrix[3][2] 
_pdbx_struct_oper_list.matrix[3][3] 
_pdbx_struct_oper_list.vector[3] 
1 'identity operation'         1_555 x,y,z   1.0000000000  0.0000000000  0.0000000000 0.0000000000 0.0000000000  1.0000000000  0.0000000000  0.0000000000   0.0000000000 0.0000000000  1.0000000000 0.0000000000   
2 'crystal symmetry operation' 2_555 -x,-y,z -0.7402147360 -0.4019085083 0.5390284739 5.8378195315 -0.4019085083 -0.3782155057 -0.8339200095 -19.5837586481 0.5390284739 -0.8339200095 0.1184302417 -17.4155154463 
# 
loop_
_pdbx_audit_revision_history.ordinal 
_pdbx_audit_revision_history.data_content_type 
_pdbx_audit_revision_history.major_revision 
_pdbx_audit_revision_history.minor_revision 
_pdbx_audit_revision_history.revision_date 
1 'Structure model' 1 0 2011-03-09 
2 'Structure model' 1 1 2011-07-13 
3 'Structure model' 1 2 2012-02-29 
4 'Structure model' 1 3 2014-10-15 
5 'Structure model' 1 4 2023-09-13 
# 
_pdbx_audit_revision_details.ordinal             1 
_pdbx_audit_revision_details.revision_ordinal    1 
_pdbx_audit_revision_details.data_content_type   'Structure model' 
_pdbx_audit_revision_details.provider            repository 
_pdbx_audit_revision_details.type                'Initial release' 
_pdbx_audit_revision_details.description         ? 
_pdbx_audit_revision_details.details             ? 
# 
loop_
_pdbx_audit_revision_group.ordinal 
_pdbx_audit_revision_group.revision_ordinal 
_pdbx_audit_revision_group.data_content_type 
_pdbx_audit_revision_group.group 
1 2 'Structure model' 'Version format compliance' 
2 3 'Structure model' 'Database references'       
3 4 'Structure model' 'Structure summary'         
4 5 'Structure model' 'Data collection'           
5 5 'Structure model' 'Database references'       
6 5 'Structure model' 'Derived calculations'      
7 5 'Structure model' 'Refinement description'    
# 
loop_
_pdbx_audit_revision_category.ordinal 
_pdbx_audit_revision_category.revision_ordinal 
_pdbx_audit_revision_category.data_content_type 
_pdbx_audit_revision_category.category 
1 5 'Structure model' chem_comp_atom                
2 5 'Structure model' chem_comp_bond                
3 5 'Structure model' database_2                    
4 5 'Structure model' pdbx_initial_refinement_model 
5 5 'Structure model' struct_ref_seq_dif            
6 5 'Structure model' struct_site                   
# 
loop_
_pdbx_audit_revision_item.ordinal 
_pdbx_audit_revision_item.revision_ordinal 
_pdbx_audit_revision_item.data_content_type 
_pdbx_audit_revision_item.item 
1 5 'Structure model' '_database_2.pdbx_DOI'                
2 5 'Structure model' '_database_2.pdbx_database_accession' 
3 5 'Structure model' '_struct_ref_seq_dif.details'         
4 5 'Structure model' '_struct_site.pdbx_auth_asym_id'      
5 5 'Structure model' '_struct_site.pdbx_auth_comp_id'      
6 5 'Structure model' '_struct_site.pdbx_auth_seq_id'       
# 
_phasing.method   MR 
# 
loop_
_software.pdbx_ordinal 
_software.name 
_software.version 
_software.date 
_software.type 
_software.contact_author 
_software.contact_author_email 
_software.classification 
_software.location 
_software.language 
_software.citation_id 
1 DENZO       .       ?               program 'Zbyszek Otwinowski' hkl@hkl-xray.com            'data reduction'  
http://www.hkl-xray.com/                    ?   ? 
2 SCALEPACK   .       ?               program 'Zbyszek Otwinowski' hkl@hkl-xray.com            'data scaling'    
http://www.hkl-xray.com/                    ?   ? 
3 PHASER      .       ?               program 'Randy J. Read'      cimr-phaser@lists.cam.ac.uk phasing           
http://www-structmed.cimr.cam.ac.uk/phaser/ ?   ? 
4 PHENIX      .       ?               package 'Paul D. Adams'      PDAdams@lbl.gov             refinement        
http://www.phenix-online.org/               C++ ? 
5 PDB_EXTRACT 3.10    'June 10, 2010' package PDB                  deposit@deposit.rcsb.org    'data extraction' 
http://sw-tools.pdb.org/apps/PDB_EXTRACT/   C++ ? 
6 ADSC        Quantum ?               ?       ?                    ?                           'data collection' ? ?   ? 
# 
loop_
_pdbx_validate_torsion.id 
_pdbx_validate_torsion.PDB_model_num 
_pdbx_validate_torsion.auth_comp_id 
_pdbx_validate_torsion.auth_asym_id 
_pdbx_validate_torsion.auth_seq_id 
_pdbx_validate_torsion.PDB_ins_code 
_pdbx_validate_torsion.label_alt_id 
_pdbx_validate_torsion.phi 
_pdbx_validate_torsion.psi 
1 1 SER A 48  ? ? -94.81  -85.83 
2 1 GLU A 82  ? ? -69.58  47.35  
3 1 ASN A 133 ? ? -160.06 47.37  
4 1 ASN A 150 ? ? -74.86  45.54  
# 
loop_
_pdbx_unobs_or_zero_occ_residues.id 
_pdbx_unobs_or_zero_occ_residues.PDB_model_num 
_pdbx_unobs_or_zero_occ_residues.polymer_flag 
_pdbx_unobs_or_zero_occ_residues.occupancy_flag 
_pdbx_unobs_or_zero_occ_residues.auth_asym_id 
_pdbx_unobs_or_zero_occ_residues.auth_comp_id 
_pdbx_unobs_or_zero_occ_residues.auth_seq_id 
_pdbx_unobs_or_zero_occ_residues.PDB_ins_code 
_pdbx_unobs_or_zero_occ_residues.label_asym_id 
_pdbx_unobs_or_zero_occ_residues.label_comp_id 
_pdbx_unobs_or_zero_occ_residues.label_seq_id 
1  1 Y 1 A HIS -5  ? A HIS 1   
2  1 Y 1 A HIS -4  ? A HIS 2   
3  1 Y 1 A HIS -3  ? A HIS 3   
4  1 Y 1 A HIS -2  ? A HIS 4   
5  1 Y 1 A HIS -1  ? A HIS 5   
6  1 Y 1 A HIS 0   ? A HIS 6   
7  1 Y 1 A MET 1   ? A MET 7   
8  1 Y 1 A ASN 2   ? A ASN 8   
9  1 Y 1 A SER 3   ? A SER 9   
10 1 Y 1 A ASN 4   ? A ASN 10  
11 1 Y 1 A ARG 5   ? A ARG 11  
12 1 Y 1 A SER 208 ? A SER 214 
13 1 Y 1 A LYS 209 ? A LYS 215 
14 1 Y 1 A ALA 210 ? A ALA 216 
# 
loop_
_chem_comp_atom.comp_id 
_chem_comp_atom.atom_id 
_chem_comp_atom.type_symbol 
_chem_comp_atom.pdbx_aromatic_flag 
_chem_comp_atom.pdbx_stereo_config 
_chem_comp_atom.pdbx_ordinal 
ALA N    N N N 1   
ALA CA   C N S 2   
ALA C    C N N 3   
ALA O    O N N 4   
ALA CB   C N N 5   
ALA OXT  O N N 6   
ALA H    H N N 7   
ALA H2   H N N 8   
ALA HA   H N N 9   
ALA HB1  H N N 10  
ALA HB2  H N N 11  
ALA HB3  H N N 12  
ALA HXT  H N N 13  
ARG N    N N N 14  
ARG CA   C N S 15  
ARG C    C N N 16  
ARG O    O N N 17  
ARG CB   C N N 18  
ARG CG   C N N 19  
ARG CD   C N N 20  
ARG NE   N N N 21  
ARG CZ   C N N 22  
ARG NH1  N N N 23  
ARG NH2  N N N 24  
ARG OXT  O N N 25  
ARG H    H N N 26  
ARG H2   H N N 27  
ARG HA   H N N 28  
ARG HB2  H N N 29  
ARG HB3  H N N 30  
ARG HG2  H N N 31  
ARG HG3  H N N 32  
ARG HD2  H N N 33  
ARG HD3  H N N 34  
ARG HE   H N N 35  
ARG HH11 H N N 36  
ARG HH12 H N N 37  
ARG HH21 H N N 38  
ARG HH22 H N N 39  
ARG HXT  H N N 40  
ASN N    N N N 41  
ASN CA   C N S 42  
ASN C    C N N 43  
ASN O    O N N 44  
ASN CB   C N N 45  
ASN CG   C N N 46  
ASN OD1  O N N 47  
ASN ND2  N N N 48  
ASN OXT  O N N 49  
ASN H    H N N 50  
ASN H2   H N N 51  
ASN HA   H N N 52  
ASN HB2  H N N 53  
ASN HB3  H N N 54  
ASN HD21 H N N 55  
ASN HD22 H N N 56  
ASN HXT  H N N 57  
ASP N    N N N 58  
ASP CA   C N S 59  
ASP C    C N N 60  
ASP O    O N N 61  
ASP CB   C N N 62  
ASP CG   C N N 63  
ASP OD1  O N N 64  
ASP OD2  O N N 65  
ASP OXT  O N N 66  
ASP H    H N N 67  
ASP H2   H N N 68  
ASP HA   H N N 69  
ASP HB2  H N N 70  
ASP HB3  H N N 71  
ASP HD2  H N N 72  
ASP HXT  H N N 73  
CHD C1   C N N 74  
CHD C2   C N N 75  
CHD C3   C N R 76  
CHD O3   O N N 77  
CHD C4   C N N 78  
CHD C5   C N S 79  
CHD C6   C N N 80  
CHD C7   C N R 81  
CHD O7   O N N 82  
CHD C8   C N R 83  
CHD C9   C N S 84  
CHD C10  C N S 85  
CHD C11  C N N 86  
CHD C12  C N S 87  
CHD O12  O N N 88  
CHD C13  C N R 89  
CHD C14  C N S 90  
CHD C15  C N N 91  
CHD C16  C N N 92  
CHD C17  C N R 93  
CHD C18  C N N 94  
CHD C19  C N N 95  
CHD C20  C N R 96  
CHD C21  C N N 97  
CHD C22  C N N 98  
CHD C23  C N N 99  
CHD O25  O N N 100 
CHD C24  C N N 101 
CHD O26  O N N 102 
CHD H11  H N N 103 
CHD H12A H N N 104 
CHD H21  H N N 105 
CHD H22  H N N 106 
CHD H3   H N N 107 
CHD HO3  H N N 108 
CHD H41  H N N 109 
CHD H42  H N N 110 
CHD H5   H N N 111 
CHD H61  H N N 112 
CHD H62  H N N 113 
CHD H7   H N N 114 
CHD HO7  H N N 115 
CHD H8   H N N 116 
CHD H9   H N N 117 
CHD H111 H N N 118 
CHD H112 H N N 119 
CHD H12  H N N 120 
CHD HO12 H N N 121 
CHD H14  H N N 122 
CHD H151 H N N 123 
CHD H152 H N N 124 
CHD H161 H N N 125 
CHD H162 H N N 126 
CHD H17  H N N 127 
CHD H181 H N N 128 
CHD H182 H N N 129 
CHD H183 H N N 130 
CHD H191 H N N 131 
CHD H192 H N N 132 
CHD H193 H N N 133 
CHD H20  H N N 134 
CHD H211 H N N 135 
CHD H212 H N N 136 
CHD H213 H N N 137 
CHD H221 H N N 138 
CHD H222 H N N 139 
CHD H231 H N N 140 
CHD H232 H N N 141 
CHD H26  H N N 142 
CYS N    N N N 143 
CYS CA   C N R 144 
CYS C    C N N 145 
CYS O    O N N 146 
CYS CB   C N N 147 
CYS SG   S N N 148 
CYS OXT  O N N 149 
CYS H    H N N 150 
CYS H2   H N N 151 
CYS HA   H N N 152 
CYS HB2  H N N 153 
CYS HB3  H N N 154 
CYS HG   H N N 155 
CYS HXT  H N N 156 
GLN N    N N N 157 
GLN CA   C N S 158 
GLN C    C N N 159 
GLN O    O N N 160 
GLN CB   C N N 161 
GLN CG   C N N 162 
GLN CD   C N N 163 
GLN OE1  O N N 164 
GLN NE2  N N N 165 
GLN OXT  O N N 166 
GLN H    H N N 167 
GLN H2   H N N 168 
GLN HA   H N N 169 
GLN HB2  H N N 170 
GLN HB3  H N N 171 
GLN HG2  H N N 172 
GLN HG3  H N N 173 
GLN HE21 H N N 174 
GLN HE22 H N N 175 
GLN HXT  H N N 176 
GLU N    N N N 177 
GLU CA   C N S 178 
GLU C    C N N 179 
GLU O    O N N 180 
GLU CB   C N N 181 
GLU CG   C N N 182 
GLU CD   C N N 183 
GLU OE1  O N N 184 
GLU OE2  O N N 185 
GLU OXT  O N N 186 
GLU H    H N N 187 
GLU H2   H N N 188 
GLU HA   H N N 189 
GLU HB2  H N N 190 
GLU HB3  H N N 191 
GLU HG2  H N N 192 
GLU HG3  H N N 193 
GLU HE2  H N N 194 
GLU HXT  H N N 195 
GLY N    N N N 196 
GLY CA   C N N 197 
GLY C    C N N 198 
GLY O    O N N 199 
GLY OXT  O N N 200 
GLY H    H N N 201 
GLY H2   H N N 202 
GLY HA2  H N N 203 
GLY HA3  H N N 204 
GLY HXT  H N N 205 
HIS N    N N N 206 
HIS CA   C N S 207 
HIS C    C N N 208 
HIS O    O N N 209 
HIS CB   C N N 210 
HIS CG   C Y N 211 
HIS ND1  N Y N 212 
HIS CD2  C Y N 213 
HIS CE1  C Y N 214 
HIS NE2  N Y N 215 
HIS OXT  O N N 216 
HIS H    H N N 217 
HIS H2   H N N 218 
HIS HA   H N N 219 
HIS HB2  H N N 220 
HIS HB3  H N N 221 
HIS HD1  H N N 222 
HIS HD2  H N N 223 
HIS HE1  H N N 224 
HIS HE2  H N N 225 
HIS HXT  H N N 226 
HOH O    O N N 227 
HOH H1   H N N 228 
HOH H2   H N N 229 
ILE N    N N N 230 
ILE CA   C N S 231 
ILE C    C N N 232 
ILE O    O N N 233 
ILE CB   C N S 234 
ILE CG1  C N N 235 
ILE CG2  C N N 236 
ILE CD1  C N N 237 
ILE OXT  O N N 238 
ILE H    H N N 239 
ILE H2   H N N 240 
ILE HA   H N N 241 
ILE HB   H N N 242 
ILE HG12 H N N 243 
ILE HG13 H N N 244 
ILE HG21 H N N 245 
ILE HG22 H N N 246 
ILE HG23 H N N 247 
ILE HD11 H N N 248 
ILE HD12 H N N 249 
ILE HD13 H N N 250 
ILE HXT  H N N 251 
LEU N    N N N 252 
LEU CA   C N S 253 
LEU C    C N N 254 
LEU O    O N N 255 
LEU CB   C N N 256 
LEU CG   C N N 257 
LEU CD1  C N N 258 
LEU CD2  C N N 259 
LEU OXT  O N N 260 
LEU H    H N N 261 
LEU H2   H N N 262 
LEU HA   H N N 263 
LEU HB2  H N N 264 
LEU HB3  H N N 265 
LEU HG   H N N 266 
LEU HD11 H N N 267 
LEU HD12 H N N 268 
LEU HD13 H N N 269 
LEU HD21 H N N 270 
LEU HD22 H N N 271 
LEU HD23 H N N 272 
LEU HXT  H N N 273 
LYS N    N N N 274 
LYS CA   C N S 275 
LYS C    C N N 276 
LYS O    O N N 277 
LYS CB   C N N 278 
LYS CG   C N N 279 
LYS CD   C N N 280 
LYS CE   C N N 281 
LYS NZ   N N N 282 
LYS OXT  O N N 283 
LYS H    H N N 284 
LYS H2   H N N 285 
LYS HA   H N N 286 
LYS HB2  H N N 287 
LYS HB3  H N N 288 
LYS HG2  H N N 289 
LYS HG3  H N N 290 
LYS HD2  H N N 291 
LYS HD3  H N N 292 
LYS HE2  H N N 293 
LYS HE3  H N N 294 
LYS HZ1  H N N 295 
LYS HZ2  H N N 296 
LYS HZ3  H N N 297 
LYS HXT  H N N 298 
MET N    N N N 299 
MET CA   C N S 300 
MET C    C N N 301 
MET O    O N N 302 
MET CB   C N N 303 
MET CG   C N N 304 
MET SD   S N N 305 
MET CE   C N N 306 
MET OXT  O N N 307 
MET H    H N N 308 
MET H2   H N N 309 
MET HA   H N N 310 
MET HB2  H N N 311 
MET HB3  H N N 312 
MET HG2  H N N 313 
MET HG3  H N N 314 
MET HE1  H N N 315 
MET HE2  H N N 316 
MET HE3  H N N 317 
MET HXT  H N N 318 
PHE N    N N N 319 
PHE CA   C N S 320 
PHE C    C N N 321 
PHE O    O N N 322 
PHE CB   C N N 323 
PHE CG   C Y N 324 
PHE CD1  C Y N 325 
PHE CD2  C Y N 326 
PHE CE1  C Y N 327 
PHE CE2  C Y N 328 
PHE CZ   C Y N 329 
PHE OXT  O N N 330 
PHE H    H N N 331 
PHE H2   H N N 332 
PHE HA   H N N 333 
PHE HB2  H N N 334 
PHE HB3  H N N 335 
PHE HD1  H N N 336 
PHE HD2  H N N 337 
PHE HE1  H N N 338 
PHE HE2  H N N 339 
PHE HZ   H N N 340 
PHE HXT  H N N 341 
PRO N    N N N 342 
PRO CA   C N S 343 
PRO C    C N N 344 
PRO O    O N N 345 
PRO CB   C N N 346 
PRO CG   C N N 347 
PRO CD   C N N 348 
PRO OXT  O N N 349 
PRO H    H N N 350 
PRO HA   H N N 351 
PRO HB2  H N N 352 
PRO HB3  H N N 353 
PRO HG2  H N N 354 
PRO HG3  H N N 355 
PRO HD2  H N N 356 
PRO HD3  H N N 357 
PRO HXT  H N N 358 
SER N    N N N 359 
SER CA   C N S 360 
SER C    C N N 361 
SER O    O N N 362 
SER CB   C N N 363 
SER OG   O N N 364 
SER OXT  O N N 365 
SER H    H N N 366 
SER H2   H N N 367 
SER HA   H N N 368 
SER HB2  H N N 369 
SER HB3  H N N 370 
SER HG   H N N 371 
SER HXT  H N N 372 
THR N    N N N 373 
THR CA   C N S 374 
THR C    C N N 375 
THR O    O N N 376 
THR CB   C N R 377 
THR OG1  O N N 378 
THR CG2  C N N 379 
THR OXT  O N N 380 
THR H    H N N 381 
THR H2   H N N 382 
THR HA   H N N 383 
THR HB   H N N 384 
THR HG1  H N N 385 
THR HG21 H N N 386 
THR HG22 H N N 387 
THR HG23 H N N 388 
THR HXT  H N N 389 
TRP N    N N N 390 
TRP CA   C N S 391 
TRP C    C N N 392 
TRP O    O N N 393 
TRP CB   C N N 394 
TRP CG   C Y N 395 
TRP CD1  C Y N 396 
TRP CD2  C Y N 397 
TRP NE1  N Y N 398 
TRP CE2  C Y N 399 
TRP CE3  C Y N 400 
TRP CZ2  C Y N 401 
TRP CZ3  C Y N 402 
TRP CH2  C Y N 403 
TRP OXT  O N N 404 
TRP H    H N N 405 
TRP H2   H N N 406 
TRP HA   H N N 407 
TRP HB2  H N N 408 
TRP HB3  H N N 409 
TRP HD1  H N N 410 
TRP HE1  H N N 411 
TRP HE3  H N N 412 
TRP HZ2  H N N 413 
TRP HZ3  H N N 414 
TRP HH2  H N N 415 
TRP HXT  H N N 416 
TYR N    N N N 417 
TYR CA   C N S 418 
TYR C    C N N 419 
TYR O    O N N 420 
TYR CB   C N N 421 
TYR CG   C Y N 422 
TYR CD1  C Y N 423 
TYR CD2  C Y N 424 
TYR CE1  C Y N 425 
TYR CE2  C Y N 426 
TYR CZ   C Y N 427 
TYR OH   O N N 428 
TYR OXT  O N N 429 
TYR H    H N N 430 
TYR H2   H N N 431 
TYR HA   H N N 432 
TYR HB2  H N N 433 
TYR HB3  H N N 434 
TYR HD1  H N N 435 
TYR HD2  H N N 436 
TYR HE1  H N N 437 
TYR HE2  H N N 438 
TYR HH   H N N 439 
TYR HXT  H N N 440 
VAL N    N N N 441 
VAL CA   C N S 442 
VAL C    C N N 443 
VAL O    O N N 444 
VAL CB   C N N 445 
VAL CG1  C N N 446 
VAL CG2  C N N 447 
VAL OXT  O N N 448 
VAL H    H N N 449 
VAL H2   H N N 450 
VAL HA   H N N 451 
VAL HB   H N N 452 
VAL HG11 H N N 453 
VAL HG12 H N N 454 
VAL HG13 H N N 455 
VAL HG21 H N N 456 
VAL HG22 H N N 457 
VAL HG23 H N N 458 
VAL HXT  H N N 459 
# 
loop_
_chem_comp_bond.comp_id 
_chem_comp_bond.atom_id_1 
_chem_comp_bond.atom_id_2 
_chem_comp_bond.value_order 
_chem_comp_bond.pdbx_aromatic_flag 
_chem_comp_bond.pdbx_stereo_config 
_chem_comp_bond.pdbx_ordinal 
ALA N   CA   sing N N 1   
ALA N   H    sing N N 2   
ALA N   H2   sing N N 3   
ALA CA  C    sing N N 4   
ALA CA  CB   sing N N 5   
ALA CA  HA   sing N N 6   
ALA C   O    doub N N 7   
ALA C   OXT  sing N N 8   
ALA CB  HB1  sing N N 9   
ALA CB  HB2  sing N N 10  
ALA CB  HB3  sing N N 11  
ALA OXT HXT  sing N N 12  
ARG N   CA   sing N N 13  
ARG N   H    sing N N 14  
ARG N   H2   sing N N 15  
ARG CA  C    sing N N 16  
ARG CA  CB   sing N N 17  
ARG CA  HA   sing N N 18  
ARG C   O    doub N N 19  
ARG C   OXT  sing N N 20  
ARG CB  CG   sing N N 21  
ARG CB  HB2  sing N N 22  
ARG CB  HB3  sing N N 23  
ARG CG  CD   sing N N 24  
ARG CG  HG2  sing N N 25  
ARG CG  HG3  sing N N 26  
ARG CD  NE   sing N N 27  
ARG CD  HD2  sing N N 28  
ARG CD  HD3  sing N N 29  
ARG NE  CZ   sing N N 30  
ARG NE  HE   sing N N 31  
ARG CZ  NH1  sing N N 32  
ARG CZ  NH2  doub N N 33  
ARG NH1 HH11 sing N N 34  
ARG NH1 HH12 sing N N 35  
ARG NH2 HH21 sing N N 36  
ARG NH2 HH22 sing N N 37  
ARG OXT HXT  sing N N 38  
ASN N   CA   sing N N 39  
ASN N   H    sing N N 40  
ASN N   H2   sing N N 41  
ASN CA  C    sing N N 42  
ASN CA  CB   sing N N 43  
ASN CA  HA   sing N N 44  
ASN C   O    doub N N 45  
ASN C   OXT  sing N N 46  
ASN CB  CG   sing N N 47  
ASN CB  HB2  sing N N 48  
ASN CB  HB3  sing N N 49  
ASN CG  OD1  doub N N 50  
ASN CG  ND2  sing N N 51  
ASN ND2 HD21 sing N N 52  
ASN ND2 HD22 sing N N 53  
ASN OXT HXT  sing N N 54  
ASP N   CA   sing N N 55  
ASP N   H    sing N N 56  
ASP N   H2   sing N N 57  
ASP CA  C    sing N N 58  
ASP CA  CB   sing N N 59  
ASP CA  HA   sing N N 60  
ASP C   O    doub N N 61  
ASP C   OXT  sing N N 62  
ASP CB  CG   sing N N 63  
ASP CB  HB2  sing N N 64  
ASP CB  HB3  sing N N 65  
ASP CG  OD1  doub N N 66  
ASP CG  OD2  sing N N 67  
ASP OD2 HD2  sing N N 68  
ASP OXT HXT  sing N N 69  
CHD C1  C2   sing N N 70  
CHD C1  C10  sing N N 71  
CHD C1  H11  sing N N 72  
CHD C1  H12A sing N N 73  
CHD C2  C3   sing N N 74  
CHD C2  H21  sing N N 75  
CHD C2  H22  sing N N 76  
CHD C3  O3   sing N N 77  
CHD C3  C4   sing N N 78  
CHD C3  H3   sing N N 79  
CHD O3  HO3  sing N N 80  
CHD C4  C5   sing N N 81  
CHD C4  H41  sing N N 82  
CHD C4  H42  sing N N 83  
CHD C5  C6   sing N N 84  
CHD C5  C10  sing N N 85  
CHD C5  H5   sing N N 86  
CHD C6  C7   sing N N 87  
CHD C6  H61  sing N N 88  
CHD C6  H62  sing N N 89  
CHD C7  O7   sing N N 90  
CHD C7  C8   sing N N 91  
CHD C7  H7   sing N N 92  
CHD O7  HO7  sing N N 93  
CHD C8  C9   sing N N 94  
CHD C8  C14  sing N N 95  
CHD C8  H8   sing N N 96  
CHD C9  C10  sing N N 97  
CHD C9  C11  sing N N 98  
CHD C9  H9   sing N N 99  
CHD C10 C19  sing N N 100 
CHD C11 C12  sing N N 101 
CHD C11 H111 sing N N 102 
CHD C11 H112 sing N N 103 
CHD C12 O12  sing N N 104 
CHD C12 C13  sing N N 105 
CHD C12 H12  sing N N 106 
CHD O12 HO12 sing N N 107 
CHD C13 C14  sing N N 108 
CHD C13 C17  sing N N 109 
CHD C13 C18  sing N N 110 
CHD C14 C15  sing N N 111 
CHD C14 H14  sing N N 112 
CHD C15 C16  sing N N 113 
CHD C15 H151 sing N N 114 
CHD C15 H152 sing N N 115 
CHD C16 C17  sing N N 116 
CHD C16 H161 sing N N 117 
CHD C16 H162 sing N N 118 
CHD C17 C20  sing N N 119 
CHD C17 H17  sing N N 120 
CHD C18 H181 sing N N 121 
CHD C18 H182 sing N N 122 
CHD C18 H183 sing N N 123 
CHD C19 H191 sing N N 124 
CHD C19 H192 sing N N 125 
CHD C19 H193 sing N N 126 
CHD C20 C21  sing N N 127 
CHD C20 C22  sing N N 128 
CHD C20 H20  sing N N 129 
CHD C21 H211 sing N N 130 
CHD C21 H212 sing N N 131 
CHD C21 H213 sing N N 132 
CHD C22 C23  sing N N 133 
CHD C22 H221 sing N N 134 
CHD C22 H222 sing N N 135 
CHD C23 C24  sing N N 136 
CHD C23 H231 sing N N 137 
CHD C23 H232 sing N N 138 
CHD O25 C24  doub N N 139 
CHD C24 O26  sing N N 140 
CHD O26 H26  sing N N 141 
CYS N   CA   sing N N 142 
CYS N   H    sing N N 143 
CYS N   H2   sing N N 144 
CYS CA  C    sing N N 145 
CYS CA  CB   sing N N 146 
CYS CA  HA   sing N N 147 
CYS C   O    doub N N 148 
CYS C   OXT  sing N N 149 
CYS CB  SG   sing N N 150 
CYS CB  HB2  sing N N 151 
CYS CB  HB3  sing N N 152 
CYS SG  HG   sing N N 153 
CYS OXT HXT  sing N N 154 
GLN N   CA   sing N N 155 
GLN N   H    sing N N 156 
GLN N   H2   sing N N 157 
GLN CA  C    sing N N 158 
GLN CA  CB   sing N N 159 
GLN CA  HA   sing N N 160 
GLN C   O    doub N N 161 
GLN C   OXT  sing N N 162 
GLN CB  CG   sing N N 163 
GLN CB  HB2  sing N N 164 
GLN CB  HB3  sing N N 165 
GLN CG  CD   sing N N 166 
GLN CG  HG2  sing N N 167 
GLN CG  HG3  sing N N 168 
GLN CD  OE1  doub N N 169 
GLN CD  NE2  sing N N 170 
GLN NE2 HE21 sing N N 171 
GLN NE2 HE22 sing N N 172 
GLN OXT HXT  sing N N 173 
GLU N   CA   sing N N 174 
GLU N   H    sing N N 175 
GLU N   H2   sing N N 176 
GLU CA  C    sing N N 177 
GLU CA  CB   sing N N 178 
GLU CA  HA   sing N N 179 
GLU C   O    doub N N 180 
GLU C   OXT  sing N N 181 
GLU CB  CG   sing N N 182 
GLU CB  HB2  sing N N 183 
GLU CB  HB3  sing N N 184 
GLU CG  CD   sing N N 185 
GLU CG  HG2  sing N N 186 
GLU CG  HG3  sing N N 187 
GLU CD  OE1  doub N N 188 
GLU CD  OE2  sing N N 189 
GLU OE2 HE2  sing N N 190 
GLU OXT HXT  sing N N 191 
GLY N   CA   sing N N 192 
GLY N   H    sing N N 193 
GLY N   H2   sing N N 194 
GLY CA  C    sing N N 195 
GLY CA  HA2  sing N N 196 
GLY CA  HA3  sing N N 197 
GLY C   O    doub N N 198 
GLY C   OXT  sing N N 199 
GLY OXT HXT  sing N N 200 
HIS N   CA   sing N N 201 
HIS N   H    sing N N 202 
HIS N   H2   sing N N 203 
HIS CA  C    sing N N 204 
HIS CA  CB   sing N N 205 
HIS CA  HA   sing N N 206 
HIS C   O    doub N N 207 
HIS C   OXT  sing N N 208 
HIS CB  CG   sing N N 209 
HIS CB  HB2  sing N N 210 
HIS CB  HB3  sing N N 211 
HIS CG  ND1  sing Y N 212 
HIS CG  CD2  doub Y N 213 
HIS ND1 CE1  doub Y N 214 
HIS ND1 HD1  sing N N 215 
HIS CD2 NE2  sing Y N 216 
HIS CD2 HD2  sing N N 217 
HIS CE1 NE2  sing Y N 218 
HIS CE1 HE1  sing N N 219 
HIS NE2 HE2  sing N N 220 
HIS OXT HXT  sing N N 221 
HOH O   H1   sing N N 222 
HOH O   H2   sing N N 223 
ILE N   CA   sing N N 224 
ILE N   H    sing N N 225 
ILE N   H2   sing N N 226 
ILE CA  C    sing N N 227 
ILE CA  CB   sing N N 228 
ILE CA  HA   sing N N 229 
ILE C   O    doub N N 230 
ILE C   OXT  sing N N 231 
ILE CB  CG1  sing N N 232 
ILE CB  CG2  sing N N 233 
ILE CB  HB   sing N N 234 
ILE CG1 CD1  sing N N 235 
ILE CG1 HG12 sing N N 236 
ILE CG1 HG13 sing N N 237 
ILE CG2 HG21 sing N N 238 
ILE CG2 HG22 sing N N 239 
ILE CG2 HG23 sing N N 240 
ILE CD1 HD11 sing N N 241 
ILE CD1 HD12 sing N N 242 
ILE CD1 HD13 sing N N 243 
ILE OXT HXT  sing N N 244 
LEU N   CA   sing N N 245 
LEU N   H    sing N N 246 
LEU N   H2   sing N N 247 
LEU CA  C    sing N N 248 
LEU CA  CB   sing N N 249 
LEU CA  HA   sing N N 250 
LEU C   O    doub N N 251 
LEU C   OXT  sing N N 252 
LEU CB  CG   sing N N 253 
LEU CB  HB2  sing N N 254 
LEU CB  HB3  sing N N 255 
LEU CG  CD1  sing N N 256 
LEU CG  CD2  sing N N 257 
LEU CG  HG   sing N N 258 
LEU CD1 HD11 sing N N 259 
LEU CD1 HD12 sing N N 260 
LEU CD1 HD13 sing N N 261 
LEU CD2 HD21 sing N N 262 
LEU CD2 HD22 sing N N 263 
LEU CD2 HD23 sing N N 264 
LEU OXT HXT  sing N N 265 
LYS N   CA   sing N N 266 
LYS N   H    sing N N 267 
LYS N   H2   sing N N 268 
LYS CA  C    sing N N 269 
LYS CA  CB   sing N N 270 
LYS CA  HA   sing N N 271 
LYS C   O    doub N N 272 
LYS C   OXT  sing N N 273 
LYS CB  CG   sing N N 274 
LYS CB  HB2  sing N N 275 
LYS CB  HB3  sing N N 276 
LYS CG  CD   sing N N 277 
LYS CG  HG2  sing N N 278 
LYS CG  HG3  sing N N 279 
LYS CD  CE   sing N N 280 
LYS CD  HD2  sing N N 281 
LYS CD  HD3  sing N N 282 
LYS CE  NZ   sing N N 283 
LYS CE  HE2  sing N N 284 
LYS CE  HE3  sing N N 285 
LYS NZ  HZ1  sing N N 286 
LYS NZ  HZ2  sing N N 287 
LYS NZ  HZ3  sing N N 288 
LYS OXT HXT  sing N N 289 
MET N   CA   sing N N 290 
MET N   H    sing N N 291 
MET N   H2   sing N N 292 
MET CA  C    sing N N 293 
MET CA  CB   sing N N 294 
MET CA  HA   sing N N 295 
MET C   O    doub N N 296 
MET C   OXT  sing N N 297 
MET CB  CG   sing N N 298 
MET CB  HB2  sing N N 299 
MET CB  HB3  sing N N 300 
MET CG  SD   sing N N 301 
MET CG  HG2  sing N N 302 
MET CG  HG3  sing N N 303 
MET SD  CE   sing N N 304 
MET CE  HE1  sing N N 305 
MET CE  HE2  sing N N 306 
MET CE  HE3  sing N N 307 
MET OXT HXT  sing N N 308 
PHE N   CA   sing N N 309 
PHE N   H    sing N N 310 
PHE N   H2   sing N N 311 
PHE CA  C    sing N N 312 
PHE CA  CB   sing N N 313 
PHE CA  HA   sing N N 314 
PHE C   O    doub N N 315 
PHE C   OXT  sing N N 316 
PHE CB  CG   sing N N 317 
PHE CB  HB2  sing N N 318 
PHE CB  HB3  sing N N 319 
PHE CG  CD1  doub Y N 320 
PHE CG  CD2  sing Y N 321 
PHE CD1 CE1  sing Y N 322 
PHE CD1 HD1  sing N N 323 
PHE CD2 CE2  doub Y N 324 
PHE CD2 HD2  sing N N 325 
PHE CE1 CZ   doub Y N 326 
PHE CE1 HE1  sing N N 327 
PHE CE2 CZ   sing Y N 328 
PHE CE2 HE2  sing N N 329 
PHE CZ  HZ   sing N N 330 
PHE OXT HXT  sing N N 331 
PRO N   CA   sing N N 332 
PRO N   CD   sing N N 333 
PRO N   H    sing N N 334 
PRO CA  C    sing N N 335 
PRO CA  CB   sing N N 336 
PRO CA  HA   sing N N 337 
PRO C   O    doub N N 338 
PRO C   OXT  sing N N 339 
PRO CB  CG   sing N N 340 
PRO CB  HB2  sing N N 341 
PRO CB  HB3  sing N N 342 
PRO CG  CD   sing N N 343 
PRO CG  HG2  sing N N 344 
PRO CG  HG3  sing N N 345 
PRO CD  HD2  sing N N 346 
PRO CD  HD3  sing N N 347 
PRO OXT HXT  sing N N 348 
SER N   CA   sing N N 349 
SER N   H    sing N N 350 
SER N   H2   sing N N 351 
SER CA  C    sing N N 352 
SER CA  CB   sing N N 353 
SER CA  HA   sing N N 354 
SER C   O    doub N N 355 
SER C   OXT  sing N N 356 
SER CB  OG   sing N N 357 
SER CB  HB2  sing N N 358 
SER CB  HB3  sing N N 359 
SER OG  HG   sing N N 360 
SER OXT HXT  sing N N 361 
THR N   CA   sing N N 362 
THR N   H    sing N N 363 
THR N   H2   sing N N 364 
THR CA  C    sing N N 365 
THR CA  CB   sing N N 366 
THR CA  HA   sing N N 367 
THR C   O    doub N N 368 
THR C   OXT  sing N N 369 
THR CB  OG1  sing N N 370 
THR CB  CG2  sing N N 371 
THR CB  HB   sing N N 372 
THR OG1 HG1  sing N N 373 
THR CG2 HG21 sing N N 374 
THR CG2 HG22 sing N N 375 
THR CG2 HG23 sing N N 376 
THR OXT HXT  sing N N 377 
TRP N   CA   sing N N 378 
TRP N   H    sing N N 379 
TRP N   H2   sing N N 380 
TRP CA  C    sing N N 381 
TRP CA  CB   sing N N 382 
TRP CA  HA   sing N N 383 
TRP C   O    doub N N 384 
TRP C   OXT  sing N N 385 
TRP CB  CG   sing N N 386 
TRP CB  HB2  sing N N 387 
TRP CB  HB3  sing N N 388 
TRP CG  CD1  doub Y N 389 
TRP CG  CD2  sing Y N 390 
TRP CD1 NE1  sing Y N 391 
TRP CD1 HD1  sing N N 392 
TRP CD2 CE2  doub Y N 393 
TRP CD2 CE3  sing Y N 394 
TRP NE1 CE2  sing Y N 395 
TRP NE1 HE1  sing N N 396 
TRP CE2 CZ2  sing Y N 397 
TRP CE3 CZ3  doub Y N 398 
TRP CE3 HE3  sing N N 399 
TRP CZ2 CH2  doub Y N 400 
TRP CZ2 HZ2  sing N N 401 
TRP CZ3 CH2  sing Y N 402 
TRP CZ3 HZ3  sing N N 403 
TRP CH2 HH2  sing N N 404 
TRP OXT HXT  sing N N 405 
TYR N   CA   sing N N 406 
TYR N   H    sing N N 407 
TYR N   H2   sing N N 408 
TYR CA  C    sing N N 409 
TYR CA  CB   sing N N 410 
TYR CA  HA   sing N N 411 
TYR C   O    doub N N 412 
TYR C   OXT  sing N N 413 
TYR CB  CG   sing N N 414 
TYR CB  HB2  sing N N 415 
TYR CB  HB3  sing N N 416 
TYR CG  CD1  doub Y N 417 
TYR CG  CD2  sing Y N 418 
TYR CD1 CE1  sing Y N 419 
TYR CD1 HD1  sing N N 420 
TYR CD2 CE2  doub Y N 421 
TYR CD2 HD2  sing N N 422 
TYR CE1 CZ   doub Y N 423 
TYR CE1 HE1  sing N N 424 
TYR CE2 CZ   sing Y N 425 
TYR CE2 HE2  sing N N 426 
TYR CZ  OH   sing N N 427 
TYR OH  HH   sing N N 428 
TYR OXT HXT  sing N N 429 
VAL N   CA   sing N N 430 
VAL N   H    sing N N 431 
VAL N   H2   sing N N 432 
VAL CA  C    sing N N 433 
VAL CA  CB   sing N N 434 
VAL CA  HA   sing N N 435 
VAL C   O    doub N N 436 
VAL C   OXT  sing N N 437 
VAL CB  CG1  sing N N 438 
VAL CB  CG2  sing N N 439 
VAL CB  HB   sing N N 440 
VAL CG1 HG11 sing N N 441 
VAL CG1 HG12 sing N N 442 
VAL CG1 HG13 sing N N 443 
VAL CG2 HG21 sing N N 444 
VAL CG2 HG22 sing N N 445 
VAL CG2 HG23 sing N N 446 
VAL OXT HXT  sing N N 447 
# 
loop_
_pdbx_entity_nonpoly.entity_id 
_pdbx_entity_nonpoly.name 
_pdbx_entity_nonpoly.comp_id 
2 'CHOLIC ACID' CHD 
3 water         HOH 
# 
_pdbx_initial_refinement_model.id               1 
_pdbx_initial_refinement_model.entity_id_list   ? 
_pdbx_initial_refinement_model.type             'experimental model' 
_pdbx_initial_refinement_model.source_name      PDB 
_pdbx_initial_refinement_model.accession_code   2QCO 
_pdbx_initial_refinement_model.details          'pdb entry 2QCO' 
# 
